data_2NPZ
# 
_entry.id   2NPZ 
# 
_audit_conform.dict_name       mmcif_pdbx.dic 
_audit_conform.dict_version    5.389 
_audit_conform.dict_location   http://mmcif.pdb.org/dictionaries/ascii/mmcif_pdbx.dic 
# 
loop_
_database_2.database_id 
_database_2.database_code 
_database_2.pdbx_database_accession 
_database_2.pdbx_DOI 
PDB   2NPZ         pdb_00002npz 10.2210/pdb2npz/pdb 
NDB   UR0107       ?            ?                   
RCSB  RCSB040160   ?            ?                   
WWPDB D_1000040160 ?            ?                   
# 
loop_
_pdbx_audit_revision_history.ordinal 
_pdbx_audit_revision_history.data_content_type 
_pdbx_audit_revision_history.major_revision 
_pdbx_audit_revision_history.minor_revision 
_pdbx_audit_revision_history.revision_date 
1 'Structure model' 1 0 2007-08-14 
2 'Structure model' 1 1 2011-07-13 
3 'Structure model' 1 2 2023-12-27 
4 'Structure model' 1 3 2024-04-03 
# 
_pdbx_audit_revision_details.ordinal             1 
_pdbx_audit_revision_details.revision_ordinal    1 
_pdbx_audit_revision_details.data_content_type   'Structure model' 
_pdbx_audit_revision_details.provider            repository 
_pdbx_audit_revision_details.type                'Initial release' 
_pdbx_audit_revision_details.description         ? 
_pdbx_audit_revision_details.details             ? 
# 
loop_
_pdbx_audit_revision_group.ordinal 
_pdbx_audit_revision_group.revision_ordinal 
_pdbx_audit_revision_group.data_content_type 
_pdbx_audit_revision_group.group 
1 2 'Structure model' 'Version format compliance' 
2 3 'Structure model' 'Data collection'           
3 3 'Structure model' 'Database references'       
4 3 'Structure model' 'Derived calculations'      
5 4 'Structure model' 'Refinement description'    
# 
loop_
_pdbx_audit_revision_category.ordinal 
_pdbx_audit_revision_category.revision_ordinal 
_pdbx_audit_revision_category.data_content_type 
_pdbx_audit_revision_category.category 
1 3 'Structure model' chem_comp_atom                
2 3 'Structure model' chem_comp_bond                
3 3 'Structure model' database_2                    
4 3 'Structure model' struct_conn                   
5 3 'Structure model' struct_site                   
6 4 'Structure model' pdbx_initial_refinement_model 
# 
loop_
_pdbx_audit_revision_item.ordinal 
_pdbx_audit_revision_item.revision_ordinal 
_pdbx_audit_revision_item.data_content_type 
_pdbx_audit_revision_item.item 
1  3 'Structure model' '_database_2.pdbx_DOI'                
2  3 'Structure model' '_database_2.pdbx_database_accession' 
3  3 'Structure model' '_struct_conn.pdbx_dist_value'        
4  3 'Structure model' '_struct_conn.pdbx_leaving_atom_flag' 
5  3 'Structure model' '_struct_conn.ptnr1_auth_asym_id'     
6  3 'Structure model' '_struct_conn.ptnr1_auth_comp_id'     
7  3 'Structure model' '_struct_conn.ptnr1_auth_seq_id'      
8  3 'Structure model' '_struct_conn.ptnr1_label_asym_id'    
9  3 'Structure model' '_struct_conn.ptnr1_label_atom_id'    
10 3 'Structure model' '_struct_conn.ptnr1_label_comp_id'    
11 3 'Structure model' '_struct_conn.ptnr1_label_seq_id'     
12 3 'Structure model' '_struct_conn.ptnr2_auth_asym_id'     
13 3 'Structure model' '_struct_conn.ptnr2_auth_comp_id'     
14 3 'Structure model' '_struct_conn.ptnr2_auth_seq_id'      
15 3 'Structure model' '_struct_conn.ptnr2_label_asym_id'    
16 3 'Structure model' '_struct_conn.ptnr2_label_atom_id'    
17 3 'Structure model' '_struct_conn.ptnr2_label_comp_id'    
18 3 'Structure model' '_struct_conn.ptnr2_label_seq_id'     
19 3 'Structure model' '_struct_site.pdbx_auth_asym_id'      
20 3 'Structure model' '_struct_site.pdbx_auth_comp_id'      
21 3 'Structure model' '_struct_site.pdbx_auth_seq_id'       
# 
_pdbx_database_status.status_code                     REL 
_pdbx_database_status.entry_id                        2NPZ 
_pdbx_database_status.recvd_initial_deposition_date   2006-10-30 
_pdbx_database_status.deposit_site                    RCSB 
_pdbx_database_status.process_site                    RCSB 
_pdbx_database_status.status_code_sf                  REL 
_pdbx_database_status.status_code_mr                  ? 
_pdbx_database_status.SG_entry                        ? 
_pdbx_database_status.pdb_format_compatible           Y 
_pdbx_database_status.status_code_cs                  ? 
_pdbx_database_status.status_code_nmr_data            ? 
_pdbx_database_status.methods_development_category    ? 
# 
loop_
_pdbx_database_related.db_name 
_pdbx_database_related.db_id 
_pdbx_database_related.details 
_pdbx_database_related.content_type 
PDB 1ZFR '2.05 Angstrom crystal structure of junctionless hairpin ribozyme'                                                   
unspecified 
PDB 2NPY 
;Crystal structure of junctioned hairpin ribozyme incorporating 9 atom linker at A14 and 2'-deoxy 2'-amino U at A-1
;
unspecified 
# 
loop_
_audit_author.name 
_audit_author.pdbx_ordinal 
'MacElrevey, C.' 1 
'Krucinska, J.'  2 
'Wedekind, J.E.' 3 
# 
_citation.id                        primary 
_citation.title                     
'A posteriori design of crystal contacts to improve the X-ray diffraction properties of a small RNA enzyme.' 
_citation.journal_abbrev            'Acta Crystallogr.,Sect.D' 
_citation.journal_volume            63 
_citation.page_first                812 
_citation.page_last                 825 
_citation.year                      2007 
_citation.journal_id_ASTM           ABCRE6 
_citation.country                   DK 
_citation.journal_id_ISSN           0907-4449 
_citation.journal_id_CSD            0766 
_citation.book_publisher            ? 
_citation.pdbx_database_id_PubMed   17582172 
_citation.pdbx_database_id_DOI      10.1107/S090744490702464X 
# 
loop_
_citation_author.citation_id 
_citation_author.name 
_citation_author.ordinal 
_citation_author.identifier_ORCID 
primary 'MacElrevey, C.' 1 ? 
primary 'Spitale, R.C.'  2 ? 
primary 'Krucinska, J.'  3 ? 
primary 'Wedekind, J.E.' 4 ? 
# 
loop_
_entity.id 
_entity.type 
_entity.src_method 
_entity.pdbx_description 
_entity.formula_weight 
_entity.pdbx_number_of_molecules 
_entity.pdbx_ec 
_entity.pdbx_mutation 
_entity.pdbx_fragment 
_entity.details 
1 polymer     syn "5'-R(*UP*CP*CP*CP*AP*GP*UP*CP*CP*AP*CP*CP*G)-3'"                   4052.470 1 ? ?    ?               
'RIBOZYME SUBSTRATE STRAND'      
2 polymer     syn "5'-R(*CP*GP*GP*UP*GP*AP*GP*AP*AP*GP*GP*G)-3'"                      3970.448 1 ? ?    ?               
'RIBOZYME DOMAIN LINKING STRAND' 
3 polymer     syn "5'-R(*GP*GP*CP*AP*GP*AP*GP*AP*AP*AP*CP*AP*CP*AP*CP*GP*A)-3'"       5535.445 1 ? U39C 'S-TURN STRAND' 
'RIBOZYME DOMAIN LINKING STRAND' 
4 polymer     syn "5'-R(*UP*CP*GP*UP*GP*GP*UP*AP*CP*AP*UP*UP*AP*CP*CP*UP*GP*CP*C)-3'" 5991.568 1 ? ?    ?               
'RIBOZYME S-TURN STRAND'         
5 non-polymer syn 'PHOSPHORIC ACID MONO-(3-HYDROXY-PROPYL) ESTER'                     156.074  1 ? ?    ?               ? 
6 non-polymer syn 'COBALT HEXAMMINE(III)'                                             161.116  1 ? ?    ?               ? 
7 water       nat water                                                               18.015   3 ? ?    ?               ? 
# 
loop_
_entity_poly.entity_id 
_entity_poly.type 
_entity_poly.nstd_linkage 
_entity_poly.nstd_monomer 
_entity_poly.pdbx_seq_one_letter_code 
_entity_poly.pdbx_seq_one_letter_code_can 
_entity_poly.pdbx_strand_id 
_entity_poly.pdbx_target_identifier 
1 polyribonucleotide no no UCCCAGUCCACCG       UCCCAGUCCACCG       A ? 
2 polyribonucleotide no no CGGUGAGAAGGG        CGGUGAGAAGGG        B ? 
3 polyribonucleotide no no GGCAGAGAAACACACGA   GGCAGAGAAACACACGA   C ? 
4 polyribonucleotide no no UCGUGGUACAUUACCUGCC UCGUGGUACAUUACCUGCC D ? 
# 
loop_
_pdbx_entity_nonpoly.entity_id 
_pdbx_entity_nonpoly.name 
_pdbx_entity_nonpoly.comp_id 
5 'PHOSPHORIC ACID MONO-(3-HYDROXY-PROPYL) ESTER' PDI 
6 'COBALT HEXAMMINE(III)'                         NCO 
7 water                                           HOH 
# 
loop_
_entity_poly_seq.entity_id 
_entity_poly_seq.num 
_entity_poly_seq.mon_id 
_entity_poly_seq.hetero 
1 1  U n 
1 2  C n 
1 3  C n 
1 4  C n 
1 5  A n 
1 6  G n 
1 7  U n 
1 8  C n 
1 9  C n 
1 10 A n 
1 11 C n 
1 12 C n 
1 13 G n 
2 1  C n 
2 2  G n 
2 3  G n 
2 4  U n 
2 5  G n 
2 6  A n 
2 7  G n 
2 8  A n 
2 9  A n 
2 10 G n 
2 11 G n 
2 12 G n 
3 1  G n 
3 2  G n 
3 3  C n 
3 4  A n 
3 5  G n 
3 6  A n 
3 7  G n 
3 8  A n 
3 9  A n 
3 10 A n 
3 11 C n 
3 12 A n 
3 13 C n 
3 14 A n 
3 15 C n 
3 16 G n 
3 17 A n 
4 1  U n 
4 2  C n 
4 3  G n 
4 4  U n 
4 5  G n 
4 6  G n 
4 7  U n 
4 8  A n 
4 9  C n 
4 10 A n 
4 11 U n 
4 12 U n 
4 13 A n 
4 14 C n 
4 15 C n 
4 16 U n 
4 17 G n 
4 18 C n 
4 19 C n 
# 
loop_
_pdbx_entity_src_syn.entity_id 
_pdbx_entity_src_syn.pdbx_src_id 
_pdbx_entity_src_syn.pdbx_alt_source_flag 
_pdbx_entity_src_syn.pdbx_beg_seq_num 
_pdbx_entity_src_syn.pdbx_end_seq_num 
_pdbx_entity_src_syn.organism_scientific 
_pdbx_entity_src_syn.organism_common_name 
_pdbx_entity_src_syn.ncbi_taxonomy_id 
_pdbx_entity_src_syn.details 
1 1 sample ? ? ? ? ? 'Chemically synthesized, occurs naturally in satellite RNA tobacco ringspot virus' 
2 1 sample ? ? ? ? ? 'Chemically synthesized, occurs naturally in satellite RNA tobacco ringspot virus' 
3 1 sample ? ? ? ? ? 'Chemically synthesized, occurs naturally in satellite RNA tobacco ringspot virus' 
4 1 sample ? ? ? ? ? 'Chemically synthesized, occurs naturally in satellite RNA tobacco ringspot virus' 
# 
loop_
_chem_comp.id 
_chem_comp.type 
_chem_comp.mon_nstd_flag 
_chem_comp.name 
_chem_comp.pdbx_synonyms 
_chem_comp.formula 
_chem_comp.formula_weight 
A   'RNA linking' y "ADENOSINE-5'-MONOPHOSPHATE"                    ? 'C10 H14 N5 O7 P' 347.221 
C   'RNA linking' y "CYTIDINE-5'-MONOPHOSPHATE"                     ? 'C9 H14 N3 O8 P'  323.197 
G   'RNA linking' y "GUANOSINE-5'-MONOPHOSPHATE"                    ? 'C10 H14 N5 O8 P' 363.221 
HOH non-polymer   . WATER                                           ? 'H2 O'            18.015  
NCO non-polymer   . 'COBALT HEXAMMINE(III)'                         ? 'Co H18 N6 3'     161.116 
PDI non-polymer   . 'PHOSPHORIC ACID MONO-(3-HYDROXY-PROPYL) ESTER' ? 'C3 H9 O5 P'      156.074 
U   'RNA linking' y "URIDINE-5'-MONOPHOSPHATE"                      ? 'C9 H13 N2 O9 P'  324.181 
# 
loop_
_pdbx_poly_seq_scheme.asym_id 
_pdbx_poly_seq_scheme.entity_id 
_pdbx_poly_seq_scheme.seq_id 
_pdbx_poly_seq_scheme.mon_id 
_pdbx_poly_seq_scheme.ndb_seq_num 
_pdbx_poly_seq_scheme.pdb_seq_num 
_pdbx_poly_seq_scheme.auth_seq_num 
_pdbx_poly_seq_scheme.pdb_mon_id 
_pdbx_poly_seq_scheme.auth_mon_id 
_pdbx_poly_seq_scheme.pdb_strand_id 
_pdbx_poly_seq_scheme.pdb_ins_code 
_pdbx_poly_seq_scheme.hetero 
A 1 1  U 1  1  1  U U A . n 
A 1 2  C 2  2  2  C C A . n 
A 1 3  C 3  3  3  C C A . n 
A 1 4  C 4  4  4  C C A . n 
A 1 5  A 5  5  5  A A A . n 
A 1 6  G 6  6  6  G G A . n 
A 1 7  U 7  7  7  U U A . n 
A 1 8  C 8  8  8  C C A . n 
A 1 9  C 9  9  9  C C A . n 
A 1 10 A 10 10 10 A A A . n 
A 1 11 C 11 11 11 C C A . n 
A 1 12 C 12 12 12 C C A . n 
A 1 13 G 13 13 13 G G A . n 
B 2 1  C 1  2  2  C C B . n 
B 2 2  G 2  3  3  G G B . n 
B 2 3  G 3  4  4  G G B . n 
B 2 4  U 4  5  5  U U B . n 
B 2 5  G 5  6  6  G G B . n 
B 2 6  A 6  7  7  A A B . n 
B 2 7  G 7  8  8  G G B . n 
B 2 8  A 8  9  9  A A B . n 
B 2 9  A 9  10 10 A A B . n 
B 2 10 G 10 11 11 G G B . n 
B 2 11 G 11 12 12 G G B . n 
B 2 12 G 12 13 13 G G B . n 
C 3 1  G 1  15 15 G G C . n 
C 3 2  G 2  16 16 G G C . n 
C 3 3  C 3  17 17 C C C . n 
C 3 4  A 4  18 18 A A C . n 
C 3 5  G 5  19 19 G G C . n 
C 3 6  A 6  20 20 A A C . n 
C 3 7  G 7  21 21 G G C . n 
C 3 8  A 8  22 22 A A C . n 
C 3 9  A 9  23 23 A A C . n 
C 3 10 A 10 24 24 A A C . n 
C 3 11 C 11 25 25 C C C . n 
C 3 12 A 12 26 26 A A C . n 
C 3 13 C 13 27 27 C C C . n 
C 3 14 A 14 28 28 A A C . n 
C 3 15 C 15 29 29 C C C . n 
C 3 16 G 16 30 30 G G C . n 
C 3 17 A 17 31 31 A A C . n 
D 4 1  U 1  31 31 U U D . n 
D 4 2  C 2  32 32 C C D . n 
D 4 3  G 3  33 33 G G D . n 
D 4 4  U 4  34 34 U U D . n 
D 4 5  G 5  35 35 G G D . n 
D 4 6  G 6  36 36 G G D . n 
D 4 7  U 7  37 37 U U D . n 
D 4 8  A 8  38 38 A A D . n 
D 4 9  C 9  39 39 C C D . n 
D 4 10 A 10 40 40 A A D . n 
D 4 11 U 11 41 41 U U D . n 
D 4 12 U 12 42 42 U U D . n 
D 4 13 A 13 43 43 A A D . n 
D 4 14 C 14 44 44 C C D . n 
D 4 15 C 15 45 45 C C D . n 
D 4 16 U 16 46 46 U U D . n 
D 4 17 G 17 47 47 G G D . n 
D 4 18 C 18 48 48 C C D . n 
D 4 19 C 19 49 49 C C D . n 
# 
loop_
_pdbx_nonpoly_scheme.asym_id 
_pdbx_nonpoly_scheme.entity_id 
_pdbx_nonpoly_scheme.mon_id 
_pdbx_nonpoly_scheme.ndb_seq_num 
_pdbx_nonpoly_scheme.pdb_seq_num 
_pdbx_nonpoly_scheme.auth_seq_num 
_pdbx_nonpoly_scheme.pdb_mon_id 
_pdbx_nonpoly_scheme.auth_mon_id 
_pdbx_nonpoly_scheme.pdb_strand_id 
_pdbx_nonpoly_scheme.pdb_ins_code 
E 5 PDI 1 14 14 PDI C3P B . 
F 6 NCO 1 4  4  NCO NCO C . 
G 7 HOH 1 1  1  HOH HOH B . 
H 7 HOH 1 2  2  HOH HOH C . 
I 7 HOH 1 3  3  HOH HOH D . 
# 
_pdbx_unobs_or_zero_occ_atoms.id               1 
_pdbx_unobs_or_zero_occ_atoms.PDB_model_num    1 
_pdbx_unobs_or_zero_occ_atoms.polymer_flag     Y 
_pdbx_unobs_or_zero_occ_atoms.occupancy_flag   1 
_pdbx_unobs_or_zero_occ_atoms.auth_asym_id     A 
_pdbx_unobs_or_zero_occ_atoms.auth_comp_id     A 
_pdbx_unobs_or_zero_occ_atoms.auth_seq_id      5 
_pdbx_unobs_or_zero_occ_atoms.PDB_ins_code     ? 
_pdbx_unobs_or_zero_occ_atoms.auth_atom_id     "O2'" 
_pdbx_unobs_or_zero_occ_atoms.label_alt_id     ? 
_pdbx_unobs_or_zero_occ_atoms.label_asym_id    A 
_pdbx_unobs_or_zero_occ_atoms.label_comp_id    A 
_pdbx_unobs_or_zero_occ_atoms.label_seq_id     5 
_pdbx_unobs_or_zero_occ_atoms.label_atom_id    "O2'" 
# 
loop_
_software.name 
_software.classification 
_software.version 
_software.citation_id 
_software.pdbx_ordinal 
CNS          refinement        1.1 ? 1 
CrystalClear 'data collection' .   ? 2 
CrystalClear 'data reduction'  .   ? 3 
CrystalClear 'data scaling'    .   ? 4 
CNS          phasing           .   ? 5 
# 
_cell.entry_id           2NPZ 
_cell.length_a           91.130 
_cell.length_b           91.130 
_cell.length_c           144.960 
_cell.angle_alpha        90.00 
_cell.angle_beta         90.00 
_cell.angle_gamma        120.00 
_cell.Z_PDB              12 
_cell.pdbx_unique_axis   ? 
_cell.length_a_esd       ? 
_cell.length_b_esd       ? 
_cell.length_c_esd       ? 
_cell.angle_alpha_esd    ? 
_cell.angle_beta_esd     ? 
_cell.angle_gamma_esd    ? 
# 
_symmetry.entry_id                         2NPZ 
_symmetry.space_group_name_H-M             'P 61 2 2' 
_symmetry.pdbx_full_space_group_name_H-M   ? 
_symmetry.cell_setting                     ? 
_symmetry.Int_Tables_number                178 
_symmetry.space_group_name_Hall            ? 
# 
_exptl.entry_id          2NPZ 
_exptl.method            'X-RAY DIFFRACTION' 
_exptl.crystals_number   1 
# 
_exptl_crystal.id                    1 
_exptl_crystal.density_meas          ? 
_exptl_crystal.density_Matthews      4.4 
_exptl_crystal.density_percent_sol   81.1 
_exptl_crystal.description           ? 
_exptl_crystal.F_000                 ? 
_exptl_crystal.preparation           ? 
# 
_exptl_crystal_grow.crystal_id      1 
_exptl_crystal_grow.method          'VAPOR DIFFUSION, HANGING DROP' 
_exptl_crystal_grow.temp            293 
_exptl_crystal_grow.temp_details    ? 
_exptl_crystal_grow.pH              6.0 
_exptl_crystal_grow.pdbx_details    
;PEG 2000 MME, lithium sulfate, cacodylate, spermidine, cobalt hexaamine, pH 6.2, VAPOR DIFFUSION, HANGING DROP, temperature 293K, pH 6.0
;
_exptl_crystal_grow.pdbx_pH_range   . 
# 
loop_
_exptl_crystal_grow_comp.crystal_id 
_exptl_crystal_grow_comp.id 
_exptl_crystal_grow_comp.sol_id 
_exptl_crystal_grow_comp.name 
_exptl_crystal_grow_comp.volume 
_exptl_crystal_grow_comp.conc 
_exptl_crystal_grow_comp.details 
1 1 1 'PEG 2000 MME'     ? ? ? 
1 2 1 'lithium sulfate'  ? ? ? 
1 3 1 cacodylate         ? ? ? 
1 4 1 spermidine         ? ? ? 
1 5 1 'cobalt hexaamine' ? ? ? 
1 6 2 'PEG 2000 MME'     ? ? ? 
1 7 2 'cobalt hexaamine' ? ? ? 
# 
_diffrn.id                     1 
_diffrn.ambient_temp           100 
_diffrn.ambient_temp_details   ? 
_diffrn.crystal_id             1 
# 
_diffrn_detector.diffrn_id              1 
_diffrn_detector.detector               'IMAGE PLATE' 
_diffrn_detector.type                   'RIGAKU RAXIS IV' 
_diffrn_detector.pdbx_collection_date   2005-05-25 
_diffrn_detector.details                'Osmic confocal blue' 
# 
_diffrn_radiation.diffrn_id                        1 
_diffrn_radiation.wavelength_id                    1 
_diffrn_radiation.pdbx_monochromatic_or_laue_m_l   M 
_diffrn_radiation.monochromator                    'Osmic confocal blue' 
_diffrn_radiation.pdbx_diffrn_protocol             'SINGLE WAVELENGTH' 
_diffrn_radiation.pdbx_scattering_type             x-ray 
# 
_diffrn_radiation_wavelength.id           1 
_diffrn_radiation_wavelength.wavelength   1.5418 
_diffrn_radiation_wavelength.wt           1.0 
# 
_diffrn_source.diffrn_id                   1 
_diffrn_source.source                      'ROTATING ANODE' 
_diffrn_source.type                        'RIGAKU RU200' 
_diffrn_source.pdbx_synchrotron_site       ? 
_diffrn_source.pdbx_synchrotron_beamline   ? 
_diffrn_source.pdbx_wavelength             ? 
_diffrn_source.pdbx_wavelength_list        1.5418 
# 
_reflns.entry_id                     2NPZ 
_reflns.observed_criterion_sigma_I   -5.0 
_reflns.observed_criterion_sigma_F   ? 
_reflns.d_resolution_low             34.66 
_reflns.d_resolution_high            3.35 
_reflns.number_obs                   5453 
_reflns.number_all                   5532 
_reflns.percent_possible_obs         98.6 
_reflns.pdbx_Rmerge_I_obs            ? 
_reflns.pdbx_Rsym_value              0.106 
_reflns.pdbx_netI_over_sigmaI        16.2 
_reflns.B_iso_Wilson_estimate        63.3 
_reflns.pdbx_redundancy              11.3 
_reflns.R_free_details               ? 
_reflns.pdbx_chi_squared             ? 
_reflns.pdbx_scaling_rejects         ? 
_reflns.pdbx_diffrn_id               1 
_reflns.pdbx_ordinal                 1 
# 
_reflns_shell.d_res_high             3.35 
_reflns_shell.d_res_low              3.47 
_reflns_shell.percent_possible_all   99.1 
_reflns_shell.Rmerge_I_obs           ? 
_reflns_shell.pdbx_Rsym_value        0.51 
_reflns_shell.meanI_over_sigI_obs    4.7 
_reflns_shell.pdbx_redundancy        12.4 
_reflns_shell.percent_possible_obs   ? 
_reflns_shell.number_unique_all      522 
_reflns_shell.number_measured_all    ? 
_reflns_shell.number_measured_obs    ? 
_reflns_shell.number_unique_obs      ? 
_reflns_shell.pdbx_chi_squared       ? 
_reflns_shell.pdbx_diffrn_id         ? 
_reflns_shell.pdbx_ordinal           1 
# 
_refine.entry_id                                 2NPZ 
_refine.ls_number_reflns_obs                     5450 
_refine.ls_number_reflns_all                     5532 
_refine.pdbx_ls_sigma_I                          ? 
_refine.pdbx_ls_sigma_F                          -3.0 
_refine.pdbx_data_cutoff_high_absF               9836511.61 
_refine.pdbx_data_cutoff_low_absF                0.000000 
_refine.pdbx_data_cutoff_high_rms_absF           ? 
_refine.ls_d_res_low                             34.66 
_refine.ls_d_res_high                            3.35 
_refine.ls_percent_reflns_obs                    98.5 
_refine.ls_R_factor_obs                          0.268 
_refine.ls_R_factor_all                          ? 
_refine.ls_R_factor_R_work                       0.261 
_refine.ls_R_factor_R_free                       0.277 
_refine.ls_R_factor_R_free_error                 0.012 
_refine.ls_R_factor_R_free_error_details         ? 
_refine.ls_percent_reflns_R_free                 10.5 
_refine.ls_number_reflns_R_free                  570 
_refine.ls_number_parameters                     ? 
_refine.ls_number_restraints                     ? 
_refine.occupancy_min                            ? 
_refine.occupancy_max                            ? 
_refine.correlation_coeff_Fo_to_Fc               ? 
_refine.correlation_coeff_Fo_to_Fc_free          ? 
_refine.B_iso_mean                               94.3 
_refine.aniso_B[1][1]                            -1.68 
_refine.aniso_B[2][2]                            -1.68 
_refine.aniso_B[3][3]                            3.37 
_refine.aniso_B[1][2]                            -19.21 
_refine.aniso_B[1][3]                            0.00 
_refine.aniso_B[2][3]                            0.00 
_refine.solvent_model_details                    'FLAT MODEL' 
_refine.solvent_model_param_ksol                 0.3 
_refine.solvent_model_param_bsol                 800 
_refine.pdbx_solvent_vdw_probe_radii             ? 
_refine.pdbx_solvent_ion_probe_radii             ? 
_refine.pdbx_solvent_shrinkage_radii             ? 
_refine.pdbx_ls_cross_valid_method               THROUGHOUT 
_refine.details                                  ? 
_refine.pdbx_starting_model                      '2.05 angstrom junctionless ribozyme' 
_refine.pdbx_method_to_determine_struct          'FOURIER SYNTHESIS' 
_refine.pdbx_isotropic_thermal_model             RESTRAINED 
_refine.pdbx_stereochemistry_target_values       'Engh & Huber' 
_refine.pdbx_stereochem_target_val_spec_case     ? 
_refine.pdbx_R_Free_selection_details            RANDOM 
_refine.pdbx_overall_ESU_R                       ? 
_refine.pdbx_overall_ESU_R_Free                  ? 
_refine.overall_SU_ML                            ? 
_refine.overall_SU_B                             ? 
_refine.ls_redundancy_reflns_obs                 ? 
_refine.overall_SU_R_Cruickshank_DPI             ? 
_refine.overall_SU_R_free                        ? 
_refine.ls_wR_factor_R_free                      ? 
_refine.ls_wR_factor_R_work                      ? 
_refine.overall_FOM_free_R_set                   ? 
_refine.overall_FOM_work_R_set                   ? 
_refine.pdbx_overall_phase_error                 ? 
_refine.pdbx_refine_id                           'X-RAY DIFFRACTION' 
_refine.pdbx_diffrn_id                           1 
_refine.pdbx_TLS_residual_ADP_flag               ? 
_refine.pdbx_overall_SU_R_free_Cruickshank_DPI   ? 
_refine.pdbx_overall_SU_R_Blow_DPI               ? 
_refine.pdbx_overall_SU_R_free_Blow_DPI          ? 
# 
_refine_analyze.entry_id                        2NPZ 
_refine_analyze.Luzzati_coordinate_error_obs    0.53 
_refine_analyze.Luzzati_sigma_a_obs             0.48 
_refine_analyze.Luzzati_d_res_low_obs           34.74 
_refine_analyze.Luzzati_coordinate_error_free   0.61 
_refine_analyze.Luzzati_sigma_a_free            0.67 
_refine_analyze.Luzzati_d_res_low_free          ? 
_refine_analyze.number_disordered_residues      ? 
_refine_analyze.occupancy_sum_hydrogen          ? 
_refine_analyze.occupancy_sum_non_hydrogen      ? 
_refine_analyze.pdbx_refine_id                  'X-RAY DIFFRACTION' 
# 
_refine_hist.pdbx_refine_id                   'X-RAY DIFFRACTION' 
_refine_hist.cycle_id                         LAST 
_refine_hist.pdbx_number_atoms_protein        0 
_refine_hist.pdbx_number_atoms_nucleic_acid   1313 
_refine_hist.pdbx_number_atoms_ligand         15 
_refine_hist.number_atoms_solvent             3 
_refine_hist.number_atoms_total               1331 
_refine_hist.d_res_high                       3.35 
_refine_hist.d_res_low                        34.66 
# 
loop_
_refine_ls_restr.type 
_refine_ls_restr.dev_ideal 
_refine_ls_restr.dev_ideal_target 
_refine_ls_restr.weight 
_refine_ls_restr.number 
_refine_ls_restr.pdbx_refine_id 
_refine_ls_restr.pdbx_restraint_function 
c_bond_d                0.008 ? ? ? 'X-RAY DIFFRACTION' ? 
c_bond_d_na             ?     ? ? ? 'X-RAY DIFFRACTION' ? 
c_bond_d_prot           ?     ? ? ? 'X-RAY DIFFRACTION' ? 
c_angle_d               ?     ? ? ? 'X-RAY DIFFRACTION' ? 
c_angle_d_na            ?     ? ? ? 'X-RAY DIFFRACTION' ? 
c_angle_d_prot          ?     ? ? ? 'X-RAY DIFFRACTION' ? 
c_angle_deg             1.4   ? ? ? 'X-RAY DIFFRACTION' ? 
c_angle_deg_na          ?     ? ? ? 'X-RAY DIFFRACTION' ? 
c_angle_deg_prot        ?     ? ? ? 'X-RAY DIFFRACTION' ? 
c_dihedral_angle_d      17.1  ? ? ? 'X-RAY DIFFRACTION' ? 
c_dihedral_angle_d_na   ?     ? ? ? 'X-RAY DIFFRACTION' ? 
c_dihedral_angle_d_prot ?     ? ? ? 'X-RAY DIFFRACTION' ? 
c_improper_angle_d      1.70  ? ? ? 'X-RAY DIFFRACTION' ? 
c_improper_angle_d_na   ?     ? ? ? 'X-RAY DIFFRACTION' ? 
c_improper_angle_d_prot ?     ? ? ? 'X-RAY DIFFRACTION' ? 
c_mcbond_it             ?     ? ? ? 'X-RAY DIFFRACTION' ? 
c_mcangle_it            ?     ? ? ? 'X-RAY DIFFRACTION' ? 
c_scbond_it             ?     ? ? ? 'X-RAY DIFFRACTION' ? 
c_scangle_it            ?     ? ? ? 'X-RAY DIFFRACTION' ? 
# 
_refine_ls_shell.pdbx_total_number_of_bins_used   4 
_refine_ls_shell.d_res_high                       3.35 
_refine_ls_shell.d_res_low                        3.69 
_refine_ls_shell.number_reflns_R_work             1167 
_refine_ls_shell.R_factor_R_work                  0.334 
_refine_ls_shell.percent_reflns_obs               99.5 
_refine_ls_shell.R_factor_R_free                  0.345 
_refine_ls_shell.R_factor_R_free_error            0.028 
_refine_ls_shell.percent_reflns_R_free            11.2 
_refine_ls_shell.number_reflns_R_free             147 
_refine_ls_shell.number_reflns_all                ? 
_refine_ls_shell.R_factor_all                     ? 
_refine_ls_shell.number_reflns_obs                1167 
_refine_ls_shell.redundancy_reflns_obs            ? 
_refine_ls_shell.pdbx_refine_id                   'X-RAY DIFFRACTION' 
# 
loop_
_pdbx_xplor_file.serial_no 
_pdbx_xplor_file.param_file 
_pdbx_xplor_file.topol_file 
_pdbx_xplor_file.pdbx_refine_id 
1 water_rep.param        dna-rnas9.top         'X-RAY DIFFRACTION' 
2 dna-rnacm_rep.param    water.top             'X-RAY DIFFRACTION' 
3 cobalt.par             cobalt.top            'X-RAY DIFFRACTION' 
4 &_1_PARAMETER_INFILE_4 &_1_TOPOLOGY_INFILE_4 'X-RAY DIFFRACTION' 
# 
_struct.entry_id                  2NPZ 
_struct.title                     'Crystal structure of junctioned hairpin ribozyme incorporating synthetic propyl linker' 
_struct.pdbx_model_details        ? 
_struct.pdbx_CASP_flag            ? 
_struct.pdbx_model_type_details   ? 
# 
_struct_keywords.entry_id        2NPZ 
_struct_keywords.pdbx_keywords   RNA 
_struct_keywords.text            'RNA, RIBOZYME, HAIRPIN, E LOOP, S TURN, PROPYL' 
# 
loop_
_struct_asym.id 
_struct_asym.pdbx_blank_PDB_chainid_flag 
_struct_asym.pdbx_modified 
_struct_asym.entity_id 
_struct_asym.details 
A N N 1 ? 
B N N 2 ? 
C N N 3 ? 
D N N 4 ? 
E N N 5 ? 
F N N 6 ? 
G N N 7 ? 
H N N 7 ? 
I N N 7 ? 
# 
loop_
_struct_ref.id 
_struct_ref.entity_id 
_struct_ref.db_name 
_struct_ref.db_code 
_struct_ref.pdbx_db_accession 
_struct_ref.pdbx_db_isoform 
_struct_ref.pdbx_seq_one_letter_code 
_struct_ref.pdbx_align_begin 
1 1 PDB 2NPZ 2NPZ ? ? ? 
2 2 PDB 2NPZ 2NPZ ? ? ? 
3 3 PDB 2NPZ 2NPZ ? ? ? 
4 4 PDB 2NPZ 2NPZ ? ? ? 
# 
loop_
_struct_ref_seq.align_id 
_struct_ref_seq.ref_id 
_struct_ref_seq.pdbx_PDB_id_code 
_struct_ref_seq.pdbx_strand_id 
_struct_ref_seq.seq_align_beg 
_struct_ref_seq.pdbx_seq_align_beg_ins_code 
_struct_ref_seq.seq_align_end 
_struct_ref_seq.pdbx_seq_align_end_ins_code 
_struct_ref_seq.pdbx_db_accession 
_struct_ref_seq.db_align_beg 
_struct_ref_seq.pdbx_db_align_beg_ins_code 
_struct_ref_seq.db_align_end 
_struct_ref_seq.pdbx_db_align_end_ins_code 
_struct_ref_seq.pdbx_auth_seq_align_beg 
_struct_ref_seq.pdbx_auth_seq_align_end 
1 1 2NPZ A 1 ? 13 ? 2NPZ 1  ? 13 ? 1  13 
2 2 2NPZ B 1 ? 12 ? 2NPZ 2  ? 13 ? 2  13 
3 3 2NPZ C 1 ? 17 ? 2NPZ 15 ? 31 ? 15 31 
4 4 2NPZ D 1 ? 19 ? 2NPZ 31 ? 49 ? 31 49 
# 
_pdbx_struct_assembly.id                   1 
_pdbx_struct_assembly.details              author_defined_assembly 
_pdbx_struct_assembly.method_details       ? 
_pdbx_struct_assembly.oligomeric_details   tetrameric 
_pdbx_struct_assembly.oligomeric_count     4 
# 
_pdbx_struct_assembly_gen.assembly_id       1 
_pdbx_struct_assembly_gen.oper_expression   1 
_pdbx_struct_assembly_gen.asym_id_list      A,B,C,D,E,F,G,H,I 
# 
_pdbx_struct_oper_list.id                   1 
_pdbx_struct_oper_list.type                 'identity operation' 
_pdbx_struct_oper_list.name                 1_555 
_pdbx_struct_oper_list.symmetry_operation   x,y,z 
_pdbx_struct_oper_list.matrix[1][1]         1.0000000000 
_pdbx_struct_oper_list.matrix[1][2]         0.0000000000 
_pdbx_struct_oper_list.matrix[1][3]         0.0000000000 
_pdbx_struct_oper_list.vector[1]            0.0000000000 
_pdbx_struct_oper_list.matrix[2][1]         0.0000000000 
_pdbx_struct_oper_list.matrix[2][2]         1.0000000000 
_pdbx_struct_oper_list.matrix[2][3]         0.0000000000 
_pdbx_struct_oper_list.vector[2]            0.0000000000 
_pdbx_struct_oper_list.matrix[3][1]         0.0000000000 
_pdbx_struct_oper_list.matrix[3][2]         0.0000000000 
_pdbx_struct_oper_list.matrix[3][3]         1.0000000000 
_pdbx_struct_oper_list.vector[3]            0.0000000000 
# 
_struct_biol.id        1 
_struct_biol.details   ? 
# 
loop_
_struct_conn.id 
_struct_conn.conn_type_id 
_struct_conn.pdbx_leaving_atom_flag 
_struct_conn.pdbx_PDB_id 
_struct_conn.ptnr1_label_asym_id 
_struct_conn.ptnr1_label_comp_id 
_struct_conn.ptnr1_label_seq_id 
_struct_conn.ptnr1_label_atom_id 
_struct_conn.pdbx_ptnr1_label_alt_id 
_struct_conn.pdbx_ptnr1_PDB_ins_code 
_struct_conn.pdbx_ptnr1_standard_comp_id 
_struct_conn.ptnr1_symmetry 
_struct_conn.ptnr2_label_asym_id 
_struct_conn.ptnr2_label_comp_id 
_struct_conn.ptnr2_label_seq_id 
_struct_conn.ptnr2_label_atom_id 
_struct_conn.pdbx_ptnr2_label_alt_id 
_struct_conn.pdbx_ptnr2_PDB_ins_code 
_struct_conn.ptnr1_auth_asym_id 
_struct_conn.ptnr1_auth_comp_id 
_struct_conn.ptnr1_auth_seq_id 
_struct_conn.ptnr2_auth_asym_id 
_struct_conn.ptnr2_auth_comp_id 
_struct_conn.ptnr2_auth_seq_id 
_struct_conn.ptnr2_symmetry 
_struct_conn.pdbx_ptnr3_label_atom_id 
_struct_conn.pdbx_ptnr3_label_seq_id 
_struct_conn.pdbx_ptnr3_label_comp_id 
_struct_conn.pdbx_ptnr3_label_asym_id 
_struct_conn.pdbx_ptnr3_label_alt_id 
_struct_conn.pdbx_ptnr3_PDB_ins_code 
_struct_conn.details 
_struct_conn.pdbx_dist_value 
_struct_conn.pdbx_value_order 
_struct_conn.pdbx_role 
covale1  covale one ? B G   12 "O3'" ? ? ? 1_555 E PDI .  P  ? ? B G   13 B PDI 14 1_555 ? ? ? ? ? ? ?             1.591 ? ? 
covale2  covale one ? E PDI .  OG    ? ? ? 1_555 C G   1  P  ? ? B PDI 14 C G   15 1_555 ? ? ? ? ? ? ?             1.601 ? ? 
hydrog1  hydrog ?   ? A C   2  N3    ? ? ? 1_555 B G   12 N1 ? ? A C   2  B G   13 1_555 ? ? ? ? ? ? WATSON-CRICK  ?     ? ? 
hydrog2  hydrog ?   ? A C   2  N4    ? ? ? 1_555 B G   12 O6 ? ? A C   2  B G   13 1_555 ? ? ? ? ? ? WATSON-CRICK  ?     ? ? 
hydrog3  hydrog ?   ? A C   2  O2    ? ? ? 1_555 B G   12 N2 ? ? A C   2  B G   13 1_555 ? ? ? ? ? ? WATSON-CRICK  ?     ? ? 
hydrog4  hydrog ?   ? A C   3  N3    ? ? ? 1_555 B G   11 N1 ? ? A C   3  B G   12 1_555 ? ? ? ? ? ? WATSON-CRICK  ?     ? ? 
hydrog5  hydrog ?   ? A C   3  N4    ? ? ? 1_555 B G   11 O6 ? ? A C   3  B G   12 1_555 ? ? ? ? ? ? WATSON-CRICK  ?     ? ? 
hydrog6  hydrog ?   ? A C   3  O2    ? ? ? 1_555 B G   11 N2 ? ? A C   3  B G   12 1_555 ? ? ? ? ? ? WATSON-CRICK  ?     ? ? 
hydrog7  hydrog ?   ? A C   4  N3    ? ? ? 1_555 B G   10 N1 ? ? A C   4  B G   11 1_555 ? ? ? ? ? ? WATSON-CRICK  ?     ? ? 
hydrog8  hydrog ?   ? A C   4  N4    ? ? ? 1_555 B G   10 O6 ? ? A C   4  B G   11 1_555 ? ? ? ? ? ? WATSON-CRICK  ?     ? ? 
hydrog9  hydrog ?   ? A C   4  O2    ? ? ? 1_555 B G   10 N2 ? ? A C   4  B G   11 1_555 ? ? ? ? ? ? WATSON-CRICK  ?     ? ? 
hydrog10 hydrog ?   ? A G   6  N1    ? ? ? 1_555 C C   11 N3 ? ? A G   6  C C   25 1_555 ? ? ? ? ? ? 'G-C PAIR'    ?     ? ? 
hydrog11 hydrog ?   ? A A   10 N1    ? ? ? 1_555 B U   4  N3 ? ? A A   10 B U   5  1_555 ? ? ? ? ? ? WATSON-CRICK  ?     ? ? 
hydrog12 hydrog ?   ? A A   10 N6    ? ? ? 1_555 B U   4  O4 ? ? A A   10 B U   5  1_555 ? ? ? ? ? ? WATSON-CRICK  ?     ? ? 
hydrog13 hydrog ?   ? A C   11 N3    ? ? ? 1_555 B G   3  N1 ? ? A C   11 B G   4  1_555 ? ? ? ? ? ? WATSON-CRICK  ?     ? ? 
hydrog14 hydrog ?   ? A C   11 N4    ? ? ? 1_555 B G   3  O6 ? ? A C   11 B G   4  1_555 ? ? ? ? ? ? WATSON-CRICK  ?     ? ? 
hydrog15 hydrog ?   ? A C   11 O2    ? ? ? 1_555 B G   3  N2 ? ? A C   11 B G   4  1_555 ? ? ? ? ? ? WATSON-CRICK  ?     ? ? 
hydrog16 hydrog ?   ? A C   12 N3    ? ? ? 1_555 B G   2  N1 ? ? A C   12 B G   3  1_555 ? ? ? ? ? ? WATSON-CRICK  ?     ? ? 
hydrog17 hydrog ?   ? A C   12 N4    ? ? ? 1_555 B G   2  O6 ? ? A C   12 B G   3  1_555 ? ? ? ? ? ? WATSON-CRICK  ?     ? ? 
hydrog18 hydrog ?   ? A C   12 O2    ? ? ? 1_555 B G   2  N2 ? ? A C   12 B G   3  1_555 ? ? ? ? ? ? WATSON-CRICK  ?     ? ? 
hydrog19 hydrog ?   ? A G   13 N1    ? ? ? 1_555 B C   1  N3 ? ? A G   13 B C   2  1_555 ? ? ? ? ? ? 'G-C PAIR'    ?     ? ? 
hydrog20 hydrog ?   ? C G   1  N1    ? ? ? 1_555 D C   19 O2 ? ? C G   15 D C   49 1_555 ? ? ? ? ? ? 'G-C PAIR'    ?     ? ? 
hydrog21 hydrog ?   ? C G   2  N1    ? ? ? 1_555 D C   18 N3 ? ? C G   16 D C   48 1_555 ? ? ? ? ? ? 'G-C PAIR'    ?     ? ? 
hydrog22 hydrog ?   ? C C   3  N3    ? ? ? 1_555 D G   17 N1 ? ? C C   17 D G   47 1_555 ? ? ? ? ? ? WATSON-CRICK  ?     ? ? 
hydrog23 hydrog ?   ? C C   3  N4    ? ? ? 1_555 D G   17 O6 ? ? C C   17 D G   47 1_555 ? ? ? ? ? ? WATSON-CRICK  ?     ? ? 
hydrog24 hydrog ?   ? C C   3  O2    ? ? ? 1_555 D G   17 N2 ? ? C C   17 D G   47 1_555 ? ? ? ? ? ? WATSON-CRICK  ?     ? ? 
hydrog25 hydrog ?   ? C A   4  N1    ? ? ? 1_555 D U   16 N3 ? ? C A   18 D U   46 1_555 ? ? ? ? ? ? WATSON-CRICK  ?     ? ? 
hydrog26 hydrog ?   ? C A   4  N6    ? ? ? 1_555 D U   16 O4 ? ? C A   18 D U   46 1_555 ? ? ? ? ? ? WATSON-CRICK  ?     ? ? 
hydrog27 hydrog ?   ? C G   5  N1    ? ? ? 1_555 D C   15 N3 ? ? C G   19 D C   45 1_555 ? ? ? ? ? ? WATSON-CRICK  ?     ? ? 
hydrog28 hydrog ?   ? C G   5  N2    ? ? ? 1_555 D C   15 O2 ? ? C G   19 D C   45 1_555 ? ? ? ? ? ? WATSON-CRICK  ?     ? ? 
hydrog29 hydrog ?   ? C G   5  O6    ? ? ? 1_555 D C   15 N4 ? ? C G   19 D C   45 1_555 ? ? ? ? ? ? WATSON-CRICK  ?     ? ? 
hydrog30 hydrog ?   ? C A   6  N1    ? ? ? 1_555 D C   14 N4 ? ? C A   20 D C   44 1_555 ? ? ? ? ? ? 'A-C MISPAIR' ?     ? ? 
hydrog31 hydrog ?   ? C G   7  N2    ? ? ? 1_555 D A   13 N7 ? ? C G   21 D A   43 1_555 ? ? ? ? ? ? TYPE_11_PAIR  ?     ? ? 
hydrog32 hydrog ?   ? C G   7  N3    ? ? ? 1_555 D A   13 N6 ? ? C G   21 D A   43 1_555 ? ? ? ? ? ? TYPE_11_PAIR  ?     ? ? 
hydrog33 hydrog ?   ? C A   9  N6    ? ? ? 1_555 D A   10 N1 ? ? C A   23 D A   40 1_555 ? ? ? ? ? ? 'A-A MISPAIR' ?     ? ? 
hydrog34 hydrog ?   ? C A   12 N1    ? ? ? 1_555 D G   6  N1 ? ? C A   26 D G   36 1_555 ? ? ? ? ? ? TYPE_8_PAIR   ?     ? ? 
hydrog35 hydrog ?   ? C A   12 N6    ? ? ? 1_555 D G   6  O6 ? ? C A   26 D G   36 1_555 ? ? ? ? ? ? TYPE_8_PAIR   ?     ? ? 
hydrog36 hydrog ?   ? C C   13 N4    ? ? ? 1_555 D G   5  O6 ? ? C C   27 D G   35 1_555 ? ? ? ? ? ? 'C-G PAIR'    ?     ? ? 
hydrog37 hydrog ?   ? C A   14 N1    ? ? ? 1_555 D U   4  N3 ? ? C A   28 D U   34 1_555 ? ? ? ? ? ? WATSON-CRICK  ?     ? ? 
hydrog38 hydrog ?   ? C A   14 N6    ? ? ? 1_555 D U   4  O4 ? ? C A   28 D U   34 1_555 ? ? ? ? ? ? WATSON-CRICK  ?     ? ? 
hydrog39 hydrog ?   ? C C   15 N4    ? ? ? 1_555 D G   3  O6 ? ? C C   29 D G   33 1_555 ? ? ? ? ? ? 'C-G PAIR'    ?     ? ? 
hydrog40 hydrog ?   ? C G   16 N1    ? ? ? 1_555 D C   2  N3 ? ? C G   30 D C   32 1_555 ? ? ? ? ? ? WATSON-CRICK  ?     ? ? 
hydrog41 hydrog ?   ? C G   16 N2    ? ? ? 1_555 D C   2  O2 ? ? C G   30 D C   32 1_555 ? ? ? ? ? ? WATSON-CRICK  ?     ? ? 
hydrog42 hydrog ?   ? C G   16 O6    ? ? ? 1_555 D C   2  N4 ? ? C G   30 D C   32 1_555 ? ? ? ? ? ? WATSON-CRICK  ?     ? ? 
hydrog43 hydrog ?   ? C A   17 N1    ? ? ? 1_555 D U   1  N3 ? ? C A   31 D U   31 1_555 ? ? ? ? ? ? 'A-U PAIR'    ?     ? ? 
# 
loop_
_struct_conn_type.id 
_struct_conn_type.criteria 
_struct_conn_type.reference 
covale ? ? 
hydrog ? ? 
# 
loop_
_struct_site.id 
_struct_site.pdbx_evidence_code 
_struct_site.pdbx_auth_asym_id 
_struct_site.pdbx_auth_comp_id 
_struct_site.pdbx_auth_seq_id 
_struct_site.pdbx_auth_ins_code 
_struct_site.pdbx_num_residues 
_struct_site.details 
AC1 Software C NCO 4  ? 4 'BINDING SITE FOR RESIDUE NCO C 4'  
AC2 Software B PDI 14 ? 3 'BINDING SITE FOR RESIDUE PDI B 14' 
# 
loop_
_struct_site_gen.id 
_struct_site_gen.site_id 
_struct_site_gen.pdbx_num_res 
_struct_site_gen.label_comp_id 
_struct_site_gen.label_asym_id 
_struct_site_gen.label_seq_id 
_struct_site_gen.pdbx_auth_ins_code 
_struct_site_gen.auth_comp_id 
_struct_site_gen.auth_asym_id 
_struct_site_gen.auth_seq_id 
_struct_site_gen.label_atom_id 
_struct_site_gen.label_alt_id 
_struct_site_gen.symmetry 
_struct_site_gen.details 
1 AC1 4 A C 6  ? A C 20 . ? 1_555  ? 
2 AC1 4 G C 7  ? G C 21 . ? 1_555  ? 
3 AC1 4 A D 10 ? A D 40 . ? 1_555  ? 
4 AC1 4 U D 11 ? U D 41 . ? 1_555  ? 
5 AC2 3 U A 1  ? U A 1  . ? 10_665 ? 
6 AC2 3 G B 12 ? G B 13 . ? 1_555  ? 
7 AC2 3 G C 1  ? G C 15 . ? 1_555  ? 
# 
loop_
_chem_comp_atom.comp_id 
_chem_comp_atom.atom_id 
_chem_comp_atom.type_symbol 
_chem_comp_atom.pdbx_aromatic_flag 
_chem_comp_atom.pdbx_stereo_config 
_chem_comp_atom.pdbx_ordinal 
A   OP3    O  N N 1   
A   P      P  N N 2   
A   OP1    O  N N 3   
A   OP2    O  N N 4   
A   "O5'"  O  N N 5   
A   "C5'"  C  N N 6   
A   "C4'"  C  N R 7   
A   "O4'"  O  N N 8   
A   "C3'"  C  N S 9   
A   "O3'"  O  N N 10  
A   "C2'"  C  N R 11  
A   "O2'"  O  N N 12  
A   "C1'"  C  N R 13  
A   N9     N  Y N 14  
A   C8     C  Y N 15  
A   N7     N  Y N 16  
A   C5     C  Y N 17  
A   C6     C  Y N 18  
A   N6     N  N N 19  
A   N1     N  Y N 20  
A   C2     C  Y N 21  
A   N3     N  Y N 22  
A   C4     C  Y N 23  
A   HOP3   H  N N 24  
A   HOP2   H  N N 25  
A   "H5'"  H  N N 26  
A   "H5''" H  N N 27  
A   "H4'"  H  N N 28  
A   "H3'"  H  N N 29  
A   "HO3'" H  N N 30  
A   "H2'"  H  N N 31  
A   "HO2'" H  N N 32  
A   "H1'"  H  N N 33  
A   H8     H  N N 34  
A   H61    H  N N 35  
A   H62    H  N N 36  
A   H2     H  N N 37  
C   OP3    O  N N 38  
C   P      P  N N 39  
C   OP1    O  N N 40  
C   OP2    O  N N 41  
C   "O5'"  O  N N 42  
C   "C5'"  C  N N 43  
C   "C4'"  C  N R 44  
C   "O4'"  O  N N 45  
C   "C3'"  C  N S 46  
C   "O3'"  O  N N 47  
C   "C2'"  C  N R 48  
C   "O2'"  O  N N 49  
C   "C1'"  C  N R 50  
C   N1     N  N N 51  
C   C2     C  N N 52  
C   O2     O  N N 53  
C   N3     N  N N 54  
C   C4     C  N N 55  
C   N4     N  N N 56  
C   C5     C  N N 57  
C   C6     C  N N 58  
C   HOP3   H  N N 59  
C   HOP2   H  N N 60  
C   "H5'"  H  N N 61  
C   "H5''" H  N N 62  
C   "H4'"  H  N N 63  
C   "H3'"  H  N N 64  
C   "HO3'" H  N N 65  
C   "H2'"  H  N N 66  
C   "HO2'" H  N N 67  
C   "H1'"  H  N N 68  
C   H41    H  N N 69  
C   H42    H  N N 70  
C   H5     H  N N 71  
C   H6     H  N N 72  
G   OP3    O  N N 73  
G   P      P  N N 74  
G   OP1    O  N N 75  
G   OP2    O  N N 76  
G   "O5'"  O  N N 77  
G   "C5'"  C  N N 78  
G   "C4'"  C  N R 79  
G   "O4'"  O  N N 80  
G   "C3'"  C  N S 81  
G   "O3'"  O  N N 82  
G   "C2'"  C  N R 83  
G   "O2'"  O  N N 84  
G   "C1'"  C  N R 85  
G   N9     N  Y N 86  
G   C8     C  Y N 87  
G   N7     N  Y N 88  
G   C5     C  Y N 89  
G   C6     C  N N 90  
G   O6     O  N N 91  
G   N1     N  N N 92  
G   C2     C  N N 93  
G   N2     N  N N 94  
G   N3     N  N N 95  
G   C4     C  Y N 96  
G   HOP3   H  N N 97  
G   HOP2   H  N N 98  
G   "H5'"  H  N N 99  
G   "H5''" H  N N 100 
G   "H4'"  H  N N 101 
G   "H3'"  H  N N 102 
G   "HO3'" H  N N 103 
G   "H2'"  H  N N 104 
G   "HO2'" H  N N 105 
G   "H1'"  H  N N 106 
G   H8     H  N N 107 
G   H1     H  N N 108 
G   H21    H  N N 109 
G   H22    H  N N 110 
HOH O      O  N N 111 
HOH H1     H  N N 112 
HOH H2     H  N N 113 
NCO CO     CO N N 114 
NCO N1     N  N N 115 
NCO N2     N  N N 116 
NCO N3     N  N N 117 
NCO N4     N  N N 118 
NCO N5     N  N N 119 
NCO N6     N  N N 120 
NCO HN11   H  N N 121 
NCO HN12   H  N N 122 
NCO HN13   H  N N 123 
NCO HN21   H  N N 124 
NCO HN22   H  N N 125 
NCO HN23   H  N N 126 
NCO HN31   H  N N 127 
NCO HN32   H  N N 128 
NCO HN33   H  N N 129 
NCO HN41   H  N N 130 
NCO HN42   H  N N 131 
NCO HN43   H  N N 132 
NCO HN51   H  N N 133 
NCO HN52   H  N N 134 
NCO HN53   H  N N 135 
NCO HN61   H  N N 136 
NCO HN62   H  N N 137 
NCO HN63   H  N N 138 
PDI O3P    O  N N 139 
PDI P      P  N N 140 
PDI O1P    O  N N 141 
PDI O2P    O  N N 142 
PDI OA     O  N N 143 
PDI CA     C  N N 144 
PDI CB     C  N N 145 
PDI CG     C  N N 146 
PDI OG     O  N N 147 
PDI HOP3   H  N N 148 
PDI HOP2   H  N N 149 
PDI HA1    H  N N 150 
PDI HA2    H  N N 151 
PDI HB1    H  N N 152 
PDI HB2    H  N N 153 
PDI HG1    H  N N 154 
PDI HG2    H  N N 155 
PDI HGT    H  N N 156 
U   OP3    O  N N 157 
U   P      P  N N 158 
U   OP1    O  N N 159 
U   OP2    O  N N 160 
U   "O5'"  O  N N 161 
U   "C5'"  C  N N 162 
U   "C4'"  C  N R 163 
U   "O4'"  O  N N 164 
U   "C3'"  C  N S 165 
U   "O3'"  O  N N 166 
U   "C2'"  C  N R 167 
U   "O2'"  O  N N 168 
U   "C1'"  C  N R 169 
U   N1     N  N N 170 
U   C2     C  N N 171 
U   O2     O  N N 172 
U   N3     N  N N 173 
U   C4     C  N N 174 
U   O4     O  N N 175 
U   C5     C  N N 176 
U   C6     C  N N 177 
U   HOP3   H  N N 178 
U   HOP2   H  N N 179 
U   "H5'"  H  N N 180 
U   "H5''" H  N N 181 
U   "H4'"  H  N N 182 
U   "H3'"  H  N N 183 
U   "HO3'" H  N N 184 
U   "H2'"  H  N N 185 
U   "HO2'" H  N N 186 
U   "H1'"  H  N N 187 
U   H3     H  N N 188 
U   H5     H  N N 189 
U   H6     H  N N 190 
# 
loop_
_chem_comp_bond.comp_id 
_chem_comp_bond.atom_id_1 
_chem_comp_bond.atom_id_2 
_chem_comp_bond.value_order 
_chem_comp_bond.pdbx_aromatic_flag 
_chem_comp_bond.pdbx_stereo_config 
_chem_comp_bond.pdbx_ordinal 
A   OP3   P      sing N N 1   
A   OP3   HOP3   sing N N 2   
A   P     OP1    doub N N 3   
A   P     OP2    sing N N 4   
A   P     "O5'"  sing N N 5   
A   OP2   HOP2   sing N N 6   
A   "O5'" "C5'"  sing N N 7   
A   "C5'" "C4'"  sing N N 8   
A   "C5'" "H5'"  sing N N 9   
A   "C5'" "H5''" sing N N 10  
A   "C4'" "O4'"  sing N N 11  
A   "C4'" "C3'"  sing N N 12  
A   "C4'" "H4'"  sing N N 13  
A   "O4'" "C1'"  sing N N 14  
A   "C3'" "O3'"  sing N N 15  
A   "C3'" "C2'"  sing N N 16  
A   "C3'" "H3'"  sing N N 17  
A   "O3'" "HO3'" sing N N 18  
A   "C2'" "O2'"  sing N N 19  
A   "C2'" "C1'"  sing N N 20  
A   "C2'" "H2'"  sing N N 21  
A   "O2'" "HO2'" sing N N 22  
A   "C1'" N9     sing N N 23  
A   "C1'" "H1'"  sing N N 24  
A   N9    C8     sing Y N 25  
A   N9    C4     sing Y N 26  
A   C8    N7     doub Y N 27  
A   C8    H8     sing N N 28  
A   N7    C5     sing Y N 29  
A   C5    C6     sing Y N 30  
A   C5    C4     doub Y N 31  
A   C6    N6     sing N N 32  
A   C6    N1     doub Y N 33  
A   N6    H61    sing N N 34  
A   N6    H62    sing N N 35  
A   N1    C2     sing Y N 36  
A   C2    N3     doub Y N 37  
A   C2    H2     sing N N 38  
A   N3    C4     sing Y N 39  
C   OP3   P      sing N N 40  
C   OP3   HOP3   sing N N 41  
C   P     OP1    doub N N 42  
C   P     OP2    sing N N 43  
C   P     "O5'"  sing N N 44  
C   OP2   HOP2   sing N N 45  
C   "O5'" "C5'"  sing N N 46  
C   "C5'" "C4'"  sing N N 47  
C   "C5'" "H5'"  sing N N 48  
C   "C5'" "H5''" sing N N 49  
C   "C4'" "O4'"  sing N N 50  
C   "C4'" "C3'"  sing N N 51  
C   "C4'" "H4'"  sing N N 52  
C   "O4'" "C1'"  sing N N 53  
C   "C3'" "O3'"  sing N N 54  
C   "C3'" "C2'"  sing N N 55  
C   "C3'" "H3'"  sing N N 56  
C   "O3'" "HO3'" sing N N 57  
C   "C2'" "O2'"  sing N N 58  
C   "C2'" "C1'"  sing N N 59  
C   "C2'" "H2'"  sing N N 60  
C   "O2'" "HO2'" sing N N 61  
C   "C1'" N1     sing N N 62  
C   "C1'" "H1'"  sing N N 63  
C   N1    C2     sing N N 64  
C   N1    C6     sing N N 65  
C   C2    O2     doub N N 66  
C   C2    N3     sing N N 67  
C   N3    C4     doub N N 68  
C   C4    N4     sing N N 69  
C   C4    C5     sing N N 70  
C   N4    H41    sing N N 71  
C   N4    H42    sing N N 72  
C   C5    C6     doub N N 73  
C   C5    H5     sing N N 74  
C   C6    H6     sing N N 75  
G   OP3   P      sing N N 76  
G   OP3   HOP3   sing N N 77  
G   P     OP1    doub N N 78  
G   P     OP2    sing N N 79  
G   P     "O5'"  sing N N 80  
G   OP2   HOP2   sing N N 81  
G   "O5'" "C5'"  sing N N 82  
G   "C5'" "C4'"  sing N N 83  
G   "C5'" "H5'"  sing N N 84  
G   "C5'" "H5''" sing N N 85  
G   "C4'" "O4'"  sing N N 86  
G   "C4'" "C3'"  sing N N 87  
G   "C4'" "H4'"  sing N N 88  
G   "O4'" "C1'"  sing N N 89  
G   "C3'" "O3'"  sing N N 90  
G   "C3'" "C2'"  sing N N 91  
G   "C3'" "H3'"  sing N N 92  
G   "O3'" "HO3'" sing N N 93  
G   "C2'" "O2'"  sing N N 94  
G   "C2'" "C1'"  sing N N 95  
G   "C2'" "H2'"  sing N N 96  
G   "O2'" "HO2'" sing N N 97  
G   "C1'" N9     sing N N 98  
G   "C1'" "H1'"  sing N N 99  
G   N9    C8     sing Y N 100 
G   N9    C4     sing Y N 101 
G   C8    N7     doub Y N 102 
G   C8    H8     sing N N 103 
G   N7    C5     sing Y N 104 
G   C5    C6     sing N N 105 
G   C5    C4     doub Y N 106 
G   C6    O6     doub N N 107 
G   C6    N1     sing N N 108 
G   N1    C2     sing N N 109 
G   N1    H1     sing N N 110 
G   C2    N2     sing N N 111 
G   C2    N3     doub N N 112 
G   N2    H21    sing N N 113 
G   N2    H22    sing N N 114 
G   N3    C4     sing N N 115 
HOH O     H1     sing N N 116 
HOH O     H2     sing N N 117 
NCO CO    N1     sing N N 118 
NCO CO    N2     sing N N 119 
NCO CO    N3     sing N N 120 
NCO CO    N4     sing N N 121 
NCO CO    N5     sing N N 122 
NCO CO    N6     sing N N 123 
NCO N1    HN11   sing N N 124 
NCO N1    HN12   sing N N 125 
NCO N1    HN13   sing N N 126 
NCO N2    HN21   sing N N 127 
NCO N2    HN22   sing N N 128 
NCO N2    HN23   sing N N 129 
NCO N3    HN31   sing N N 130 
NCO N3    HN32   sing N N 131 
NCO N3    HN33   sing N N 132 
NCO N4    HN41   sing N N 133 
NCO N4    HN42   sing N N 134 
NCO N4    HN43   sing N N 135 
NCO N5    HN51   sing N N 136 
NCO N5    HN52   sing N N 137 
NCO N5    HN53   sing N N 138 
NCO N6    HN61   sing N N 139 
NCO N6    HN62   sing N N 140 
NCO N6    HN63   sing N N 141 
PDI O3P   P      sing N N 142 
PDI O3P   HOP3   sing N N 143 
PDI P     O1P    doub N N 144 
PDI P     O2P    sing N N 145 
PDI P     OA     sing N N 146 
PDI O2P   HOP2   sing N N 147 
PDI OA    CA     sing N N 148 
PDI CA    CB     sing N N 149 
PDI CA    HA1    sing N N 150 
PDI CA    HA2    sing N N 151 
PDI CB    CG     sing N N 152 
PDI CB    HB1    sing N N 153 
PDI CB    HB2    sing N N 154 
PDI CG    OG     sing N N 155 
PDI CG    HG1    sing N N 156 
PDI CG    HG2    sing N N 157 
PDI OG    HGT    sing N N 158 
U   OP3   P      sing N N 159 
U   OP3   HOP3   sing N N 160 
U   P     OP1    doub N N 161 
U   P     OP2    sing N N 162 
U   P     "O5'"  sing N N 163 
U   OP2   HOP2   sing N N 164 
U   "O5'" "C5'"  sing N N 165 
U   "C5'" "C4'"  sing N N 166 
U   "C5'" "H5'"  sing N N 167 
U   "C5'" "H5''" sing N N 168 
U   "C4'" "O4'"  sing N N 169 
U   "C4'" "C3'"  sing N N 170 
U   "C4'" "H4'"  sing N N 171 
U   "O4'" "C1'"  sing N N 172 
U   "C3'" "O3'"  sing N N 173 
U   "C3'" "C2'"  sing N N 174 
U   "C3'" "H3'"  sing N N 175 
U   "O3'" "HO3'" sing N N 176 
U   "C2'" "O2'"  sing N N 177 
U   "C2'" "C1'"  sing N N 178 
U   "C2'" "H2'"  sing N N 179 
U   "O2'" "HO2'" sing N N 180 
U   "C1'" N1     sing N N 181 
U   "C1'" "H1'"  sing N N 182 
U   N1    C2     sing N N 183 
U   N1    C6     sing N N 184 
U   C2    O2     doub N N 185 
U   C2    N3     sing N N 186 
U   N3    C4     sing N N 187 
U   N3    H3     sing N N 188 
U   C4    O4     doub N N 189 
U   C4    C5     sing N N 190 
U   C5    C6     doub N N 191 
U   C5    H5     sing N N 192 
U   C6    H6     sing N N 193 
# 
loop_
_ndb_struct_conf_na.entry_id 
_ndb_struct_conf_na.feature 
2NPZ 'double helix'        
2NPZ 'a-form double helix' 
2NPZ 'internal loop'       
# 
loop_
_ndb_struct_na_base_pair.model_number 
_ndb_struct_na_base_pair.i_label_asym_id 
_ndb_struct_na_base_pair.i_label_comp_id 
_ndb_struct_na_base_pair.i_label_seq_id 
_ndb_struct_na_base_pair.i_symmetry 
_ndb_struct_na_base_pair.j_label_asym_id 
_ndb_struct_na_base_pair.j_label_comp_id 
_ndb_struct_na_base_pair.j_label_seq_id 
_ndb_struct_na_base_pair.j_symmetry 
_ndb_struct_na_base_pair.shear 
_ndb_struct_na_base_pair.stretch 
_ndb_struct_na_base_pair.stagger 
_ndb_struct_na_base_pair.buckle 
_ndb_struct_na_base_pair.propeller 
_ndb_struct_na_base_pair.opening 
_ndb_struct_na_base_pair.pair_number 
_ndb_struct_na_base_pair.pair_name 
_ndb_struct_na_base_pair.i_auth_asym_id 
_ndb_struct_na_base_pair.i_auth_seq_id 
_ndb_struct_na_base_pair.i_PDB_ins_code 
_ndb_struct_na_base_pair.j_auth_asym_id 
_ndb_struct_na_base_pair.j_auth_seq_id 
_ndb_struct_na_base_pair.j_PDB_ins_code 
_ndb_struct_na_base_pair.hbond_type_28 
_ndb_struct_na_base_pair.hbond_type_12 
1 A C 2  1_555 B G 12 1_555 0.437  -0.363 -0.934 15.076  -24.638 1.663   1  A_C2:G13_B  A 2  ? B 13 ? 19 1  
1 A C 3  1_555 B G 11 1_555 -0.490 -0.020 0.323  -8.370  -1.904  3.624   2  A_C3:G12_B  A 3  ? B 12 ? 19 1  
1 A C 4  1_555 B G 10 1_555 -0.259 0.313  -0.009 7.927   8.283   6.307   3  A_C4:G11_B  A 4  ? B 11 ? 19 1  
1 C C 11 1_555 A G 6  1_555 0.963  -0.269 0.398  -1.319  -7.667  -15.960 4  C_C25:G6_A  C 25 ? A 6  ? ?  ?  
1 C A 12 1_555 D G 6  1_555 -0.411 1.554  -0.250 -23.522 -27.428 -10.151 5  C_A26:G36_D C 26 ? D 36 ? 8  1  
1 C C 13 1_555 D G 5  1_555 0.510  0.240  -0.117 -7.363  -26.119 -2.194  6  C_C27:G35_D C 27 ? D 35 ? ?  ?  
1 C A 14 1_555 D U 4  1_555 -0.235 -0.030 0.708  7.572   -11.115 4.466   7  C_A28:U34_D C 28 ? D 34 ? 20 1  
1 C C 15 1_555 D G 3  1_555 0.241  0.252  -0.343 10.318  -17.711 -5.065  8  C_C29:G33_D C 29 ? D 33 ? ?  ?  
1 C G 16 1_555 D C 2  1_555 0.116  -0.162 -0.327 -10.529 -9.272  5.588   9  C_G30:C32_D C 30 ? D 32 ? 19 1  
1 C A 17 1_555 D U 1  1_555 1.055  0.285  0.774  2.169   7.281   10.249  10 C_A31:U31_D C 31 ? D 31 ? ?  ?  
1 A A 10 1_555 B U 4  1_555 -0.082 0.332  0.260  5.711   -16.786 -5.465  11 A_A10:U5_B  A 10 ? B 5  ? 20 1  
1 A C 11 1_555 B G 3  1_555 -0.089 -0.145 0.269  7.529   -10.711 -2.224  12 A_C11:G4_B  A 11 ? B 4  ? 19 1  
1 A C 12 1_555 B G 2  1_555 -0.074 -0.027 0.269  11.528  1.086   4.236   13 A_C12:G3_B  A 12 ? B 3  ? 19 1  
1 A G 13 1_555 B C 1  1_555 0.599  0.164  -0.281 5.314   -13.087 -11.161 14 A_G13:C2_B  A 13 ? B 2  ? ?  ?  
1 C G 1  1_555 D C 19 1_555 -1.137 -0.069 1.106  8.416   6.462   9.564   15 C_G15:C49_D C 15 ? D 49 ? ?  1  
1 C G 2  1_555 D C 18 1_555 -0.653 0.138  -0.572 -4.236  -3.087  11.423  16 C_G16:C48_D C 16 ? D 48 ? ?  1  
1 C C 3  1_555 D G 17 1_555 0.587  0.136  -0.001 -0.238  -1.305  6.730   17 C_C17:G47_D C 17 ? D 47 ? 19 1  
1 C A 4  1_555 D U 16 1_555 -0.172 -0.033 -0.406 -6.893  0.536   2.300   18 C_A18:U46_D C 18 ? D 46 ? 20 1  
1 C G 5  1_555 D C 15 1_555 0.267  -0.090 -0.716 -5.202  -4.733  -1.098  19 C_G19:C45_D C 19 ? D 45 ? 19 1  
1 C A 6  1_555 D C 14 1_555 2.654  0.296  -0.647 -15.986 -2.706  6.327   20 C_A20:C44_D C 20 ? D 44 ? ?  ?  
1 C G 7  1_555 D A 13 1_555 7.058  -3.838 0.312  -9.942  -8.762  -11.856 21 C_G21:A43_D C 21 ? D 43 ? 11 10 
1 D A 10 1_555 C A 9  1_555 4.481  1.476  -0.676 -4.683  -28.068 -89.048 22 D_A40:A23_C D 40 ? C 23 ? ?  ?  
# 
loop_
_ndb_struct_na_base_pair_step.model_number 
_ndb_struct_na_base_pair_step.i_label_asym_id_1 
_ndb_struct_na_base_pair_step.i_label_comp_id_1 
_ndb_struct_na_base_pair_step.i_label_seq_id_1 
_ndb_struct_na_base_pair_step.i_symmetry_1 
_ndb_struct_na_base_pair_step.j_label_asym_id_1 
_ndb_struct_na_base_pair_step.j_label_comp_id_1 
_ndb_struct_na_base_pair_step.j_label_seq_id_1 
_ndb_struct_na_base_pair_step.j_symmetry_1 
_ndb_struct_na_base_pair_step.i_label_asym_id_2 
_ndb_struct_na_base_pair_step.i_label_comp_id_2 
_ndb_struct_na_base_pair_step.i_label_seq_id_2 
_ndb_struct_na_base_pair_step.i_symmetry_2 
_ndb_struct_na_base_pair_step.j_label_asym_id_2 
_ndb_struct_na_base_pair_step.j_label_comp_id_2 
_ndb_struct_na_base_pair_step.j_label_seq_id_2 
_ndb_struct_na_base_pair_step.j_symmetry_2 
_ndb_struct_na_base_pair_step.shift 
_ndb_struct_na_base_pair_step.slide 
_ndb_struct_na_base_pair_step.rise 
_ndb_struct_na_base_pair_step.tilt 
_ndb_struct_na_base_pair_step.roll 
_ndb_struct_na_base_pair_step.twist 
_ndb_struct_na_base_pair_step.x_displacement 
_ndb_struct_na_base_pair_step.y_displacement 
_ndb_struct_na_base_pair_step.helical_rise 
_ndb_struct_na_base_pair_step.inclination 
_ndb_struct_na_base_pair_step.tip 
_ndb_struct_na_base_pair_step.helical_twist 
_ndb_struct_na_base_pair_step.step_number 
_ndb_struct_na_base_pair_step.step_name 
_ndb_struct_na_base_pair_step.i_auth_asym_id_1 
_ndb_struct_na_base_pair_step.i_auth_seq_id_1 
_ndb_struct_na_base_pair_step.i_PDB_ins_code_1 
_ndb_struct_na_base_pair_step.j_auth_asym_id_1 
_ndb_struct_na_base_pair_step.j_auth_seq_id_1 
_ndb_struct_na_base_pair_step.j_PDB_ins_code_1 
_ndb_struct_na_base_pair_step.i_auth_asym_id_2 
_ndb_struct_na_base_pair_step.i_auth_seq_id_2 
_ndb_struct_na_base_pair_step.i_PDB_ins_code_2 
_ndb_struct_na_base_pair_step.j_auth_asym_id_2 
_ndb_struct_na_base_pair_step.j_auth_seq_id_2 
_ndb_struct_na_base_pair_step.j_PDB_ins_code_2 
1 A C 2  1_555 B G 12 1_555 A C 3  1_555 B G 11 1_555 -0.210 -1.940 3.741 -11.263 19.344 28.323  -5.880 -1.253 2.007 33.672  
19.605  35.958   1  AA_C2C3:G12G13_BB   A 2  ? B 13 ? A 3  ? B 12 ? 
1 A C 3  1_555 B G 11 1_555 A C 4  1_555 B G 10 1_555 0.332  -1.354 2.931 -1.638  9.131  31.390  -3.727 -0.827 2.432 16.433  2.948 
32.699   2  AA_C3C4:G11G12_BB   A 3  ? B 12 ? A 4  ? B 11 ? 
1 C C 11 1_555 A G 6  1_555 C A 12 1_555 D G 6  1_555 0.539  -2.738 3.661 5.615   1.403  37.551  -4.407 -0.028 3.601 2.164   
-8.659  37.979   3  CC_C25A26:G36G6_DA  C 25 ? A 6  ? C 26 ? D 36 ? 
1 C A 12 1_555 D G 6  1_555 C C 13 1_555 D G 5  1_555 0.529  -0.296 3.131 -4.272  -3.480 35.242  -0.003 -1.455 3.062 -5.705  7.003 
35.656   4  CC_A26C27:G35G36_DD C 26 ? D 36 ? C 27 ? D 35 ? 
1 C C 13 1_555 D G 5  1_555 C A 14 1_555 D U 4  1_555 0.483  -1.729 2.548 -6.312  11.849 33.903  -3.894 -1.373 1.751 19.401  
10.335  36.392   5  CC_C27A28:U34G35_DD C 27 ? D 35 ? C 28 ? D 34 ? 
1 C A 14 1_555 D U 4  1_555 C C 15 1_555 D G 3  1_555 0.142  -1.146 3.079 10.573  -1.957 33.644  -1.613 1.270  3.044 -3.279  
-17.713 35.273   6  CC_A28C29:G33U34_DD C 28 ? D 34 ? C 29 ? D 33 ? 
1 C C 15 1_555 D G 3  1_555 C G 16 1_555 D C 2  1_555 0.914  -1.566 3.172 3.249   18.430 30.316  -4.884 -1.091 2.008 31.729  
-5.594  35.511   7  CC_C29G30:C32G33_DD C 29 ? D 33 ? C 30 ? D 32 ? 
1 C G 16 1_555 D C 2  1_555 C A 17 1_555 D U 1  1_555 0.267  -1.710 2.497 -8.451  4.523  38.170  -2.932 -1.126 2.182 6.787   
12.681  39.311   8  CC_G30A31:U31C32_DD C 30 ? D 32 ? C 31 ? D 31 ? 
1 A A 10 1_555 B U 4  1_555 A C 11 1_555 B G 3  1_555 -0.566 -2.060 2.946 -3.669  5.453  30.593  -4.705 0.454  2.597 10.188  6.854 
31.275   9  AA_A10C11:G4U5_BB   A 10 ? B 5  ? A 11 ? B 4  ? 
1 A C 11 1_555 B G 3  1_555 A C 12 1_555 B G 2  1_555 0.062  -1.892 2.970 -3.938  7.962  30.184  -4.738 -0.730 2.379 14.888  7.364 
31.435   10 AA_C11C12:G3G4_BB   A 11 ? B 4  ? A 12 ? B 3  ? 
1 A C 12 1_555 B G 2  1_555 A G 13 1_555 B C 1  1_555 -0.725 -1.715 3.726 1.055   3.854  32.469  -3.781 1.488  3.480 6.860   
-1.878  32.707   11 AA_C12G13:C2G3_BB   A 12 ? B 3  ? A 13 ? B 2  ? 
1 C G 1  1_555 D C 19 1_555 C G 2  1_555 D C 18 1_555 -0.322 -2.007 3.200 8.273   11.496 38.716  -3.962 1.254  2.418 16.676  
-12.001 41.132   12 CC_G15G16:C48C49_DD C 15 ? D 49 ? C 16 ? D 48 ? 
1 C G 2  1_555 D C 18 1_555 C C 3  1_555 D G 17 1_555 -0.859 -1.417 2.883 -7.422  8.369  33.837  -3.367 0.476  2.595 13.915  
12.340  35.586   13 CC_G16C17:G47C48_DD C 16 ? D 48 ? C 17 ? D 47 ? 
1 C C 3  1_555 D G 17 1_555 C A 4  1_555 D U 16 1_555 -0.527 -1.546 3.179 -1.007  13.866 31.261  -4.568 0.757  2.321 24.284  1.763 
34.142   14 CC_C17A18:U46G47_DD C 17 ? D 47 ? C 18 ? D 46 ? 
1 C A 4  1_555 D U 16 1_555 C G 5  1_555 D C 15 1_555 -0.510 -1.922 3.299 -1.656  6.128  32.594  -4.351 0.627  2.921 10.791  2.916 
33.190   15 CC_A18G19:C45U46_DD C 18 ? D 46 ? C 19 ? D 45 ? 
1 C G 5  1_555 D C 15 1_555 C A 6  1_555 D C 14 1_555 0.708  -1.348 3.740 0.939   1.801  41.294  -2.129 -0.888 3.695 2.552   
-1.330  41.341   16 CC_G19A20:C44C45_DD C 19 ? D 45 ? C 20 ? D 44 ? 
1 C A 6  1_555 D C 14 1_555 C G 7  1_555 D A 13 1_555 -0.138 -1.192 3.097 8.053   9.936  53.241  -1.847 0.595  2.804 10.910  
-8.843  54.646   17 CC_A20G21:A43C44_DD C 20 ? D 44 ? C 21 ? D 43 ? 
1 C G 7  1_555 D A 13 1_555 D A 10 1_555 C A 9  1_555 -4.582 5.153  2.833 137.415 81.304 -30.871 -3.568 -0.713 2.035 -44.438 
75.106  -160.407 18 CD_G21A40:A23A43_CD C 21 ? D 43 ? D 40 ? C 23 ? 
# 
_pdbx_initial_refinement_model.accession_code   ? 
_pdbx_initial_refinement_model.id               1 
_pdbx_initial_refinement_model.entity_id_list   ? 
_pdbx_initial_refinement_model.type             'experimental model' 
_pdbx_initial_refinement_model.source_name      Other 
_pdbx_initial_refinement_model.details          '2.05 angstrom junctionless ribozyme' 
# 
_atom_sites.entry_id                    2NPZ 
_atom_sites.fract_transf_matrix[1][1]   0.00194227 
_atom_sites.fract_transf_matrix[1][2]   -0.00382842 
_atom_sites.fract_transf_matrix[1][3]   0.01192098 
_atom_sites.fract_transf_matrix[2][1]   -0.00400235 
_atom_sites.fract_transf_matrix[2][2]   -0.01143439 
_atom_sites.fract_transf_matrix[2][3]   0.00371351 
_atom_sites.fract_transf_matrix[3][1]   0.00605724 
_atom_sites.fract_transf_matrix[3][2]   -0.00272492 
_atom_sites.fract_transf_matrix[3][3]   -0.00186201 
_atom_sites.fract_transf_vector[1]      0.530893 
_atom_sites.fract_transf_vector[2]      0.411909 
_atom_sites.fract_transf_vector[3]      0.361007 
# 
loop_
_atom_type.symbol 
C  
CO 
N  
O  
P  
# 
loop_
_atom_site.group_PDB 
_atom_site.id 
_atom_site.type_symbol 
_atom_site.label_atom_id 
_atom_site.label_alt_id 
_atom_site.label_comp_id 
_atom_site.label_asym_id 
_atom_site.label_entity_id 
_atom_site.label_seq_id 
_atom_site.pdbx_PDB_ins_code 
_atom_site.Cartn_x 
_atom_site.Cartn_y 
_atom_site.Cartn_z 
_atom_site.occupancy 
_atom_site.B_iso_or_equiv 
_atom_site.pdbx_formal_charge 
_atom_site.auth_seq_id 
_atom_site.auth_comp_id 
_atom_site.auth_asym_id 
_atom_site.auth_atom_id 
_atom_site.pdbx_PDB_model_num 
ATOM   1    O  "O5'" A U   A 1 1  ? 14.923  -1.403  3.099   0.50 75.30  ? 1  U   A "O5'" 1 
ATOM   2    O  "O5'" B U   A 1 1  ? 16.057  -1.650  3.302   0.50 81.82  ? 1  U   A "O5'" 1 
ATOM   3    C  "C5'" A U   A 1 1  ? 15.948  -2.377  3.291   0.50 79.59  ? 1  U   A "C5'" 1 
ATOM   4    C  "C5'" B U   A 1 1  ? 16.848  -2.848  3.270   0.50 85.68  ? 1  U   A "C5'" 1 
ATOM   5    C  "C4'" A U   A 1 1  ? 15.771  -3.617  2.438   0.50 81.88  ? 1  U   A "C4'" 1 
ATOM   6    C  "C4'" B U   A 1 1  ? 16.289  -3.912  2.347   0.50 86.67  ? 1  U   A "C4'" 1 
ATOM   7    O  "O4'" A U   A 1 1  ? 14.702  -4.445  2.975   0.50 83.22  ? 1  U   A "O4'" 1 
ATOM   8    O  "O4'" B U   A 1 1  ? 15.283  -4.706  3.042   0.50 88.22  ? 1  U   A "O4'" 1 
ATOM   9    C  "C3'" A U   A 1 1  ? 15.346  -3.377  0.999   0.50 82.33  ? 1  U   A "C3'" 1 
ATOM   10   C  "C3'" B U   A 1 1  ? 15.570  -3.370  1.122   0.50 86.25  ? 1  U   A "C3'" 1 
ATOM   11   O  "O3'" A U   A 1 1  ? 16.438  -3.005  0.165   0.50 80.40  ? 1  U   A "O3'" 1 
ATOM   12   O  "O3'" B U   A 1 1  ? 16.477  -3.048  0.081   0.50 82.20  ? 1  U   A "O3'" 1 
ATOM   13   C  "C2'" A U   A 1 1  ? 14.743  -4.723  0.607   0.50 82.75  ? 1  U   A "C2'" 1 
ATOM   14   C  "C2'" B U   A 1 1  ? 14.594  -4.496  0.801   0.50 87.08  ? 1  U   A "C2'" 1 
ATOM   15   O  "O2'" A U   A 1 1  ? 15.688  -5.695  0.200   0.50 82.77  ? 1  U   A "O2'" 1 
ATOM   16   O  "O2'" B U   A 1 1  ? 15.182  -5.615  0.163   0.50 86.64  ? 1  U   A "O2'" 1 
ATOM   17   C  "C1'" A U   A 1 1  ? 14.063  -5.143  1.913   0.50 82.17  ? 1  U   A "C1'" 1 
ATOM   18   C  "C1'" B U   A 1 1  ? 14.138  -4.865  2.213   0.50 86.97  ? 1  U   A "C1'" 1 
ATOM   19   N  N1    A U   A 1 1  ? 12.636  -4.796  1.917   0.50 81.10  ? 1  U   A N1    1 
ATOM   20   N  N1    B U   A 1 1  ? 13.144  -3.898  2.689   0.50 85.75  ? 1  U   A N1    1 
ATOM   21   C  C2    A U   A 1 1  ? 11.778  -5.637  1.239   0.50 79.48  ? 1  U   A C2    1 
ATOM   22   C  C2    B U   A 1 1  ? 11.810  -4.105  2.399   0.50 85.72  ? 1  U   A C2    1 
ATOM   23   O  O2    A U   A 1 1  ? 12.160  -6.635  0.660   0.50 79.15  ? 1  U   A O2    1 
ATOM   24   O  O2    B U   A 1 1  ? 11.393  -5.083  1.790   0.50 85.61  ? 1  U   A O2    1 
ATOM   25   N  N3    A U   A 1 1  ? 10.458  -5.263  1.263   0.50 78.00  ? 1  U   A N3    1 
ATOM   26   N  N3    B U   A 1 1  ? 10.979  -3.115  2.855   0.50 84.31  ? 1  U   A N3    1 
ATOM   27   C  C4    A U   A 1 1  ? 9.924   -4.152  1.880   0.50 78.50  ? 1  U   A C4    1 
ATOM   28   C  C4    B U   A 1 1  ? 11.352  -1.987  3.551   0.50 82.53  ? 1  U   A C4    1 
ATOM   29   O  O4    A U   A 1 1  ? 8.719   -3.932  1.784   0.50 77.30  ? 1  U   A O4    1 
ATOM   30   O  O4    B U   A 1 1  ? 10.501  -1.186  3.886   0.50 80.81  ? 1  U   A O4    1 
ATOM   31   C  C5    A U   A 1 1  ? 10.875  -3.329  2.565   0.50 79.87  ? 1  U   A C5    1 
ATOM   32   C  C5    B U   A 1 1  ? 12.731  -1.866  3.817   0.50 82.45  ? 1  U   A C5    1 
ATOM   33   C  C6    A U   A 1 1  ? 12.168  -3.671  2.563   0.50 81.09  ? 1  U   A C6    1 
ATOM   34   C  C6    B U   A 1 1  ? 13.556  -2.798  3.395   0.50 83.88  ? 1  U   A C6    1 
ATOM   35   P  P     . C   A 1 2  ? 16.357  -1.631  -0.665  1.00 80.01  ? 2  C   A P     1 
ATOM   36   O  OP1   . C   A 1 2  ? 17.452  -1.581  -1.665  1.00 81.23  ? 2  C   A OP1   1 
ATOM   37   O  OP2   . C   A 1 2  ? 16.255  -0.559  0.366   1.00 79.50  ? 2  C   A OP2   1 
ATOM   38   O  "O5'" . C   A 1 2  ? 14.960  -1.720  -1.428  1.00 76.09  ? 2  C   A "O5'" 1 
ATOM   39   C  "C5'" . C   A 1 2  ? 14.619  -2.890  -2.150  1.00 66.97  ? 2  C   A "C5'" 1 
ATOM   40   C  "C4'" . C   A 1 2  ? 13.167  -2.879  -2.533  1.00 59.55  ? 2  C   A "C4'" 1 
ATOM   41   O  "O4'" . C   A 1 2  ? 12.338  -2.957  -1.349  1.00 57.63  ? 2  C   A "O4'" 1 
ATOM   42   C  "C3'" . C   A 1 2  ? 12.720  -1.598  -3.178  1.00 55.17  ? 2  C   A "C3'" 1 
ATOM   43   O  "O3'" . C   A 1 2  ? 13.056  -1.600  -4.531  1.00 52.82  ? 2  C   A "O3'" 1 
ATOM   44   C  "C2'" . C   A 1 2  ? 11.222  -1.615  -2.949  1.00 56.24  ? 2  C   A "C2'" 1 
ATOM   45   O  "O2'" . C   A 1 2  ? 10.578  -2.482  -3.850  1.00 55.45  ? 2  C   A "O2'" 1 
ATOM   46   C  "C1'" . C   A 1 2  ? 11.146  -2.207  -1.547  1.00 58.14  ? 2  C   A "C1'" 1 
ATOM   47   N  N1    . C   A 1 2  ? 11.053  -1.167  -0.504  1.00 60.45  ? 2  C   A N1    1 
ATOM   48   C  C2    . C   A 1 2  ? 9.784   -0.748  -0.063  1.00 62.02  ? 2  C   A C2    1 
ATOM   49   O  O2    . C   A 1 2  ? 8.784   -1.293  -0.525  1.00 62.26  ? 2  C   A O2    1 
ATOM   50   N  N3    . C   A 1 2  ? 9.692   0.240   0.864   1.00 63.80  ? 2  C   A N3    1 
ATOM   51   C  C4    . C   A 1 2  ? 10.806  0.808   1.345   1.00 64.78  ? 2  C   A C4    1 
ATOM   52   N  N4    . C   A 1 2  ? 10.689  1.800   2.235   1.00 65.60  ? 2  C   A N4    1 
ATOM   53   C  C5    . C   A 1 2  ? 12.104  0.386   0.931   1.00 64.95  ? 2  C   A C5    1 
ATOM   54   C  C6    . C   A 1 2  ? 12.181  -0.598  0.014   1.00 63.04  ? 2  C   A C6    1 
ATOM   55   P  P     . C   A 1 3  ? 13.230  -0.208  -5.263  1.00 54.14  ? 3  C   A P     1 
ATOM   56   O  OP1   . C   A 1 3  ? 13.642  -0.405  -6.660  1.00 58.82  ? 3  C   A OP1   1 
ATOM   57   O  OP2   . C   A 1 3  ? 14.071  0.594   -4.358  1.00 56.42  ? 3  C   A OP2   1 
ATOM   58   O  "O5'" . C   A 1 3  ? 11.747  0.346   -5.303  1.00 43.80  ? 3  C   A "O5'" 1 
ATOM   59   C  "C5'" . C   A 1 3  ? 10.834  -0.244  -6.197  1.00 39.70  ? 3  C   A "C5'" 1 
ATOM   60   C  "C4'" . C   A 1 3  ? 9.590   0.571   -6.280  1.00 38.21  ? 3  C   A "C4'" 1 
ATOM   61   O  "O4'" . C   A 1 3  ? 8.926   0.517   -5.003  1.00 40.60  ? 3  C   A "O4'" 1 
ATOM   62   C  "C3'" . C   A 1 3  ? 9.817   2.045   -6.516  1.00 38.27  ? 3  C   A "C3'" 1 
ATOM   63   O  "O3'" . C   A 1 3  ? 9.917   2.286   -7.896  1.00 42.39  ? 3  C   A "O3'" 1 
ATOM   64   C  "C2'" . C   A 1 3  ? 8.549   2.657   -5.961  1.00 37.24  ? 3  C   A "C2'" 1 
ATOM   65   O  "O2'" . C   A 1 3  ? 7.502   2.496   -6.887  1.00 36.29  ? 3  C   A "O2'" 1 
ATOM   66   C  "C1'" . C   A 1 3  ? 8.304   1.761   -4.748  1.00 37.34  ? 3  C   A "C1'" 1 
ATOM   67   N  N1    . C   A 1 3  ? 8.840   2.292   -3.490  1.00 38.07  ? 3  C   A N1    1 
ATOM   68   C  C2    . C   A 1 3  ? 8.177   3.350   -2.894  1.00 40.50  ? 3  C   A C2    1 
ATOM   69   O  O2    . C   A 1 3  ? 7.153   3.768   -3.435  1.00 45.91  ? 3  C   A O2    1 
ATOM   70   N  N3    . C   A 1 3  ? 8.648   3.883   -1.744  1.00 40.39  ? 3  C   A N3    1 
ATOM   71   C  C4    . C   A 1 3  ? 9.737   3.369   -1.176  1.00 41.81  ? 3  C   A C4    1 
ATOM   72   N  N4    . C   A 1 3  ? 10.172  3.928   -0.039  1.00 42.70  ? 3  C   A N4    1 
ATOM   73   C  C5    . C   A 1 3  ? 10.435  2.260   -1.756  1.00 43.27  ? 3  C   A C5    1 
ATOM   74   C  C6    . C   A 1 3  ? 9.958   1.761   -2.906  1.00 39.91  ? 3  C   A C6    1 
ATOM   75   P  P     . C   A 1 4  ? 10.954  3.372   -8.411  1.00 49.19  ? 4  C   A P     1 
ATOM   76   O  OP1   . C   A 1 4  ? 11.099  3.262   -9.873  1.00 48.44  ? 4  C   A OP1   1 
ATOM   77   O  OP2   . C   A 1 4  ? 12.149  3.259   -7.542  1.00 50.63  ? 4  C   A OP2   1 
ATOM   78   O  "O5'" . C   A 1 4  ? 10.212  4.738   -8.103  1.00 45.07  ? 4  C   A "O5'" 1 
ATOM   79   C  "C5'" . C   A 1 4  ? 9.006   5.042   -8.764  1.00 50.76  ? 4  C   A "C5'" 1 
ATOM   80   C  "C4'" . C   A 1 4  ? 8.377   6.239   -8.134  1.00 49.90  ? 4  C   A "C4'" 1 
ATOM   81   O  "O4'" . C   A 1 4  ? 8.116   5.937   -6.752  1.00 48.03  ? 4  C   A "O4'" 1 
ATOM   82   C  "C3'" . C   A 1 4  ? 9.307   7.431   -8.064  1.00 50.71  ? 4  C   A "C3'" 1 
ATOM   83   O  "O3'" . C   A 1 4  ? 9.111   8.171   -9.247  1.00 59.69  ? 4  C   A "O3'" 1 
ATOM   84   C  "C2'" . C   A 1 4  ? 8.739   8.229   -6.911  1.00 45.16  ? 4  C   A "C2'" 1 
ATOM   85   O  "O2'" . C   A 1 4  ? 7.672   9.019   -7.377  1.00 39.71  ? 4  C   A "O2'" 1 
ATOM   86   C  "C1'" . C   A 1 4  ? 8.244   7.115   -5.987  1.00 40.67  ? 4  C   A "C1'" 1 
ATOM   87   N  N1    . C   A 1 4  ? 9.048   6.811   -4.798  1.00 37.52  ? 4  C   A N1    1 
ATOM   88   C  C2    . C   A 1 4  ? 8.866   7.599   -3.645  1.00 37.25  ? 4  C   A C2    1 
ATOM   89   O  O2    . C   A 1 4  ? 8.057   8.530   -3.678  1.00 36.96  ? 4  C   A O2    1 
ATOM   90   N  N3    . C   A 1 4  ? 9.580   7.324   -2.533  1.00 39.54  ? 4  C   A N3    1 
ATOM   91   C  C4    . C   A 1 4  ? 10.442  6.311   -2.534  1.00 41.68  ? 4  C   A C4    1 
ATOM   92   N  N4    . C   A 1 4  ? 11.138  6.092   -1.416  1.00 40.68  ? 4  C   A N4    1 
ATOM   93   C  C5    . C   A 1 4  ? 10.639  5.483   -3.691  1.00 41.67  ? 4  C   A C5    1 
ATOM   94   C  C6    . C   A 1 4  ? 9.928   5.768   -4.793  1.00 38.02  ? 4  C   A C6    1 
ATOM   95   P  P     . A   A 1 5  ? 10.306  9.036   -9.835  1.00 62.49  ? 5  A   A P     1 
ATOM   96   O  OP1   . A   A 1 5  ? 9.755   9.860   -10.950 1.00 64.92  ? 5  A   A OP1   1 
ATOM   97   O  OP2   . A   A 1 5  ? 11.421  8.088   -10.086 1.00 63.00  ? 5  A   A OP2   1 
ATOM   98   O  "O5'" . A   A 1 5  ? 10.712  9.966   -8.613  1.00 66.27  ? 5  A   A "O5'" 1 
ATOM   99   C  "C5'" . A   A 1 5  ? 9.869   11.025  -8.175  1.00 75.27  ? 5  A   A "C5'" 1 
ATOM   100  C  "C4'" . A   A 1 5  ? 10.688  12.050  -7.429  1.00 82.54  ? 5  A   A "C4'" 1 
ATOM   101  O  "O4'" . A   A 1 5  ? 11.129  11.442  -6.185  1.00 84.26  ? 5  A   A "O4'" 1 
ATOM   102  C  "C3'" . A   A 1 5  ? 11.977  12.408  -8.174  1.00 85.27  ? 5  A   A "C3'" 1 
ATOM   103  O  "O3'" . A   A 1 5  ? 12.409  13.766  -8.029  1.00 86.42  ? 5  A   A "O3'" 1 
ATOM   104  C  "C2'" . A   A 1 5  ? 12.982  11.401  -7.658  1.00 86.70  ? 5  A   A "C2'" 1 
ATOM   105  C  "C1'" . A   A 1 5  ? 12.528  11.153  -6.223  1.00 85.21  ? 5  A   A "C1'" 1 
ATOM   106  N  N9    . A   A 1 5  ? 12.705  9.745   -5.868  1.00 84.85  ? 5  A   A N9    1 
ATOM   107  C  C8    . A   A 1 5  ? 12.294  8.676   -6.624  1.00 84.69  ? 5  A   A C8    1 
ATOM   108  N  N7    . A   A 1 5  ? 12.638  7.517   -6.132  1.00 85.35  ? 5  A   A N7    1 
ATOM   109  C  C5    . A   A 1 5  ? 13.309  7.837   -4.958  1.00 84.33  ? 5  A   A C5    1 
ATOM   110  C  C6    . A   A 1 5  ? 13.941  7.040   -3.978  1.00 85.30  ? 5  A   A C6    1 
ATOM   111  N  N6    . A   A 1 5  ? 14.010  5.707   -4.042  1.00 86.43  ? 5  A   A N6    1 
ATOM   112  N  N1    . A   A 1 5  ? 14.516  7.666   -2.926  1.00 85.95  ? 5  A   A N1    1 
ATOM   113  C  C2    . A   A 1 5  ? 14.461  8.998   -2.875  1.00 85.52  ? 5  A   A C2    1 
ATOM   114  N  N3    . A   A 1 5  ? 13.906  9.856   -3.736  1.00 84.60  ? 5  A   A N3    1 
ATOM   115  C  C4    . A   A 1 5  ? 13.341  9.203   -4.769  1.00 84.11  ? 5  A   A C4    1 
ATOM   116  P  P     . G   A 1 6  ? 13.020  14.523  -9.313  1.00 89.35  ? 6  G   A P     1 
ATOM   117  O  OP1   . G   A 1 6  ? 11.920  14.563  -10.323 1.00 89.26  ? 6  G   A OP1   1 
ATOM   118  O  OP2   . G   A 1 6  ? 14.306  13.860  -9.659  1.00 87.49  ? 6  G   A OP2   1 
ATOM   119  O  "O5'" . G   A 1 6  ? 13.312  16.020  -8.821  1.00 90.65  ? 6  G   A "O5'" 1 
ATOM   120  C  "C5'" . G   A 1 6  ? 12.237  16.877  -8.429  1.00 85.80  ? 6  G   A "C5'" 1 
ATOM   121  C  "C4'" . G   A 1 6  ? 12.585  18.342  -8.606  1.00 82.65  ? 6  G   A "C4'" 1 
ATOM   122  O  "O4'" . G   A 1 6  ? 11.346  19.096  -8.514  1.00 80.77  ? 6  G   A "O4'" 1 
ATOM   123  C  "C3'" . G   A 1 6  ? 13.488  18.865  -7.492  1.00 81.69  ? 6  G   A "C3'" 1 
ATOM   124  O  "O3'" . G   A 1 6  ? 14.607  19.646  -7.921  1.00 81.51  ? 6  G   A "O3'" 1 
ATOM   125  C  "C2'" . G   A 1 6  ? 12.559  19.525  -6.481  1.00 81.75  ? 6  G   A "C2'" 1 
ATOM   126  O  "O2'" . G   A 1 6  ? 13.081  20.744  -6.010  1.00 85.46  ? 6  G   A "O2'" 1 
ATOM   127  C  "C1'" . G   A 1 6  ? 11.332  19.855  -7.330  1.00 82.87  ? 6  G   A "C1'" 1 
ATOM   128  N  N9    . G   A 1 6  ? 10.028  19.707  -6.667  1.00 83.38  ? 6  G   A N9    1 
ATOM   129  C  C8    . G   A 1 6  ? 8.792   20.040  -7.158  1.00 84.12  ? 6  G   A C8    1 
ATOM   130  N  N7    . G   A 1 6  ? 7.835   19.834  -6.290  1.00 84.26  ? 6  G   A N7    1 
ATOM   131  C  C5    . G   A 1 6  ? 8.482   19.326  -5.181  1.00 85.87  ? 6  G   A C5    1 
ATOM   132  C  C6    . G   A 1 6  ? 7.979   18.907  -3.923  1.00 87.40  ? 6  G   A C6    1 
ATOM   133  O  O6    . G   A 1 6  ? 6.813   18.890  -3.532  1.00 86.57  ? 6  G   A O6    1 
ATOM   134  N  N1    . G   A 1 6  ? 8.991   18.467  -3.085  1.00 90.14  ? 6  G   A N1    1 
ATOM   135  C  C2    . G   A 1 6  ? 10.332  18.425  -3.419  1.00 91.87  ? 6  G   A C2    1 
ATOM   136  N  N2    . G   A 1 6  ? 11.181  17.979  -2.475  1.00 94.05  ? 6  G   A N2    1 
ATOM   137  N  N3    . G   A 1 6  ? 10.808  18.801  -4.587  1.00 88.88  ? 6  G   A N3    1 
ATOM   138  C  C4    . G   A 1 6  ? 9.848   19.236  -5.408  1.00 85.68  ? 6  G   A C4    1 
ATOM   139  P  P     . U   A 1 7  ? 16.050  19.478  -7.220  1.00 85.73  ? 7  U   A P     1 
ATOM   140  O  OP1   . U   A 1 7  ? 16.868  20.626  -7.656  1.00 84.75  ? 7  U   A OP1   1 
ATOM   141  O  OP2   . U   A 1 7  ? 16.503  18.103  -7.515  1.00 86.98  ? 7  U   A OP2   1 
ATOM   142  O  "O5'" . U   A 1 7  ? 15.840  19.641  -5.648  1.00 84.57  ? 7  U   A "O5'" 1 
ATOM   143  C  "C5'" . U   A 1 7  ? 15.710  20.932  -5.079  1.00 86.04  ? 7  U   A "C5'" 1 
ATOM   144  C  "C4'" . U   A 1 7  ? 16.485  21.056  -3.785  1.00 86.94  ? 7  U   A "C4'" 1 
ATOM   145  O  "O4'" . U   A 1 7  ? 15.954  20.131  -2.804  1.00 87.18  ? 7  U   A "O4'" 1 
ATOM   146  C  "C3'" . U   A 1 7  ? 17.952  20.685  -3.847  1.00 87.10  ? 7  U   A "C3'" 1 
ATOM   147  O  "O3'" . U   A 1 7  ? 18.755  21.751  -4.284  1.00 92.19  ? 7  U   A "O3'" 1 
ATOM   148  C  "C2'" . U   A 1 7  ? 18.273  20.375  -2.399  1.00 85.92  ? 7  U   A "C2'" 1 
ATOM   149  O  "O2'" . U   A 1 7  ? 18.451  21.535  -1.625  1.00 80.00  ? 7  U   A "O2'" 1 
ATOM   150  C  "C1'" . U   A 1 7  ? 16.997  19.686  -1.950  1.00 87.92  ? 7  U   A "C1'" 1 
ATOM   151  N  N1    . U   A 1 7  ? 17.122  18.228  -2.042  1.00 91.56  ? 7  U   A N1    1 
ATOM   152  C  C2    . U   A 1 7  ? 17.602  17.564  -0.918  1.00 93.41  ? 7  U   A C2    1 
ATOM   153  O  O2    . U   A 1 7  ? 17.919  18.154  0.120   1.00 95.20  ? 7  U   A O2    1 
ATOM   154  N  N3    . U   A 1 7  ? 17.697  16.192  -1.048  1.00 93.98  ? 7  U   A N3    1 
ATOM   155  C  C4    . U   A 1 7  ? 17.363  15.431  -2.161  1.00 94.71  ? 7  U   A C4    1 
ATOM   156  O  O4    . U   A 1 7  ? 17.454  14.193  -2.105  1.00 96.09  ? 7  U   A O4    1 
ATOM   157  C  C5    . U   A 1 7  ? 16.884  16.201  -3.286  1.00 94.21  ? 7  U   A C5    1 
ATOM   158  C  C6    . U   A 1 7  ? 16.785  17.541  -3.186  1.00 92.05  ? 7  U   A C6    1 
ATOM   159  P  P     . C   A 1 8  ? 20.248  21.449  -4.785  1.00 97.22  ? 8  C   A P     1 
ATOM   160  O  OP1   . C   A 1 8  ? 20.957  22.742  -4.890  1.00 100.59 ? 8  C   A OP1   1 
ATOM   161  O  OP2   . C   A 1 8  ? 20.168  20.560  -5.965  1.00 95.47  ? 8  C   A OP2   1 
ATOM   162  O  "O5'" . C   A 1 8  ? 20.922  20.601  -3.619  1.00 97.98  ? 8  C   A "O5'" 1 
ATOM   163  C  "C5'" . C   A 1 8  ? 21.441  21.254  -2.470  1.00 97.09  ? 8  C   A "C5'" 1 
ATOM   164  C  "C4'" . C   A 1 8  ? 22.149  20.274  -1.551  1.00 96.45  ? 8  C   A "C4'" 1 
ATOM   165  O  "O4'" . C   A 1 8  ? 21.192  19.330  -0.996  1.00 93.39  ? 8  C   A "O4'" 1 
ATOM   166  C  "C3'" . C   A 1 8  ? 23.194  19.375  -2.181  1.00 95.79  ? 8  C   A "C3'" 1 
ATOM   167  O  "O3'" . C   A 1 8  ? 24.443  19.979  -2.313  1.00 101.75 ? 8  C   A "O3'" 1 
ATOM   168  C  "C2'" . C   A 1 8  ? 23.274  18.221  -1.201  1.00 93.00  ? 8  C   A "C2'" 1 
ATOM   169  O  "O2'" . C   A 1 8  ? 24.029  18.515  -0.041  1.00 88.99  ? 8  C   A "O2'" 1 
ATOM   170  C  "C1'" . C   A 1 8  ? 21.808  18.055  -0.841  1.00 91.82  ? 8  C   A "C1'" 1 
ATOM   171  N  N1    . C   A 1 8  ? 21.245  17.153  -1.834  1.00 88.71  ? 8  C   A N1    1 
ATOM   172  C  C2    . C   A 1 8  ? 21.433  15.775  -1.682  1.00 88.35  ? 8  C   A C2    1 
ATOM   173  O  O2    . C   A 1 8  ? 22.002  15.347  -0.660  1.00 88.93  ? 8  C   A O2    1 
ATOM   174  N  N3    . C   A 1 8  ? 20.986  14.946  -2.645  1.00 87.57  ? 8  C   A N3    1 
ATOM   175  C  C4    . C   A 1 8  ? 20.354  15.444  -3.712  1.00 86.98  ? 8  C   A C4    1 
ATOM   176  N  N4    . C   A 1 8  ? 19.939  14.590  -4.653  1.00 88.50  ? 8  C   A N4    1 
ATOM   177  C  C5    . C   A 1 8  ? 20.121  16.841  -3.869  1.00 86.50  ? 8  C   A C5    1 
ATOM   178  C  C6    . C   A 1 8  ? 20.578  17.648  -2.915  1.00 86.85  ? 8  C   A C6    1 
ATOM   179  P  P     . C   A 1 9  ? 25.460  19.371  -3.366  1.00 105.98 ? 9  C   A P     1 
ATOM   180  O  OP1   . C   A 1 9  ? 26.766  20.042  -3.171  1.00 105.95 ? 9  C   A OP1   1 
ATOM   181  O  OP2   . C   A 1 9  ? 24.768  19.433  -4.679  1.00 105.03 ? 9  C   A OP2   1 
ATOM   182  O  "O5'" . C   A 1 9  ? 25.609  17.848  -2.925  1.00 105.78 ? 9  C   A "O5'" 1 
ATOM   183  C  "C5'" . C   A 1 9  ? 26.379  17.500  -1.775  1.00 110.57 ? 9  C   A "C5'" 1 
ATOM   184  C  "C4'" . C   A 1 9  ? 26.866  16.067  -1.863  1.00 113.65 ? 9  C   A "C4'" 1 
ATOM   185  O  "O4'" . C   A 1 9  ? 25.715  15.180  -1.920  1.00 112.27 ? 9  C   A "O4'" 1 
ATOM   186  C  "C3'" . C   A 1 9  ? 27.656  15.698  -3.109  1.00 115.51 ? 9  C   A "C3'" 1 
ATOM   187  O  "O3'" . C   A 1 9  ? 29.026  16.023  -3.049  1.00 120.67 ? 9  C   A "O3'" 1 
ATOM   188  C  "C2'" . C   A 1 9  ? 27.469  14.195  -3.180  1.00 113.59 ? 9  C   A "C2'" 1 
ATOM   189  O  "O2'" . C   A 1 9  ? 28.319  13.505  -2.284  1.00 114.82 ? 9  C   A "O2'" 1 
ATOM   190  C  "C1'" . C   A 1 9  ? 26.011  14.064  -2.746  1.00 110.89 ? 9  C   A "C1'" 1 
ATOM   191  N  N1    . C   A 1 9  ? 25.138  14.101  -3.925  1.00 106.99 ? 9  C   A N1    1 
ATOM   192  C  C2    . C   A 1 9  ? 24.852  12.898  -4.568  1.00 106.54 ? 9  C   A C2    1 
ATOM   193  O  O2    . C   A 1 9  ? 25.290  11.838  -4.081  1.00 108.06 ? 9  C   A O2    1 
ATOM   194  N  N3    . C   A 1 9  ? 24.109  12.914  -5.697  1.00 104.74 ? 9  C   A N3    1 
ATOM   195  C  C4    . C   A 1 9  ? 23.634  14.068  -6.164  1.00 103.65 ? 9  C   A C4    1 
ATOM   196  N  N4    . C   A 1 9  ? 22.913  14.031  -7.284  1.00 104.89 ? 9  C   A N4    1 
ATOM   197  C  C5    . C   A 1 9  ? 23.885  15.309  -5.506  1.00 103.67 ? 9  C   A C5    1 
ATOM   198  C  C6    . C   A 1 9  ? 24.631  15.279  -4.396  1.00 105.17 ? 9  C   A C6    1 
ATOM   199  P  P     . A   A 1 10 ? 29.844  16.185  -4.420  1.00 123.49 ? 10 A   A P     1 
ATOM   200  O  OP1   . A   A 1 10 ? 31.217  16.612  -4.072  1.00 124.43 ? 10 A   A OP1   1 
ATOM   201  O  OP2   . A   A 1 10 ? 29.025  17.011  -5.348  1.00 123.61 ? 10 A   A OP2   1 
ATOM   202  O  "O5'" . A   A 1 10 ? 29.907  14.712  -5.026  1.00 125.88 ? 10 A   A "O5'" 1 
ATOM   203  C  "C5'" . A   A 1 10 ? 30.860  13.772  -4.547  1.00 128.32 ? 10 A   A "C5'" 1 
ATOM   204  C  "C4'" . A   A 1 10 ? 30.799  12.495  -5.353  1.00 129.85 ? 10 A   A "C4'" 1 
ATOM   205  O  "O4'" . A   A 1 10 ? 29.437  11.984  -5.312  1.00 128.93 ? 10 A   A "O4'" 1 
ATOM   206  C  "C3'" . A   A 1 10 ? 31.064  12.637  -6.846  1.00 131.32 ? 10 A   A "C3'" 1 
ATOM   207  O  "O3'" . A   A 1 10 ? 32.432  12.605  -7.198  1.00 135.12 ? 10 A   A "O3'" 1 
ATOM   208  C  "C2'" . A   A 1 10 ? 30.370  11.416  -7.420  1.00 130.00 ? 10 A   A "C2'" 1 
ATOM   209  O  "O2'" . A   A 1 10 ? 31.136  10.246  -7.245  1.00 131.18 ? 10 A   A "O2'" 1 
ATOM   210  C  "C1'" . A   A 1 10 ? 29.125  11.351  -6.547  1.00 127.66 ? 10 A   A "C1'" 1 
ATOM   211  N  N9    . A   A 1 10 ? 28.027  12.059  -7.198  1.00 124.80 ? 10 A   A N9    1 
ATOM   212  C  C8    . A   A 1 10 ? 27.560  13.335  -7.001  1.00 123.53 ? 10 A   A C8    1 
ATOM   213  N  N7    . A   A 1 10 ? 26.552  13.654  -7.775  1.00 122.65 ? 10 A   A N7    1 
ATOM   214  C  C5    . A   A 1 10 ? 26.342  12.509  -8.532  1.00 122.88 ? 10 A   A C5    1 
ATOM   215  C  C6    . A   A 1 10 ? 25.414  12.197  -9.535  1.00 122.88 ? 10 A   A C6    1 
ATOM   216  N  N6    . A   A 1 10 ? 24.491  13.046  -9.975  1.00 122.57 ? 10 A   A N6    1 
ATOM   217  N  N1    . A   A 1 10 ? 25.472  10.965  -10.085 1.00 122.61 ? 10 A   A N1    1 
ATOM   218  C  C2    . A   A 1 10 ? 26.407  10.113  -9.650  1.00 122.72 ? 10 A   A C2    1 
ATOM   219  N  N3    . A   A 1 10 ? 27.332  10.287  -8.716  1.00 123.18 ? 10 A   A N3    1 
ATOM   220  C  C4    . A   A 1 10 ? 27.242  11.521  -8.190  1.00 123.50 ? 10 A   A C4    1 
ATOM   221  P  P     . C   A 1 11 ? 32.845  12.897  -8.721  1.00 138.30 ? 11 C   A P     1 
ATOM   222  O  OP1   . C   A 1 11 ? 34.314  12.731  -8.861  1.00 139.79 ? 11 C   A OP1   1 
ATOM   223  O  OP2   . C   A 1 11 ? 32.204  14.174  -9.105  1.00 139.28 ? 11 C   A OP2   1 
ATOM   224  O  "O5'" . C   A 1 11 ? 32.119  11.760  -9.562  1.00 138.76 ? 11 C   A "O5'" 1 
ATOM   225  C  "C5'" . C   A 1 11 ? 32.669  10.456  -9.616  1.00 142.28 ? 11 C   A "C5'" 1 
ATOM   226  C  "C4'" . C   A 1 11 ? 32.163  9.724   -10.828 1.00 143.98 ? 11 C   A "C4'" 1 
ATOM   227  O  "O4'" . C   A 1 11 ? 30.729  9.528   -10.709 1.00 143.67 ? 11 C   A "O4'" 1 
ATOM   228  C  "C3'" . C   A 1 11 ? 32.301  10.495  -12.125 1.00 144.53 ? 11 C   A "C3'" 1 
ATOM   229  O  "O3'" . C   A 1 11 ? 33.593  10.372  -12.679 1.00 146.73 ? 11 C   A "O3'" 1 
ATOM   230  C  "C2'" . C   A 1 11 ? 31.244  9.850   -13.006 1.00 143.46 ? 11 C   A "C2'" 1 
ATOM   231  O  "O2'" . C   A 1 11 ? 31.659  8.631   -13.584 1.00 143.05 ? 11 C   A "O2'" 1 
ATOM   232  C  "C1'" . C   A 1 11 ? 30.136  9.590   -11.993 1.00 143.46 ? 11 C   A "C1'" 1 
ATOM   233  N  N1    . C   A 1 11 ? 29.162  10.668  -11.994 1.00 143.74 ? 11 C   A N1    1 
ATOM   234  C  C2    . C   A 1 11 ? 28.123  10.614  -12.914 1.00 143.92 ? 11 C   A C2    1 
ATOM   235  O  O2    . C   A 1 11 ? 28.063  9.643   -13.691 1.00 143.70 ? 11 C   A O2    1 
ATOM   236  N  N3    . C   A 1 11 ? 27.210  11.603  -12.936 1.00 143.85 ? 11 C   A N3    1 
ATOM   237  C  C4    . C   A 1 11 ? 27.318  12.620  -12.085 1.00 144.00 ? 11 C   A C4    1 
ATOM   238  N  N4    . C   A 1 11 ? 26.392  13.571  -12.139 1.00 144.57 ? 11 C   A N4    1 
ATOM   239  C  C5    . C   A 1 11 ? 28.376  12.705  -11.133 1.00 144.08 ? 11 C   A C5    1 
ATOM   240  C  C6    . C   A 1 11 ? 29.268  11.714  -11.125 1.00 143.51 ? 11 C   A C6    1 
ATOM   241  P  P     . C   A 1 12 ? 34.010  11.327  -13.894 1.00 148.12 ? 12 C   A P     1 
ATOM   242  O  OP1   . C   A 1 12 ? 35.344  10.896  -14.390 1.00 148.25 ? 12 C   A OP1   1 
ATOM   243  O  OP2   . C   A 1 12 ? 33.804  12.728  -13.443 1.00 147.13 ? 12 C   A OP2   1 
ATOM   244  O  "O5'" . C   A 1 12 ? 32.920  11.003  -15.005 1.00 145.88 ? 12 C   A "O5'" 1 
ATOM   245  C  "C5'" . C   A 1 12 ? 32.955  9.771   -15.713 1.00 144.31 ? 12 C   A "C5'" 1 
ATOM   246  C  "C4'" . C   A 1 12 ? 32.064  9.848   -16.918 1.00 143.81 ? 12 C   A "C4'" 1 
ATOM   247  O  "O4'" . C   A 1 12 ? 30.677  9.874   -16.500 1.00 143.95 ? 12 C   A "O4'" 1 
ATOM   248  C  "C3'" . C   A 1 12 ? 32.228  11.128  -17.711 1.00 144.20 ? 12 C   A "C3'" 1 
ATOM   249  O  "O3'" . C   A 1 12 ? 33.339  11.032  -18.582 1.00 146.43 ? 12 C   A "O3'" 1 
ATOM   250  C  "C2'" . C   A 1 12 ? 30.896  11.229  -18.441 1.00 143.69 ? 12 C   A "C2'" 1 
ATOM   251  O  "O2'" . C   A 1 12 ? 30.808  10.409  -19.591 1.00 144.14 ? 12 C   A "O2'" 1 
ATOM   252  C  "C1'" . C   A 1 12 ? 29.935  10.702  -17.378 1.00 142.60 ? 12 C   A "C1'" 1 
ATOM   253  N  N1    . C   A 1 12 ? 29.312  11.769  -16.593 1.00 141.10 ? 12 C   A N1    1 
ATOM   254  C  C2    . C   A 1 12 ? 28.147  12.363  -17.088 1.00 140.07 ? 12 C   A C2    1 
ATOM   255  O  O2    . C   A 1 12 ? 27.705  11.990  -18.192 1.00 139.58 ? 12 C   A O2    1 
ATOM   256  N  N3    . C   A 1 12 ? 27.535  13.318  -16.360 1.00 139.45 ? 12 C   A N3    1 
ATOM   257  C  C4    . C   A 1 12 ? 28.050  13.692  -15.189 1.00 139.24 ? 12 C   A C4    1 
ATOM   258  N  N4    . C   A 1 12 ? 27.393  14.618  -14.494 1.00 137.91 ? 12 C   A N4    1 
ATOM   259  C  C5    . C   A 1 12 ? 29.253  13.126  -14.672 1.00 139.80 ? 12 C   A C5    1 
ATOM   260  C  C6    . C   A 1 12 ? 29.845  12.176  -15.401 1.00 140.60 ? 12 C   A C6    1 
ATOM   261  P  P     . G   A 1 13 ? 34.005  12.370  -19.157 1.00 148.23 ? 13 G   A P     1 
ATOM   262  O  OP1   . G   A 1 13 ? 35.303  11.999  -19.779 1.00 148.92 ? 13 G   A OP1   1 
ATOM   263  O  OP2   . G   A 1 13 ? 33.977  13.375  -18.063 1.00 146.94 ? 13 G   A OP2   1 
ATOM   264  O  "O5'" . G   A 1 13 ? 32.982  12.823  -20.293 1.00 147.02 ? 13 G   A "O5'" 1 
ATOM   265  C  "C5'" . G   A 1 13 ? 32.584  11.913  -21.320 1.00 145.52 ? 13 G   A "C5'" 1 
ATOM   266  C  "C4'" . G   A 1 13 ? 31.340  12.409  -22.021 1.00 145.57 ? 13 G   A "C4'" 1 
ATOM   267  O  "O4'" . G   A 1 13 ? 30.234  12.463  -21.079 1.00 145.18 ? 13 G   A "O4'" 1 
ATOM   268  C  "C3'" . G   A 1 13 ? 31.435  13.836  -22.535 1.00 145.81 ? 13 G   A "C3'" 1 
ATOM   269  O  "O3'" . G   A 1 13 ? 32.180  13.944  -23.746 1.00 147.57 ? 13 G   A "O3'" 1 
ATOM   270  C  "C2'" . G   A 1 13 ? 29.975  14.257  -22.625 1.00 145.46 ? 13 G   A "C2'" 1 
ATOM   271  O  "O2'" . G   A 1 13 ? 29.320  13.782  -23.784 1.00 146.67 ? 13 G   A "O2'" 1 
ATOM   272  C  "C1'" . G   A 1 13 ? 29.391  13.558  -21.398 1.00 144.40 ? 13 G   A "C1'" 1 
ATOM   273  N  N9    . G   A 1 13 ? 29.283  14.437  -20.238 1.00 142.69 ? 13 G   A N9    1 
ATOM   274  C  C8    . G   A 1 13 ? 30.129  14.518  -19.156 1.00 142.50 ? 13 G   A C8    1 
ATOM   275  N  N7    . G   A 1 13 ? 29.752  15.414  -18.282 1.00 142.26 ? 13 G   A N7    1 
ATOM   276  C  C5    . G   A 1 13 ? 28.592  15.956  -18.823 1.00 142.00 ? 13 G   A C5    1 
ATOM   277  C  C6    . G   A 1 13 ? 27.730  16.976  -18.331 1.00 141.53 ? 13 G   A C6    1 
ATOM   278  O  O6    . G   A 1 13 ? 27.828  17.631  -17.291 1.00 141.13 ? 13 G   A O6    1 
ATOM   279  N  N1    . G   A 1 13 ? 26.664  17.206  -19.193 1.00 140.78 ? 13 G   A N1    1 
ATOM   280  C  C2    . G   A 1 13 ? 26.452  16.549  -20.378 1.00 141.08 ? 13 G   A C2    1 
ATOM   281  N  N2    . G   A 1 13 ? 25.356  16.910  -21.062 1.00 141.00 ? 13 G   A N2    1 
ATOM   282  N  N3    . G   A 1 13 ? 27.249  15.605  -20.853 1.00 141.50 ? 13 G   A N3    1 
ATOM   283  C  C4    . G   A 1 13 ? 28.291  15.361  -20.030 1.00 142.07 ? 13 G   A C4    1 
ATOM   284  O  "O5'" . C   B 2 1  ? 20.813  23.322  -16.428 1.00 141.43 ? 2  C   B "O5'" 1 
ATOM   285  C  "C5'" . C   B 2 1  ? 19.946  23.771  -17.468 1.00 141.98 ? 2  C   B "C5'" 1 
ATOM   286  C  "C4'" . C   B 2 1  ? 20.185  23.097  -18.801 1.00 142.43 ? 2  C   B "C4'" 1 
ATOM   287  O  "O4'" . C   B 2 1  ? 21.572  23.309  -19.198 1.00 142.67 ? 2  C   B "O4'" 1 
ATOM   288  C  "C3'" . C   B 2 1  ? 20.022  21.580  -18.838 1.00 143.32 ? 2  C   B "C3'" 1 
ATOM   289  O  "O3'" . C   B 2 1  ? 18.675  21.131  -18.964 1.00 141.74 ? 2  C   B "O3'" 1 
ATOM   290  C  "C2'" . C   B 2 1  ? 20.876  21.200  -20.042 1.00 143.59 ? 2  C   B "C2'" 1 
ATOM   291  O  "O2'" . C   B 2 1  ? 20.236  21.416  -21.288 1.00 143.24 ? 2  C   B "O2'" 1 
ATOM   292  C  "C1'" . C   B 2 1  ? 22.059  22.154  -19.873 1.00 142.76 ? 2  C   B "C1'" 1 
ATOM   293  N  N1    . C   B 2 1  ? 23.086  21.511  -19.038 1.00 141.73 ? 2  C   B N1    1 
ATOM   294  C  C2    . C   B 2 1  ? 23.845  20.473  -19.590 1.00 141.41 ? 2  C   B C2    1 
ATOM   295  O  O2    . C   B 2 1  ? 23.659  20.158  -20.771 1.00 141.24 ? 2  C   B O2    1 
ATOM   296  N  N3    . C   B 2 1  ? 24.756  19.840  -18.827 1.00 141.38 ? 2  C   B N3    1 
ATOM   297  C  C4    . C   B 2 1  ? 24.930  20.207  -17.560 1.00 141.02 ? 2  C   B C4    1 
ATOM   298  N  N4    . C   B 2 1  ? 25.831  19.538  -16.844 1.00 140.58 ? 2  C   B N4    1 
ATOM   299  C  C5    . C   B 2 1  ? 24.188  21.272  -16.972 1.00 140.47 ? 2  C   B C5    1 
ATOM   300  C  C6    . C   B 2 1  ? 23.285  21.893  -17.742 1.00 140.96 ? 2  C   B C6    1 
ATOM   301  P  P     . G   B 2 2  ? 18.246  19.707  -18.332 1.00 138.53 ? 3  G   B P     1 
ATOM   302  O  OP1   . G   B 2 2  ? 16.807  19.496  -18.643 1.00 138.89 ? 3  G   B OP1   1 
ATOM   303  O  OP2   . G   B 2 2  ? 18.712  19.665  -16.920 1.00 137.31 ? 3  G   B OP2   1 
ATOM   304  O  "O5'" . G   B 2 2  ? 19.085  18.629  -19.152 1.00 137.42 ? 3  G   B "O5'" 1 
ATOM   305  C  "C5'" . G   B 2 2  ? 18.652  18.213  -20.441 1.00 138.30 ? 3  G   B "C5'" 1 
ATOM   306  C  "C4'" . G   B 2 2  ? 19.393  16.975  -20.865 1.00 138.34 ? 3  G   B "C4'" 1 
ATOM   307  O  "O4'" . G   B 2 2  ? 20.811  17.282  -20.875 1.00 137.64 ? 3  G   B "O4'" 1 
ATOM   308  C  "C3'" . G   B 2 2  ? 19.291  15.777  -19.929 1.00 138.92 ? 3  G   B "C3'" 1 
ATOM   309  O  "O3'" . G   B 2 2  ? 18.098  15.009  -20.102 1.00 139.11 ? 3  G   B "O3'" 1 
ATOM   310  C  "C2'" . G   B 2 2  ? 20.550  15.000  -20.286 1.00 138.34 ? 3  G   B "C2'" 1 
ATOM   311  O  "O2'" . G   B 2 2  ? 20.451  14.270  -21.492 1.00 139.51 ? 3  G   B "O2'" 1 
ATOM   312  C  "C1'" . G   B 2 2  ? 21.545  16.141  -20.477 1.00 136.97 ? 3  G   B "C1'" 1 
ATOM   313  N  N9    . G   B 2 2  ? 22.173  16.407  -19.197 1.00 136.22 ? 3  G   B N9    1 
ATOM   314  C  C8    . G   B 2 2  ? 21.899  17.407  -18.296 1.00 136.00 ? 3  G   B C8    1 
ATOM   315  N  N7    . G   B 2 2  ? 22.620  17.325  -17.215 1.00 136.04 ? 3  G   B N7    1 
ATOM   316  C  C5    . G   B 2 2  ? 23.422  16.211  -17.428 1.00 136.69 ? 3  G   B C5    1 
ATOM   317  C  C6    . G   B 2 2  ? 24.406  15.615  -16.609 1.00 136.91 ? 3  G   B C6    1 
ATOM   318  O  O6    . G   B 2 2  ? 24.783  15.959  -15.492 1.00 136.94 ? 3  G   B O6    1 
ATOM   319  N  N1    . G   B 2 2  ? 24.970  14.497  -17.217 1.00 137.50 ? 3  G   B N1    1 
ATOM   320  C  C2    . G   B 2 2  ? 24.624  14.010  -18.452 1.00 138.07 ? 3  G   B C2    1 
ATOM   321  N  N2    . G   B 2 2  ? 25.270  12.908  -18.868 1.00 138.16 ? 3  G   B N2    1 
ATOM   322  N  N3    . G   B 2 2  ? 23.709  14.559  -19.222 1.00 137.78 ? 3  G   B N3    1 
ATOM   323  C  C4    . G   B 2 2  ? 23.155  15.647  -18.649 1.00 136.91 ? 3  G   B C4    1 
ATOM   324  P  P     . G   B 2 3  ? 17.632  13.987  -18.940 1.00 138.67 ? 4  G   B P     1 
ATOM   325  O  OP1   . G   B 2 3  ? 16.340  13.367  -19.346 1.00 140.69 ? 4  G   B OP1   1 
ATOM   326  O  OP2   . G   B 2 3  ? 17.743  14.665  -17.622 1.00 139.56 ? 4  G   B OP2   1 
ATOM   327  O  "O5'" . G   B 2 3  ? 18.740  12.853  -18.970 1.00 136.01 ? 4  G   B "O5'" 1 
ATOM   328  C  "C5'" . G   B 2 3  ? 18.977  12.141  -20.166 1.00 130.38 ? 4  G   B "C5'" 1 
ATOM   329  C  "C4'" . G   B 2 3  ? 20.058  11.133  -19.952 1.00 127.34 ? 4  G   B "C4'" 1 
ATOM   330  O  "O4'" . G   B 2 3  ? 21.321  11.819  -19.744 1.00 121.45 ? 4  G   B "O4'" 1 
ATOM   331  C  "C3'" . G   B 2 3  ? 19.887  10.325  -18.682 1.00 128.08 ? 4  G   B "C3'" 1 
ATOM   332  O  "O3'" . G   B 2 3  ? 18.938  9.285   -18.835 1.00 132.64 ? 4  G   B "O3'" 1 
ATOM   333  C  "C2'" . G   B 2 3  ? 21.308  9.843   -18.422 1.00 124.42 ? 4  G   B "C2'" 1 
ATOM   334  O  "O2'" . G   B 2 3  ? 21.714  8.745   -19.219 1.00 127.15 ? 4  G   B "O2'" 1 
ATOM   335  C  "C1'" . G   B 2 3  ? 22.105  11.082  -18.823 1.00 117.67 ? 4  G   B "C1'" 1 
ATOM   336  N  N9    . G   B 2 3  ? 22.314  11.883  -17.634 1.00 110.82 ? 4  G   B N9    1 
ATOM   337  C  C8    . G   B 2 3  ? 21.582  12.953  -17.180 1.00 109.47 ? 4  G   B C8    1 
ATOM   338  N  N7    . G   B 2 3  ? 22.016  13.413  -16.040 1.00 108.69 ? 4  G   B N7    1 
ATOM   339  C  C5    . G   B 2 3  ? 23.101  12.602  -15.735 1.00 106.13 ? 4  G   B C5    1 
ATOM   340  C  C6    . G   B 2 3  ? 23.984  12.606  -14.622 1.00 104.02 ? 4  G   B C6    1 
ATOM   341  O  O6    . G   B 2 3  ? 23.980  13.343  -13.639 1.00 104.35 ? 4  G   B O6    1 
ATOM   342  N  N1    . G   B 2 3  ? 24.946  11.615  -14.728 1.00 102.11 ? 4  G   B N1    1 
ATOM   343  C  C2    . G   B 2 3  ? 25.051  10.725  -15.762 1.00 102.71 ? 4  G   B C2    1 
ATOM   344  N  N2    . G   B 2 3  ? 26.053  9.843   -15.685 1.00 102.88 ? 4  G   B N2    1 
ATOM   345  N  N3    . G   B 2 3  ? 24.238  10.702  -16.797 1.00 104.46 ? 4  G   B N3    1 
ATOM   346  C  C4    . G   B 2 3  ? 23.297  11.662  -16.716 1.00 107.12 ? 4  G   B C4    1 
ATOM   347  P  P     . U   B 2 4  ? 18.407  8.510   -17.538 1.00 134.72 ? 5  U   B P     1 
ATOM   348  O  OP1   . U   B 2 4  ? 17.127  7.835   -17.882 1.00 136.88 ? 5  U   B OP1   1 
ATOM   349  O  OP2   . U   B 2 4  ? 18.457  9.454   -16.393 1.00 135.13 ? 5  U   B OP2   1 
ATOM   350  O  "O5'" . U   B 2 4  ? 19.525  7.409   -17.298 1.00 132.51 ? 5  U   B "O5'" 1 
ATOM   351  C  "C5'" . U   B 2 4  ? 19.708  6.852   -16.023 1.00 130.75 ? 5  U   B "C5'" 1 
ATOM   352  C  "C4'" . U   B 2 4  ? 21.150  6.523   -15.816 1.00 130.50 ? 5  U   B "C4'" 1 
ATOM   353  O  "O4'" . U   B 2 4  ? 21.959  7.676   -16.129 1.00 131.15 ? 5  U   B "O4'" 1 
ATOM   354  C  "C3'" . U   B 2 4  ? 21.497  6.204   -14.385 1.00 131.04 ? 5  U   B "C3'" 1 
ATOM   355  O  "O3'" . U   B 2 4  ? 21.136  4.886   -14.089 1.00 129.79 ? 5  U   B "O3'" 1 
ATOM   356  C  "C2'" . U   B 2 4  ? 22.979  6.505   -14.337 1.00 131.41 ? 5  U   B "C2'" 1 
ATOM   357  O  "O2'" . U   B 2 4  ? 23.788  5.483   -14.879 1.00 129.11 ? 5  U   B "O2'" 1 
ATOM   358  C  "C1'" . U   B 2 4  ? 23.026  7.763   -15.201 1.00 134.23 ? 5  U   B "C1'" 1 
ATOM   359  N  N1    . U   B 2 4  ? 22.737  8.907   -14.335 1.00 137.65 ? 5  U   B N1    1 
ATOM   360  C  C2    . U   B 2 4  ? 23.621  9.166   -13.310 1.00 139.09 ? 5  U   B C2    1 
ATOM   361  O  O2    . U   B 2 4  ? 24.619  8.490   -13.112 1.00 139.77 ? 5  U   B O2    1 
ATOM   362  N  N3    . U   B 2 4  ? 23.288  10.232  -12.517 1.00 139.70 ? 5  U   B N3    1 
ATOM   363  C  C4    . U   B 2 4  ? 22.182  11.042  -12.643 1.00 139.53 ? 5  U   B C4    1 
ATOM   364  O  O4    . U   B 2 4  ? 22.010  11.953  -11.837 1.00 140.16 ? 5  U   B O4    1 
ATOM   365  C  C5    . U   B 2 4  ? 21.316  10.709  -13.735 1.00 138.95 ? 5  U   B C5    1 
ATOM   366  C  C6    . U   B 2 4  ? 21.621  9.681   -14.528 1.00 138.05 ? 5  U   B C6    1 
ATOM   367  P  P     . G   B 2 5  ? 19.892  4.640   -13.126 1.00 126.90 ? 6  G   B P     1 
ATOM   368  O  OP1   . G   B 2 5  ? 19.189  3.435   -13.638 1.00 127.73 ? 6  G   B OP1   1 
ATOM   369  O  OP2   . G   B 2 5  ? 19.164  5.933   -13.031 1.00 126.45 ? 6  G   B OP2   1 
ATOM   370  O  "O5'" . G   B 2 5  ? 20.597  4.331   -11.733 1.00 122.18 ? 6  G   B "O5'" 1 
ATOM   371  C  "C5'" . G   B 2 5  ? 21.553  3.288   -11.650 1.00 116.99 ? 6  G   B "C5'" 1 
ATOM   372  C  "C4'" . G   B 2 5  ? 22.640  3.644   -10.678 1.00 113.18 ? 6  G   B "C4'" 1 
ATOM   373  O  "O4'" . G   B 2 5  ? 23.369  4.796   -11.167 1.00 110.68 ? 6  G   B "O4'" 1 
ATOM   374  C  "C3'" . G   B 2 5  ? 22.149  4.089   -9.317  1.00 112.02 ? 6  G   B "C3'" 1 
ATOM   375  O  "O3'" . G   B 2 5  ? 21.851  2.991   -8.490  1.00 112.30 ? 6  G   B "O3'" 1 
ATOM   376  C  "C2'" . G   B 2 5  ? 23.325  4.895   -8.795  1.00 110.54 ? 6  G   B "C2'" 1 
ATOM   377  O  "O2'" . G   B 2 5  ? 24.363  4.096   -8.262  1.00 111.33 ? 6  G   B "O2'" 1 
ATOM   378  C  "C1'" . G   B 2 5  ? 23.780  5.594   -10.070 1.00 109.02 ? 6  G   B "C1'" 1 
ATOM   379  N  N9    . G   B 2 5  ? 23.109  6.880   -10.167 1.00 107.61 ? 6  G   B N9    1 
ATOM   380  C  C8    . G   B 2 5  ? 22.196  7.276   -11.108 1.00 107.75 ? 6  G   B C8    1 
ATOM   381  N  N7    . G   B 2 5  ? 21.758  8.488   -10.908 1.00 107.82 ? 6  G   B N7    1 
ATOM   382  C  C5    . G   B 2 5  ? 22.426  8.916   -9.766  1.00 106.90 ? 6  G   B C5    1 
ATOM   383  C  C6    . G   B 2 5  ? 22.361  10.150  -9.057  1.00 106.48 ? 6  G   B C6    1 
ATOM   384  O  O6    . G   B 2 5  ? 21.673  11.143  -9.300  1.00 106.48 ? 6  G   B O6    1 
ATOM   385  N  N1    . G   B 2 5  ? 23.208  10.153  -7.957  1.00 106.11 ? 6  G   B N1    1 
ATOM   386  C  C2    . G   B 2 5  ? 24.008  9.109   -7.578  1.00 106.80 ? 6  G   B C2    1 
ATOM   387  N  N2    . G   B 2 5  ? 24.748  9.304   -6.480  1.00 107.20 ? 6  G   B N2    1 
ATOM   388  N  N3    . G   B 2 5  ? 24.079  7.959   -8.225  1.00 106.88 ? 6  G   B N3    1 
ATOM   389  C  C4    . G   B 2 5  ? 23.266  7.932   -9.301  1.00 106.85 ? 6  G   B C4    1 
ATOM   390  P  P     . A   B 2 6  ? 20.647  3.109   -7.449  1.00 111.90 ? 7  A   B P     1 
ATOM   391  O  OP1   . A   B 2 6  ? 20.324  1.743   -6.969  1.00 115.04 ? 7  A   B OP1   1 
ATOM   392  O  OP2   . A   B 2 6  ? 19.599  3.927   -8.119  1.00 110.73 ? 7  A   B OP2   1 
ATOM   393  O  "O5'" . A   B 2 6  ? 21.265  3.930   -6.233  1.00 108.67 ? 7  A   B "O5'" 1 
ATOM   394  C  "C5'" . A   B 2 6  ? 22.439  3.483   -5.555  1.00 107.51 ? 7  A   B "C5'" 1 
ATOM   395  C  "C4'" . A   B 2 6  ? 22.936  4.575   -4.650  1.00 107.24 ? 7  A   B "C4'" 1 
ATOM   396  O  "O4'" . A   B 2 6  ? 23.323  5.706   -5.459  1.00 107.39 ? 7  A   B "O4'" 1 
ATOM   397  C  "C3'" . A   B 2 6  ? 21.915  5.133   -3.682  1.00 107.06 ? 7  A   B "C3'" 1 
ATOM   398  O  "O3'" . A   B 2 6  ? 21.871  4.353   -2.509  1.00 105.95 ? 7  A   B "O3'" 1 
ATOM   399  C  "C2'" . A   B 2 6  ? 22.448  6.531   -3.427  1.00 106.95 ? 7  A   B "C2'" 1 
ATOM   400  O  "O2'" . A   B 2 6  ? 23.544  6.567   -2.539  1.00 109.20 ? 7  A   B "O2'" 1 
ATOM   401  C  "C1'" . A   B 2 6  ? 22.929  6.903   -4.822  1.00 106.34 ? 7  A   B "C1'" 1 
ATOM   402  N  N9    . A   B 2 6  ? 21.835  7.430   -5.615  1.00 106.95 ? 7  A   B N9    1 
ATOM   403  C  C8    . A   B 2 6  ? 20.994  6.722   -6.433  1.00 107.60 ? 7  A   B C8    1 
ATOM   404  N  N7    . A   B 2 6  ? 20.140  7.465   -7.085  1.00 108.67 ? 7  A   B N7    1 
ATOM   405  C  C5    . A   B 2 6  ? 20.430  8.752   -6.653  1.00 108.12 ? 7  A   B C5    1 
ATOM   406  C  C6    . A   B 2 6  ? 19.891  10.004  -6.987  1.00 108.04 ? 7  A   B C6    1 
ATOM   407  N  N6    . A   B 2 6  ? 18.910  10.178  -7.883  1.00 108.47 ? 7  A   B N6    1 
ATOM   408  N  N1    . A   B 2 6  ? 20.408  11.088  -6.370  1.00 107.81 ? 7  A   B N1    1 
ATOM   409  C  C2    . A   B 2 6  ? 21.400  10.913  -5.482  1.00 108.24 ? 7  A   B C2    1 
ATOM   410  N  N3    . A   B 2 6  ? 21.992  9.789   -5.094  1.00 108.61 ? 7  A   B N3    1 
ATOM   411  C  C4    . A   B 2 6  ? 21.455  8.737   -5.728  1.00 108.13 ? 7  A   B C4    1 
ATOM   412  P  P     . G   B 2 7  ? 20.456  4.067   -1.813  1.00 104.91 ? 8  G   B P     1 
ATOM   413  O  OP1   . G   B 2 7  ? 20.691  3.119   -0.688  1.00 107.25 ? 8  G   B OP1   1 
ATOM   414  O  OP2   . G   B 2 7  ? 19.497  3.707   -2.900  1.00 103.99 ? 8  G   B OP2   1 
ATOM   415  O  "O5'" . G   B 2 7  ? 20.038  5.489   -1.224  1.00 103.38 ? 8  G   B "O5'" 1 
ATOM   416  C  "C5'" . G   B 2 7  ? 20.976  6.291   -0.506  1.00 99.35  ? 8  G   B "C5'" 1 
ATOM   417  C  "C4'" . G   B 2 7  ? 20.560  7.741   -0.559  1.00 96.26  ? 8  G   B "C4'" 1 
ATOM   418  O  "O4'" . G   B 2 7  ? 20.613  8.205   -1.926  1.00 97.37  ? 8  G   B "O4'" 1 
ATOM   419  C  "C3'" . G   B 2 7  ? 19.140  8.031   -0.108  1.00 93.25  ? 8  G   B "C3'" 1 
ATOM   420  O  "O3'" . G   B 2 7  ? 19.133  8.251   1.284   1.00 85.54  ? 8  G   B "O3'" 1 
ATOM   421  C  "C2'" . G   B 2 7  ? 18.818  9.323   -0.839  1.00 95.36  ? 8  G   B "C2'" 1 
ATOM   422  O  "O2'" . G   B 2 7  ? 19.373  10.461  -0.204  1.00 99.40  ? 8  G   B "O2'" 1 
ATOM   423  C  "C1'" . G   B 2 7  ? 19.533  9.086   -2.167  1.00 96.28  ? 8  G   B "C1'" 1 
ATOM   424  N  N9    . G   B 2 7  ? 18.706  8.447   -3.176  1.00 93.80  ? 8  G   B N9    1 
ATOM   425  C  C8    . G   B 2 7  ? 18.684  7.114   -3.494  1.00 93.96  ? 8  G   B C8    1 
ATOM   426  N  N7    . G   B 2 7  ? 17.926  6.849   -4.521  1.00 94.12  ? 8  G   B N7    1 
ATOM   427  C  C5    . G   B 2 7  ? 17.402  8.079   -4.882  1.00 93.10  ? 8  G   B C5    1 
ATOM   428  C  C6    . G   B 2 7  ? 16.531  8.436   -5.951  1.00 93.00  ? 8  G   B C6    1 
ATOM   429  O  O6    . G   B 2 7  ? 16.046  7.709   -6.838  1.00 92.69  ? 8  G   B O6    1 
ATOM   430  N  N1    . G   B 2 7  ? 16.249  9.794   -5.936  1.00 91.98  ? 8  G   B N1    1 
ATOM   431  C  C2    . G   B 2 7  ? 16.743  10.695  -5.024  1.00 91.49  ? 8  G   B C2    1 
ATOM   432  N  N2    . G   B 2 7  ? 16.350  11.958  -5.177  1.00 91.63  ? 8  G   B N2    1 
ATOM   433  N  N3    . G   B 2 7  ? 17.560  10.380  -4.039  1.00 91.47  ? 8  G   B N3    1 
ATOM   434  C  C4    . G   B 2 7  ? 17.848  9.071   -4.033  1.00 92.86  ? 8  G   B C4    1 
ATOM   435  P  P     . A   B 2 8  ? 17.758  8.144   2.073   1.00 80.48  ? 9  A   B P     1 
ATOM   436  O  OP1   . A   B 2 8  ? 17.931  7.164   3.165   1.00 83.00  ? 9  A   B OP1   1 
ATOM   437  O  OP2   . A   B 2 8  ? 16.722  7.924   1.027   1.00 80.84  ? 9  A   B OP2   1 
ATOM   438  O  "O5'" . A   B 2 8  ? 17.590  9.568   2.757   1.00 78.79  ? 9  A   B "O5'" 1 
ATOM   439  C  "C5'" . A   B 2 8  ? 18.499  10.009  3.757   1.00 76.05  ? 9  A   B "C5'" 1 
ATOM   440  C  "C4'" . A   B 2 8  ? 18.141  11.407  4.158   1.00 74.93  ? 9  A   B "C4'" 1 
ATOM   441  O  "O4'" . A   B 2 8  ? 18.347  12.292  3.039   1.00 71.51  ? 9  A   B "O4'" 1 
ATOM   442  C  "C3'" . A   B 2 8  ? 16.689  11.578  4.536   1.00 71.16  ? 9  A   B "C3'" 1 
ATOM   443  O  "O3'" . A   B 2 8  ? 16.617  11.319  5.918   1.00 75.13  ? 9  A   B "O3'" 1 
ATOM   444  C  "C2'" . A   B 2 8  ? 16.448  13.047  4.246   1.00 68.84  ? 9  A   B "C2'" 1 
ATOM   445  O  "O2'" . A   B 2 8  ? 16.879  13.897  5.279   1.00 69.32  ? 9  A   B "O2'" 1 
ATOM   446  C  "C1'" . A   B 2 8  ? 17.323  13.254  3.013   1.00 68.22  ? 9  A   B "C1'" 1 
ATOM   447  N  N9    . A   B 2 8  ? 16.596  13.028  1.786   1.00 67.63  ? 9  A   B N9    1 
ATOM   448  C  C8    . A   B 2 8  ? 16.621  11.936  0.960   1.00 69.24  ? 9  A   B C8    1 
ATOM   449  N  N7    . A   B 2 8  ? 15.857  12.057  -0.094  1.00 67.59  ? 9  A   B N7    1 
ATOM   450  C  C5    . A   B 2 8  ? 15.292  13.310  0.056   1.00 66.71  ? 9  A   B C5    1 
ATOM   451  C  C6    . A   B 2 8  ? 14.395  14.034  -0.722  1.00 66.71  ? 9  A   B C6    1 
ATOM   452  N  N6    . A   B 2 8  ? 13.886  13.602  -1.867  1.00 67.14  ? 9  A   B N6    1 
ATOM   453  N  N1    . A   B 2 8  ? 14.030  15.248  -0.279  1.00 67.69  ? 9  A   B N1    1 
ATOM   454  C  C2    . A   B 2 8  ? 14.554  15.701  0.875   1.00 70.30  ? 9  A   B C2    1 
ATOM   455  N  N3    . A   B 2 8  ? 15.414  15.114  1.691   1.00 69.50  ? 9  A   B N3    1 
ATOM   456  C  C4    . A   B 2 8  ? 15.740  13.910  1.215   1.00 67.84  ? 9  A   B C4    1 
ATOM   457  P  P     . A   B 2 9  ? 15.195  11.180  6.619   1.00 80.42  ? 10 A   B P     1 
ATOM   458  O  OP1   . A   B 2 9  ? 15.379  11.381  8.076   1.00 81.90  ? 10 A   B OP1   1 
ATOM   459  O  OP2   . A   B 2 9  ? 14.559  9.944   6.118   1.00 80.88  ? 10 A   B OP2   1 
ATOM   460  O  "O5'" . A   B 2 9  ? 14.383  12.413  6.048   1.00 73.86  ? 10 A   B "O5'" 1 
ATOM   461  C  "C5'" . A   B 2 9  ? 14.218  13.575  6.830   1.00 65.03  ? 10 A   B "C5'" 1 
ATOM   462  C  "C4'" . A   B 2 9  ? 13.024  14.319  6.342   1.00 58.23  ? 10 A   B "C4'" 1 
ATOM   463  O  "O4'" . A   B 2 9  ? 13.269  14.743  4.994   1.00 54.68  ? 10 A   B "O4'" 1 
ATOM   464  C  "C3'" . A   B 2 9  ? 11.785  13.474  6.252   1.00 55.55  ? 10 A   B "C3'" 1 
ATOM   465  O  "O3'" . A   B 2 9  ? 11.155  13.561  7.485   1.00 58.67  ? 10 A   B "O3'" 1 
ATOM   466  C  "C2'" . A   B 2 9  ? 10.978  14.189  5.195   1.00 54.29  ? 10 A   B "C2'" 1 
ATOM   467  O  "O2'" . A   B 2 9  ? 10.301  15.313  5.694   1.00 54.90  ? 10 A   B "O2'" 1 
ATOM   468  C  "C1'" . A   B 2 9  ? 12.091  14.620  4.247   1.00 52.64  ? 10 A   B "C1'" 1 
ATOM   469  N  N9    . A   B 2 9  ? 12.368  13.600  3.260   1.00 51.35  ? 10 A   B N9    1 
ATOM   470  C  C8    . A   B 2 9  ? 13.297  12.594  3.309   1.00 54.06  ? 10 A   B C8    1 
ATOM   471  N  N7    . A   B 2 9  ? 13.310  11.845  2.233   1.00 54.54  ? 10 A   B N7    1 
ATOM   472  C  C5    . A   B 2 9  ? 12.318  12.399  1.436   1.00 51.90  ? 10 A   B C5    1 
ATOM   473  C  C6    . A   B 2 9  ? 11.828  12.075  0.168   1.00 52.90  ? 10 A   B C6    1 
ATOM   474  N  N6    . A   B 2 9  ? 12.281  11.069  -0.561  1.00 56.59  ? 10 A   B N6    1 
ATOM   475  N  N1    . A   B 2 9  ? 10.840  12.832  -0.334  1.00 51.92  ? 10 A   B N1    1 
ATOM   476  C  C2    . A   B 2 9  ? 10.382  13.846  0.396   1.00 50.37  ? 10 A   B C2    1 
ATOM   477  N  N3    . A   B 2 9  ? 10.753  14.249  1.594   1.00 47.55  ? 10 A   B N3    1 
ATOM   478  C  C4    . A   B 2 9  ? 11.735  13.477  2.062   1.00 50.11  ? 10 A   B C4    1 
ATOM   479  P  P     . G   B 2 10 ? 10.187  12.401  7.921   1.00 61.90  ? 11 G   B P     1 
ATOM   480  O  OP1   . G   B 2 10 ? 9.531   12.795  9.191   1.00 63.18  ? 11 G   B OP1   1 
ATOM   481  O  OP2   . G   B 2 10 ? 10.992  11.166  7.852   1.00 65.66  ? 11 G   B OP2   1 
ATOM   482  O  "O5'" . G   B 2 10 ? 9.097   12.446  6.779   1.00 51.40  ? 11 G   B "O5'" 1 
ATOM   483  C  "C5'" . G   B 2 10 ? 8.222   13.540  6.727   1.00 45.12  ? 11 G   B "C5'" 1 
ATOM   484  C  "C4'" . G   B 2 10 ? 7.419   13.480  5.477   1.00 42.90  ? 11 G   B "C4'" 1 
ATOM   485  O  "O4'" . G   B 2 10 ? 8.323   13.569  4.351   1.00 42.38  ? 11 G   B "O4'" 1 
ATOM   486  C  "C3'" . G   B 2 10 ? 6.690   12.171  5.262   1.00 42.30  ? 11 G   B "C3'" 1 
ATOM   487  O  "O3'" . G   B 2 10 ? 5.445   12.152  5.931   1.00 45.38  ? 11 G   B "O3'" 1 
ATOM   488  C  "C2'" . G   B 2 10 ? 6.510   12.152  3.755   1.00 41.46  ? 11 G   B "C2'" 1 
ATOM   489  O  "O2'" . G   B 2 10 ? 5.431   12.963  3.365   1.00 42.03  ? 11 G   B "O2'" 1 
ATOM   490  C  "C1'" . G   B 2 10 ? 7.837   12.759  3.288   1.00 43.22  ? 11 G   B "C1'" 1 
ATOM   491  N  N9    . G   B 2 10 ? 8.830   11.721  3.045   1.00 48.02  ? 11 G   B N9    1 
ATOM   492  C  C8    . G   B 2 10 ? 9.864   11.372  3.886   1.00 50.24  ? 11 G   B C8    1 
ATOM   493  N  N7    . G   B 2 10 ? 10.555  10.350  3.452   1.00 51.58  ? 11 G   B N7    1 
ATOM   494  C  C5    . G   B 2 10 ? 9.952   10.014  2.240   1.00 49.24  ? 11 G   B C5    1 
ATOM   495  C  C6    . G   B 2 10 ? 10.249  8.953   1.306   1.00 49.53  ? 11 G   B C6    1 
ATOM   496  O  O6    . G   B 2 10 ? 11.128  8.074   1.374   1.00 53.59  ? 11 G   B O6    1 
ATOM   497  N  N1    . G   B 2 10 ? 9.385   8.977   0.221   1.00 45.34  ? 11 G   B N1    1 
ATOM   498  C  C2    . G   B 2 10 ? 8.372   9.869   0.048   1.00 44.53  ? 11 G   B C2    1 
ATOM   499  N  N2    . G   B 2 10 ? 7.652   9.688   -1.048  1.00 46.17  ? 11 G   B N2    1 
ATOM   500  N  N3    . G   B 2 10 ? 8.080   10.852  0.892   1.00 44.92  ? 11 G   B N3    1 
ATOM   501  C  C4    . G   B 2 10 ? 8.902   10.861  1.958   1.00 46.91  ? 11 G   B C4    1 
ATOM   502  P  P     . G   B 2 11 ? 4.838   10.750  6.405   1.00 49.55  ? 12 G   B P     1 
ATOM   503  O  OP1   . G   B 2 11 ? 3.768   10.977  7.414   1.00 49.73  ? 12 G   B OP1   1 
ATOM   504  O  OP2   . G   B 2 11 ? 6.030   9.939   6.765   1.00 50.00  ? 12 G   B OP2   1 
ATOM   505  O  "O5'" . G   B 2 11 ? 4.156   10.161  5.092   1.00 45.79  ? 12 G   B "O5'" 1 
ATOM   506  C  "C5'" . G   B 2 11 ? 2.975   10.760  4.574   1.00 46.25  ? 12 G   B "C5'" 1 
ATOM   507  C  "C4'" . G   B 2 11 ? 2.578   10.136  3.243   1.00 50.24  ? 12 G   B "C4'" 1 
ATOM   508  O  "O4'" . G   B 2 11 ? 3.650   10.330  2.283   1.00 52.06  ? 12 G   B "O4'" 1 
ATOM   509  C  "C3'" . G   B 2 11 ? 2.327   8.635   3.203   1.00 52.91  ? 12 G   B "C3'" 1 
ATOM   510  O  "O3'" . G   B 2 11 ? 1.020   8.258   3.566   1.00 57.69  ? 12 G   B "O3'" 1 
ATOM   511  C  "C2'" . G   B 2 11 ? 2.552   8.296   1.746   1.00 53.44  ? 12 G   B "C2'" 1 
ATOM   512  O  "O2'" . G   B 2 11 ? 1.392   8.699   1.042   1.00 51.18  ? 12 G   B "O2'" 1 
ATOM   513  C  "C1'" . G   B 2 11 ? 3.756   9.186   1.428   1.00 51.91  ? 12 G   B "C1'" 1 
ATOM   514  N  N9    . G   B 2 11 ? 5.007   8.513   1.763   1.00 53.22  ? 12 G   B N9    1 
ATOM   515  C  C8    . G   B 2 11 ? 5.701   8.680   2.937   1.00 53.46  ? 12 G   B C8    1 
ATOM   516  N  N7    . G   B 2 11 ? 6.779   7.949   3.008   1.00 54.48  ? 12 G   B N7    1 
ATOM   517  C  C5    . G   B 2 11 ? 6.813   7.253   1.803   1.00 52.97  ? 12 G   B C5    1 
ATOM   518  C  C6    . G   B 2 11 ? 7.759   6.299   1.316   1.00 52.46  ? 12 G   B C6    1 
ATOM   519  O  O6    . G   B 2 11 ? 8.783   5.871   1.878   1.00 52.47  ? 12 G   B O6    1 
ATOM   520  N  N1    . G   B 2 11 ? 7.413   5.833   0.056   1.00 50.56  ? 12 G   B N1    1 
ATOM   521  C  C2    . G   B 2 11 ? 6.303   6.218   -0.641  1.00 52.94  ? 12 G   B C2    1 
ATOM   522  N  N2    . G   B 2 11 ? 6.136   5.620   -1.816  1.00 55.13  ? 12 G   B N2    1 
ATOM   523  N  N3    . G   B 2 11 ? 5.415   7.113   -0.210  1.00 54.13  ? 12 G   B N3    1 
ATOM   524  C  C4    . G   B 2 11 ? 5.730   7.587   1.014   1.00 53.62  ? 12 G   B C4    1 
ATOM   525  P  P     . G   B 2 12 ? 0.791   6.774   4.095   1.00 61.03  ? 13 G   B P     1 
ATOM   526  O  OP1   . G   B 2 12 ? -0.641  6.629   4.451   1.00 62.65  ? 13 G   B OP1   1 
ATOM   527  O  OP2   . G   B 2 12 ? 1.845   6.515   5.121   1.00 61.38  ? 13 G   B OP2   1 
ATOM   528  O  "O5'" . G   B 2 12 ? 1.127   5.866   2.829   1.00 56.86  ? 13 G   B "O5'" 1 
ATOM   529  C  "C5'" . G   B 2 12 ? 0.346   5.959   1.648   1.00 54.82  ? 13 G   B "C5'" 1 
ATOM   530  C  "C4'" . G   B 2 12 ? 0.829   4.982   0.592   1.00 55.76  ? 13 G   B "C4'" 1 
ATOM   531  O  "O4'" . G   B 2 12 ? 2.216   5.262   0.248   1.00 54.52  ? 13 G   B "O4'" 1 
ATOM   532  C  "C3'" . G   B 2 12 ? 0.865   3.526   1.008   1.00 57.71  ? 13 G   B "C3'" 1 
ATOM   533  O  "O3'" . G   B 2 12 ? -0.402  2.939   0.847   1.00 63.89  ? 13 G   B "O3'" 1 
ATOM   534  C  "C2'" . G   B 2 12 ? 1.861   2.934   0.026   1.00 58.42  ? 13 G   B "C2'" 1 
ATOM   535  O  "O2'" . G   B 2 12 ? 1.262   2.767   -1.243  1.00 64.93  ? 13 G   B "O2'" 1 
ATOM   536  C  "C1'" . G   B 2 12 ? 2.881   4.059   -0.087  1.00 54.03  ? 13 G   B "C1'" 1 
ATOM   537  N  N9    . G   B 2 12 ? 4.039   3.904   0.783   1.00 52.74  ? 13 G   B N9    1 
ATOM   538  C  C8    . G   B 2 12 ? 4.270   4.535   1.980   1.00 54.99  ? 13 G   B C8    1 
ATOM   539  N  N7    . G   B 2 12 ? 5.429   4.232   2.499   1.00 53.83  ? 13 G   B N7    1 
ATOM   540  C  C5    . G   B 2 12 ? 5.985   3.339   1.595   1.00 52.89  ? 13 G   B C5    1 
ATOM   541  C  C6    . G   B 2 12 ? 7.232   2.685   1.611   1.00 51.80  ? 13 G   B C6    1 
ATOM   542  O  O6    . G   B 2 12 ? 8.119   2.771   2.444   1.00 51.34  ? 13 G   B O6    1 
ATOM   543  N  N1    . G   B 2 12 ? 7.401   1.863   0.509   1.00 51.71  ? 13 G   B N1    1 
ATOM   544  C  C2    . G   B 2 12 ? 6.477   1.694   -0.491  1.00 55.03  ? 13 G   B C2    1 
ATOM   545  N  N2    . G   B 2 12 ? 6.826   0.852   -1.476  1.00 56.17  ? 13 G   B N2    1 
ATOM   546  N  N3    . G   B 2 12 ? 5.301   2.306   -0.524  1.00 52.95  ? 13 G   B N3    1 
ATOM   547  C  C4    . G   B 2 12 ? 5.127   3.111   0.541   1.00 52.22  ? 13 G   B C4    1 
ATOM   548  P  P     . G   C 3 1  ? -2.082  -3.840  -2.101  1.00 89.95  ? 15 G   C P     1 
ATOM   549  O  OP1   . G   C 3 1  ? -2.400  -4.615  -0.860  1.00 87.62  ? 15 G   C OP1   1 
ATOM   550  O  OP2   . G   C 3 1  ? -3.184  -3.208  -2.873  1.00 90.10  ? 15 G   C OP2   1 
ATOM   551  O  "O5'" . G   C 3 1  ? -1.200  -4.732  -3.084  1.00 89.19  ? 15 G   C "O5'" 1 
ATOM   552  C  "C5'" . G   C 3 1  ? -0.125  -5.513  -2.583  1.00 85.45  ? 15 G   C "C5'" 1 
ATOM   553  C  "C4'" . G   C 3 1  ? 0.254   -6.571  -3.578  1.00 82.51  ? 15 G   C "C4'" 1 
ATOM   554  O  "O4'" . G   C 3 1  ? -0.791  -7.574  -3.644  1.00 81.39  ? 15 G   C "O4'" 1 
ATOM   555  C  "C3'" . G   C 3 1  ? 0.381   -6.072  -4.999  1.00 81.78  ? 15 G   C "C3'" 1 
ATOM   556  O  "O3'" . G   C 3 1  ? 1.643   -5.501  -5.249  1.00 78.43  ? 15 G   C "O3'" 1 
ATOM   557  C  "C2'" . G   C 3 1  ? 0.165   -7.339  -5.804  1.00 84.23  ? 15 G   C "C2'" 1 
ATOM   558  O  "O2'" . G   C 3 1  ? 1.326   -8.134  -5.848  1.00 87.30  ? 15 G   C "O2'" 1 
ATOM   559  C  "C1'" . G   C 3 1  ? -0.923  -8.031  -4.981  1.00 84.20  ? 15 G   C "C1'" 1 
ATOM   560  N  N9    . G   C 3 1  ? -2.254  -7.662  -5.450  1.00 83.84  ? 15 G   C N9    1 
ATOM   561  C  C8    . G   C 3 1  ? -3.248  -7.062  -4.721  1.00 83.82  ? 15 G   C C8    1 
ATOM   562  N  N7    . G   C 3 1  ? -4.321  -6.815  -5.421  1.00 84.69  ? 15 G   C N7    1 
ATOM   563  C  C5    . G   C 3 1  ? -4.016  -7.287  -6.688  1.00 84.64  ? 15 G   C C5    1 
ATOM   564  C  C6    . G   C 3 1  ? -4.790  -7.282  -7.868  1.00 86.03  ? 15 G   C C6    1 
ATOM   565  O  O6    . G   C 3 1  ? -5.922  -6.826  -8.041  1.00 89.43  ? 15 G   C O6    1 
ATOM   566  N  N1    . G   C 3 1  ? -4.111  -7.876  -8.924  1.00 85.24  ? 15 G   C N1    1 
ATOM   567  C  C2    . G   C 3 1  ? -2.842  -8.392  -8.853  1.00 84.17  ? 15 G   C C2    1 
ATOM   568  N  N2    . G   C 3 1  ? -2.356  -8.917  -9.984  1.00 84.42  ? 15 G   C N2    1 
ATOM   569  N  N3    . G   C 3 1  ? -2.103  -8.389  -7.757  1.00 83.63  ? 15 G   C N3    1 
ATOM   570  C  C4    . G   C 3 1  ? -2.752  -7.824  -6.721  1.00 83.73  ? 15 G   C C4    1 
ATOM   571  P  P     . G   C 3 2  ? 1.761   -4.336  -6.338  1.00 76.45  ? 16 G   C P     1 
ATOM   572  O  OP1   . G   C 3 2  ? 3.113   -3.741  -6.328  1.00 76.40  ? 16 G   C OP1   1 
ATOM   573  O  OP2   . G   C 3 2  ? 0.583   -3.480  -6.088  1.00 76.70  ? 16 G   C OP2   1 
ATOM   574  O  "O5'" . G   C 3 2  ? 1.595   -5.100  -7.719  1.00 74.18  ? 16 G   C "O5'" 1 
ATOM   575  C  "C5'" . G   C 3 2  ? 2.643   -5.913  -8.215  1.00 74.88  ? 16 G   C "C5'" 1 
ATOM   576  C  "C4'" . G   C 3 2  ? 2.371   -6.249  -9.648  1.00 76.01  ? 16 G   C "C4'" 1 
ATOM   577  O  "O4'" . G   C 3 2  ? 1.199   -7.089  -9.720  1.00 74.48  ? 16 G   C "O4'" 1 
ATOM   578  C  "C3'" . G   C 3 2  ? 2.055   -5.053  -10.523 1.00 74.81  ? 16 G   C "C3'" 1 
ATOM   579  O  "O3'" . G   C 3 2  ? 3.274   -4.543  -11.032 1.00 77.68  ? 16 G   C "O3'" 1 
ATOM   580  C  "C2'" . G   C 3 2  ? 1.228   -5.682  -11.633 1.00 72.95  ? 16 G   C "C2'" 1 
ATOM   581  O  "O2'" . G   C 3 2  ? 2.040   -6.307  -12.596 1.00 70.27  ? 16 G   C "O2'" 1 
ATOM   582  C  "C1'" . G   C 3 2  ? 0.442   -6.743  -10.863 1.00 74.32  ? 16 G   C "C1'" 1 
ATOM   583  N  N9    . G   C 3 2  ? -0.843  -6.273  -10.376 1.00 75.03  ? 16 G   C N9    1 
ATOM   584  C  C8    . G   C 3 2  ? -1.131  -5.905  -9.085  1.00 74.81  ? 16 G   C C8    1 
ATOM   585  N  N7    . G   C 3 2  ? -2.370  -5.542  -8.922  1.00 74.63  ? 16 G   C N7    1 
ATOM   586  C  C5    . G   C 3 2  ? -2.932  -5.667  -10.183 1.00 74.23  ? 16 G   C C5    1 
ATOM   587  C  C6    . G   C 3 2  ? -4.229  -5.411  -10.611 1.00 73.80  ? 16 G   C C6    1 
ATOM   588  O  O6    . G   C 3 2  ? -5.176  -4.994  -9.944  1.00 73.78  ? 16 G   C O6    1 
ATOM   589  N  N1    . G   C 3 2  ? -4.386  -5.676  -11.969 1.00 74.39  ? 16 G   C N1    1 
ATOM   590  C  C2    . G   C 3 2  ? -3.396  -6.123  -12.809 1.00 74.27  ? 16 G   C C2    1 
ATOM   591  N  N2    . G   C 3 2  ? -3.743  -6.315  -14.094 1.00 72.26  ? 16 G   C N2    1 
ATOM   592  N  N3    . G   C 3 2  ? -2.159  -6.364  -12.413 1.00 75.07  ? 16 G   C N3    1 
ATOM   593  C  C4    . G   C 3 2  ? -1.999  -6.119  -11.093 1.00 74.75  ? 16 G   C C4    1 
ATOM   594  P  P     . C   C 3 3  ? 3.323   -3.066  -11.640 1.00 80.27  ? 17 C   C P     1 
ATOM   595  O  OP1   . C   C 3 3  ? 4.718   -2.743  -12.067 1.00 78.07  ? 17 C   C OP1   1 
ATOM   596  O  OP2   . C   C 3 3  ? 2.640   -2.213  -10.642 1.00 80.89  ? 17 C   C OP2   1 
ATOM   597  O  "O5'" . C   C 3 3  ? 2.408   -3.164  -12.938 1.00 83.33  ? 17 C   C "O5'" 1 
ATOM   598  C  "C5'" . C   C 3 3  ? 2.858   -3.876  -14.079 1.00 84.89  ? 17 C   C "C5'" 1 
ATOM   599  C  "C4'" . C   C 3 3  ? 1.831   -3.800  -15.170 1.00 84.64  ? 17 C   C "C4'" 1 
ATOM   600  O  "O4'" . C   C 3 3  ? 0.639   -4.505  -14.756 1.00 84.02  ? 17 C   C "O4'" 1 
ATOM   601  C  "C3'" . C   C 3 3  ? 1.351   -2.399  -15.473 1.00 86.03  ? 17 C   C "C3'" 1 
ATOM   602  O  "O3'" . C   C 3 3  ? 2.193   -1.815  -16.439 1.00 91.37  ? 17 C   C "O3'" 1 
ATOM   603  C  "C2'" . C   C 3 3  ? -0.009  -2.650  -16.088 1.00 85.90  ? 17 C   C "C2'" 1 
ATOM   604  O  "O2'" . C   C 3 3  ? 0.141   -3.032  -17.440 1.00 90.49  ? 17 C   C "O2'" 1 
ATOM   605  C  "C1'" . C   C 3 3  ? -0.498  -3.840  -15.261 1.00 84.59  ? 17 C   C "C1'" 1 
ATOM   606  N  N1    . C   C 3 3  ? -1.343  -3.492  -14.118 1.00 82.03  ? 17 C   C N1    1 
ATOM   607  C  C2    . C   C 3 3  ? -2.659  -3.099  -14.342 1.00 81.79  ? 17 C   C C2    1 
ATOM   608  O  O2    . C   C 3 3  ? -3.069  -3.007  -15.499 1.00 83.80  ? 17 C   C O2    1 
ATOM   609  N  N3    . C   C 3 3  ? -3.453  -2.827  -13.291 1.00 80.93  ? 17 C   C N3    1 
ATOM   610  C  C4    . C   C 3 3  ? -2.973  -2.927  -12.054 1.00 79.75  ? 17 C   C C4    1 
ATOM   611  N  N4    . C   C 3 3  ? -3.805  -2.680  -11.039 1.00 79.78  ? 17 C   C N4    1 
ATOM   612  C  C5    . C   C 3 3  ? -1.624  -3.298  -11.800 1.00 80.20  ? 17 C   C C5    1 
ATOM   613  C  C6    . C   C 3 3  ? -0.852  -3.571  -12.852 1.00 80.55  ? 17 C   C C6    1 
ATOM   614  P  P     . A   C 3 4  ? 2.237   -0.228  -16.565 1.00 96.73  ? 18 A   C P     1 
ATOM   615  O  OP1   . A   C 3 4  ? 3.282   0.173   -17.555 1.00 95.61  ? 18 A   C OP1   1 
ATOM   616  O  OP2   . A   C 3 4  ? 2.322   0.252   -15.167 1.00 95.99  ? 18 A   C OP2   1 
ATOM   617  O  "O5'" . A   C 3 4  ? 0.799   0.149   -17.137 1.00 99.91  ? 18 A   C "O5'" 1 
ATOM   618  C  "C5'" . A   C 3 4  ? 0.541   0.054   -18.533 1.00 103.87 ? 18 A   C "C5'" 1 
ATOM   619  C  "C4'" . A   C 3 4  ? -0.807  0.651   -18.882 1.00 103.24 ? 18 A   C "C4'" 1 
ATOM   620  O  "O4'" . A   C 3 4  ? -1.866  -0.182  -18.351 1.00 100.49 ? 18 A   C "O4'" 1 
ATOM   621  C  "C3'" . A   C 3 4  ? -1.099  2.035   -18.330 1.00 102.48 ? 18 A   C "C3'" 1 
ATOM   622  O  "O3'" . A   C 3 4  ? -0.592  3.015   -19.211 1.00 104.58 ? 18 A   C "O3'" 1 
ATOM   623  C  "C2'" . A   C 3 4  ? -2.618  2.069   -18.328 1.00 100.77 ? 18 A   C "C2'" 1 
ATOM   624  O  "O2'" . A   C 3 4  ? -3.155  2.341   -19.601 1.00 102.64 ? 18 A   C "O2'" 1 
ATOM   625  C  "C1'" . A   C 3 4  ? -2.948  0.630   -17.957 1.00 99.57  ? 18 A   C "C1'" 1 
ATOM   626  N  N9    . A   C 3 4  ? -3.137  0.463   -16.531 1.00 98.24  ? 18 A   C N9    1 
ATOM   627  C  C8    . A   C 3 4  ? -2.295  -0.073  -15.594 1.00 97.92  ? 18 A   C C8    1 
ATOM   628  N  N7    . A   C 3 4  ? -2.804  -0.098  -14.388 1.00 98.54  ? 18 A   C N7    1 
ATOM   629  C  C5    . A   C 3 4  ? -4.060  0.473   -14.549 1.00 99.12  ? 18 A   C C5    1 
ATOM   630  C  C6    . A   C 3 4  ? -5.106  0.732   -13.654 1.00 99.67  ? 18 A   C C6    1 
ATOM   631  N  N6    . A   C 3 4  ? -5.053  0.440   -12.356 1.00 100.96 ? 18 A   C N6    1 
ATOM   632  N  N1    . A   C 3 4  ? -6.227  1.305   -14.144 1.00 98.99  ? 18 A   C N1    1 
ATOM   633  C  C2    . A   C 3 4  ? -6.281  1.591   -15.451 1.00 99.66  ? 18 A   C C2    1 
ATOM   634  N  N3    . A   C 3 4  ? -5.362  1.397   -16.391 1.00 100.30 ? 18 A   C N3    1 
ATOM   635  C  C4    . A   C 3 4  ? -4.267  0.826   -15.864 1.00 98.90  ? 18 A   C C4    1 
ATOM   636  P  P     . G   C 3 5  ? -0.809  4.557   -18.871 1.00 108.78 ? 19 G   C P     1 
ATOM   637  O  OP1   . G   C 3 5  ? -0.502  5.317   -20.106 1.00 108.39 ? 19 G   C OP1   1 
ATOM   638  O  OP2   . G   C 3 5  ? -0.090  4.864   -17.617 1.00 109.34 ? 19 G   C OP2   1 
ATOM   639  O  "O5'" . G   C 3 5  ? -2.364  4.675   -18.575 1.00 108.53 ? 19 G   C "O5'" 1 
ATOM   640  C  "C5'" . G   C 3 5  ? -3.254  4.996   -19.628 1.00 108.90 ? 19 G   C "C5'" 1 
ATOM   641  C  "C4'" . G   C 3 5  ? -4.527  5.596   -19.088 1.00 107.68 ? 19 G   C "C4'" 1 
ATOM   642  O  "O4'" . G   C 3 5  ? -5.206  4.624   -18.260 1.00 106.44 ? 19 G   C "O4'" 1 
ATOM   643  C  "C3'" . G   C 3 5  ? -4.338  6.786   -18.166 1.00 106.70 ? 19 G   C "C3'" 1 
ATOM   644  O  "O3'" . G   C 3 5  ? -4.276  7.972   -18.930 1.00 109.11 ? 19 G   C "O3'" 1 
ATOM   645  C  "C2'" . G   C 3 5  ? -5.616  6.785   -17.349 1.00 105.92 ? 19 G   C "C2'" 1 
ATOM   646  O  "O2'" . G   C 3 5  ? -6.697  7.421   -17.987 1.00 108.11 ? 19 G   C "O2'" 1 
ATOM   647  C  "C1'" . G   C 3 5  ? -5.888  5.294   -17.223 1.00 106.29 ? 19 G   C "C1'" 1 
ATOM   648  N  N9    . G   C 3 5  ? -5.413  4.786   -15.965 1.00 107.57 ? 19 G   C N9    1 
ATOM   649  C  C8    . G   C 3 5  ? -4.216  4.176   -15.690 1.00 107.99 ? 19 G   C C8    1 
ATOM   650  N  N7    . G   C 3 5  ? -4.102  3.837   -14.440 1.00 108.08 ? 19 G   C N7    1 
ATOM   651  C  C5    . G   C 3 5  ? -5.300  4.257   -13.864 1.00 106.57 ? 19 G   C C5    1 
ATOM   652  C  C6    . G   C 3 5  ? -5.765  4.172   -12.531 1.00 105.54 ? 19 G   C C6    1 
ATOM   653  O  O6    . G   C 3 5  ? -5.204  3.700   -11.552 1.00 105.85 ? 19 G   C O6    1 
ATOM   654  N  N1    . G   C 3 5  ? -7.034  4.715   -12.395 1.00 105.89 ? 19 G   C N1    1 
ATOM   655  C  C2    . G   C 3 5  ? -7.758  5.277   -13.407 1.00 107.54 ? 19 G   C C2    1 
ATOM   656  N  N2    . G   C 3 5  ? -8.970  5.742   -13.078 1.00 108.75 ? 19 G   C N2    1 
ATOM   657  N  N3    . G   C 3 5  ? -7.335  5.368   -14.652 1.00 107.36 ? 19 G   C N3    1 
ATOM   658  C  C4    . G   C 3 5  ? -6.104  4.841   -14.802 1.00 107.33 ? 19 G   C C4    1 
ATOM   659  P  P     . A   C 3 6  ? -3.824  9.326   -18.226 1.00 111.87 ? 20 A   C P     1 
ATOM   660  O  OP1   . A   C 3 6  ? -3.988  10.449  -19.189 1.00 113.36 ? 20 A   C OP1   1 
ATOM   661  O  OP2   . A   C 3 6  ? -2.499  9.057   -17.615 1.00 113.53 ? 20 A   C OP2   1 
ATOM   662  O  "O5'" . A   C 3 6  ? -4.876  9.508   -17.051 1.00 109.98 ? 20 A   C "O5'" 1 
ATOM   663  C  "C5'" . A   C 3 6  ? -6.178  9.993   -17.325 1.00 110.60 ? 20 A   C "C5'" 1 
ATOM   664  C  "C4'" . A   C 3 6  ? -6.948  10.136  -16.044 1.00 110.82 ? 20 A   C "C4'" 1 
ATOM   665  O  "O4'" . A   C 3 6  ? -7.068  8.835   -15.423 1.00 109.97 ? 20 A   C "O4'" 1 
ATOM   666  C  "C3'" . A   C 3 6  ? -6.263  10.991  -14.995 1.00 111.66 ? 20 A   C "C3'" 1 
ATOM   667  O  "O3'" . A   C 3 6  ? -6.530  12.367  -15.232 1.00 116.96 ? 20 A   C "O3'" 1 
ATOM   668  C  "C2'" . A   C 3 6  ? -6.871  10.469  -13.699 1.00 110.76 ? 20 A   C "C2'" 1 
ATOM   669  O  "O2'" . A   C 3 6  ? -8.103  11.047  -13.304 1.00 107.78 ? 20 A   C "O2'" 1 
ATOM   670  C  "C1'" . A   C 3 6  ? -6.996  8.976   -14.017 1.00 111.37 ? 20 A   C "C1'" 1 
ATOM   671  N  N9    . A   C 3 6  ? -5.802  8.274   -13.573 1.00 113.57 ? 20 A   C N9    1 
ATOM   672  C  C8    . A   C 3 6  ? -4.705  7.879   -14.303 1.00 113.54 ? 20 A   C C8    1 
ATOM   673  N  N7    . A   C 3 6  ? -3.763  7.331   -13.574 1.00 112.50 ? 20 A   C N7    1 
ATOM   674  C  C5    . A   C 3 6  ? -4.286  7.353   -12.284 1.00 113.18 ? 20 A   C C5    1 
ATOM   675  C  C6    . A   C 3 6  ? -3.776  6.936   -11.042 1.00 113.60 ? 20 A   C C6    1 
ATOM   676  N  N6    . A   C 3 6  ? -2.556  6.412   -10.886 1.00 114.76 ? 20 A   C N6    1 
ATOM   677  N  N1    . A   C 3 6  ? -4.564  7.093   -9.948  1.00 112.89 ? 20 A   C N1    1 
ATOM   678  C  C2    . A   C 3 6  ? -5.775  7.648   -10.101 1.00 111.78 ? 20 A   C C2    1 
ATOM   679  N  N3    . A   C 3 6  ? -6.357  8.093   -11.211 1.00 112.67 ? 20 A   C N3    1 
ATOM   680  C  C4    . A   C 3 6  ? -5.550  7.913   -12.275 1.00 113.24 ? 20 A   C C4    1 
ATOM   681  P  P     . G   C 3 7  ? -5.393  13.459  -14.935 1.00 120.02 ? 21 G   C P     1 
ATOM   682  O  OP1   . G   C 3 7  ? -5.909  14.774  -15.401 1.00 121.81 ? 21 G   C OP1   1 
ATOM   683  O  OP2   . G   C 3 7  ? -4.103  12.940  -15.472 1.00 120.40 ? 21 G   C OP2   1 
ATOM   684  O  "O5'" . G   C 3 7  ? -5.335  13.476  -13.344 1.00 118.30 ? 21 G   C "O5'" 1 
ATOM   685  C  "C5'" . G   C 3 7  ? -6.538  13.463  -12.579 1.00 113.66 ? 21 G   C "C5'" 1 
ATOM   686  C  "C4'" . G   C 3 7  ? -6.257  13.013  -11.166 1.00 111.56 ? 21 G   C "C4'" 1 
ATOM   687  O  "O4'" . G   C 3 7  ? -5.839  11.622  -11.173 1.00 109.30 ? 21 G   C "O4'" 1 
ATOM   688  C  "C3'" . G   C 3 7  ? -5.108  13.737  -10.479 1.00 109.15 ? 21 G   C "C3'" 1 
ATOM   689  O  "O3'" . G   C 3 7  ? -5.540  14.977  -9.932  1.00 111.39 ? 21 G   C "O3'" 1 
ATOM   690  C  "C2'" . G   C 3 7  ? -4.685  12.734  -9.411  1.00 105.37 ? 21 G   C "C2'" 1 
ATOM   691  O  "O2'" . G   C 3 7  ? -5.543  12.737  -8.283  1.00 101.70 ? 21 G   C "O2'" 1 
ATOM   692  C  "C1'" . G   C 3 7  ? -4.860  11.410  -10.160 1.00 104.19 ? 21 G   C "C1'" 1 
ATOM   693  N  N9    . G   C 3 7  ? -3.637  10.871  -10.771 1.00 101.95 ? 21 G   C N9    1 
ATOM   694  C  C8    . G   C 3 7  ? -3.170  11.076  -12.058 1.00 101.10 ? 21 G   C C8    1 
ATOM   695  N  N7    . G   C 3 7  ? -2.057  10.428  -12.315 1.00 99.19  ? 21 G   C N7    1 
ATOM   696  C  C5    . G   C 3 7  ? -1.761  9.761   -11.127 1.00 98.47  ? 21 G   C C5    1 
ATOM   697  C  C6    . G   C 3 7  ? -0.669  8.896   -10.788 1.00 96.63  ? 21 G   C C6    1 
ATOM   698  O  O6    . G   C 3 7  ? 0.287   8.546   -11.492 1.00 98.80  ? 21 G   C O6    1 
ATOM   699  N  N1    . G   C 3 7  ? -0.763  8.436   -9.475  1.00 93.88  ? 21 G   C N1    1 
ATOM   700  C  C2    . G   C 3 7  ? -1.763  8.763   -8.593  1.00 94.04  ? 21 G   C C2    1 
ATOM   701  N  N2    . G   C 3 7  ? -1.675  8.218   -7.375  1.00 92.98  ? 21 G   C N2    1 
ATOM   702  N  N3    . G   C 3 7  ? -2.778  9.567   -8.883  1.00 97.04  ? 21 G   C N3    1 
ATOM   703  C  C4    . G   C 3 7  ? -2.718  10.026  -10.160 1.00 99.54  ? 21 G   C C4    1 
ATOM   704  P  P     . A   C 3 8  ? -4.461  16.118  -9.591  1.00 112.51 ? 22 A   C P     1 
ATOM   705  O  OP1   . A   C 3 8  ? -5.162  17.434  -9.567  1.00 113.50 ? 22 A   C OP1   1 
ATOM   706  O  OP2   . A   C 3 8  ? -3.313  15.914  -10.518 1.00 110.91 ? 22 A   C OP2   1 
ATOM   707  O  "O5'" . A   C 3 8  ? -4.019  15.755  -8.100  1.00 108.23 ? 22 A   C "O5'" 1 
ATOM   708  C  "C5'" . A   C 3 8  ? -3.950  16.748  -7.067  1.00 102.97 ? 22 A   C "C5'" 1 
ATOM   709  C  "C4'" . A   C 3 8  ? -4.632  16.244  -5.808  1.00 101.16 ? 22 A   C "C4'" 1 
ATOM   710  O  "O4'" . A   C 3 8  ? -4.840  14.812  -5.908  1.00 101.55 ? 22 A   C "O4'" 1 
ATOM   711  C  "C3'" . A   C 3 8  ? -3.850  16.428  -4.514  1.00 101.01 ? 22 A   C "C3'" 1 
ATOM   712  O  "O3'" . A   C 3 8  ? -4.078  17.709  -3.948  1.00 102.23 ? 22 A   C "O3'" 1 
ATOM   713  C  "C2'" . A   C 3 8  ? -4.426  15.339  -3.621  1.00 101.21 ? 22 A   C "C2'" 1 
ATOM   714  O  "O2'" . A   C 3 8  ? -5.626  15.709  -2.974  1.00 97.91  ? 22 A   C "O2'" 1 
ATOM   715  C  "C1'" . A   C 3 8  ? -4.669  14.213  -4.632  1.00 101.50 ? 22 A   C "C1'" 1 
ATOM   716  N  N9    . A   C 3 8  ? -3.555  13.268  -4.715  1.00 100.30 ? 22 A   C N9    1 
ATOM   717  C  C8    . A   C 3 8  ? -2.723  13.041  -5.783  1.00 99.06  ? 22 A   C C8    1 
ATOM   718  N  N7    . A   C 3 8  ? -1.796  12.148  -5.551  1.00 98.75  ? 22 A   C N7    1 
ATOM   719  C  C5    . A   C 3 8  ? -2.036  11.757  -4.241  1.00 100.23 ? 22 A   C C5    1 
ATOM   720  C  C6    . A   C 3 8  ? -1.391  10.844  -3.400  1.00 101.41 ? 22 A   C C6    1 
ATOM   721  N  N6    . A   C 3 8  ? -0.318  10.146  -3.765  1.00 102.61 ? 22 A   C N6    1 
ATOM   722  N  N1    . A   C 3 8  ? -1.886  10.675  -2.152  1.00 100.51 ? 22 A   C N1    1 
ATOM   723  C  C2    . A   C 3 8  ? -2.947  11.392  -1.787  1.00 99.54  ? 22 A   C C2    1 
ATOM   724  N  N3    . A   C 3 8  ? -3.634  12.291  -2.486  1.00 99.50  ? 22 A   C N3    1 
ATOM   725  C  C4    . A   C 3 8  ? -3.121  12.429  -3.721  1.00 99.66  ? 22 A   C C4    1 
ATOM   726  P  P     . A   C 3 9  ? -2.877  18.474  -3.200  1.00 100.85 ? 23 A   C P     1 
ATOM   727  O  OP1   . A   C 3 9  ? -3.360  19.814  -2.792  1.00 103.64 ? 23 A   C OP1   1 
ATOM   728  O  OP2   . A   C 3 9  ? -1.666  18.359  -4.049  1.00 100.29 ? 23 A   C OP2   1 
ATOM   729  O  "O5'" . A   C 3 9  ? -2.660  17.648  -1.865  1.00 94.91  ? 23 A   C "O5'" 1 
ATOM   730  C  "C5'" . A   C 3 9  ? -3.633  17.683  -0.840  1.00 91.99  ? 23 A   C "C5'" 1 
ATOM   731  C  "C4'" . A   C 3 9  ? -3.317  16.631  0.166   1.00 91.55  ? 23 A   C "C4'" 1 
ATOM   732  O  "O4'" . A   C 3 9  ? -3.299  15.366  -0.524  1.00 92.95  ? 23 A   C "O4'" 1 
ATOM   733  C  "C3'" . A   C 3 9  ? -1.935  16.745  0.778   1.00 91.60  ? 23 A   C "C3'" 1 
ATOM   734  O  "O3'" . A   C 3 9  ? -1.976  17.593  1.912   1.00 93.64  ? 23 A   C "O3'" 1 
ATOM   735  C  "C2'" . A   C 3 9  ? -1.656  15.311  1.182   1.00 91.88  ? 23 A   C "C2'" 1 
ATOM   736  O  "O2'" . A   C 3 9  ? -2.307  14.945  2.377   1.00 94.47  ? 23 A   C "O2'" 1 
ATOM   737  C  "C1'" . A   C 3 9  ? -2.271  14.556  0.006   1.00 91.65  ? 23 A   C "C1'" 1 
ATOM   738  N  N9    . A   C 3 9  ? -1.277  14.387  -1.040  1.00 91.35  ? 23 A   C N9    1 
ATOM   739  C  C8    . A   C 3 9  ? -1.255  14.953  -2.290  1.00 91.25  ? 23 A   C C8    1 
ATOM   740  N  N7    . A   C 3 9  ? -0.188  14.648  -2.983  1.00 91.86  ? 23 A   C N7    1 
ATOM   741  C  C5    . A   C 3 9  ? 0.537   13.822  -2.133  1.00 91.58  ? 23 A   C C5    1 
ATOM   742  C  C6    . A   C 3 9  ? 1.775   13.181  -2.267  1.00 90.29  ? 23 A   C C6    1 
ATOM   743  N  N6    . A   C 3 9  ? 2.542   13.296  -3.347  1.00 89.67  ? 23 A   C N6    1 
ATOM   744  N  N1    . A   C 3 9  ? 2.207   12.418  -1.239  1.00 90.23  ? 23 A   C N1    1 
ATOM   745  C  C2    . A   C 3 9  ? 1.439   12.321  -0.149  1.00 92.16  ? 23 A   C C2    1 
ATOM   746  N  N3    . A   C 3 9  ? 0.262   12.888  0.101   1.00 93.42  ? 23 A   C N3    1 
ATOM   747  C  C4    . A   C 3 9  ? -0.135  13.635  -0.942  1.00 92.19  ? 23 A   C C4    1 
ATOM   748  P  P     . A   C 3 10 ? -0.816  18.684  2.130   1.00 96.47  ? 24 A   C P     1 
ATOM   749  O  OP1   . A   C 3 10 ? -1.296  19.690  3.114   1.00 94.68  ? 24 A   C OP1   1 
ATOM   750  O  OP2   . A   C 3 10 ? -0.381  19.126  0.771   1.00 96.90  ? 24 A   C OP2   1 
ATOM   751  O  "O5'" . A   C 3 10 ? 0.377   17.877  2.811   1.00 87.96  ? 24 A   C "O5'" 1 
ATOM   752  C  "C5'" . A   C 3 10 ? 0.179   17.161  4.028   1.00 79.03  ? 24 A   C "C5'" 1 
ATOM   753  C  "C4'" . A   C 3 10 ? 1.271   16.142  4.194   1.00 72.70  ? 24 A   C "C4'" 1 
ATOM   754  O  "O4'" . A   C 3 10 ? 1.151   15.158  3.150   1.00 69.24  ? 24 A   C "O4'" 1 
ATOM   755  C  "C3'" . A   C 3 10 ? 2.671   16.686  4.023   1.00 70.92  ? 24 A   C "C3'" 1 
ATOM   756  O  "O3'" . A   C 3 10 ? 3.131   17.175  5.241   1.00 72.29  ? 24 A   C "O3'" 1 
ATOM   757  C  "C2'" . A   C 3 10 ? 3.456   15.464  3.610   1.00 68.88  ? 24 A   C "C2'" 1 
ATOM   758  O  "O2'" . A   C 3 10 ? 3.791   14.635  4.699   1.00 69.64  ? 24 A   C "O2'" 1 
ATOM   759  C  "C1'" . A   C 3 10 ? 2.439   14.784  2.702   1.00 67.77  ? 24 A   C "C1'" 1 
ATOM   760  N  N9    . A   C 3 10 ? 2.583   15.306  1.356   1.00 68.40  ? 24 A   C N9    1 
ATOM   761  C  C8    . A   C 3 10 ? 1.693   16.028  0.598   1.00 69.76  ? 24 A   C C8    1 
ATOM   762  N  N7    . A   C 3 10 ? 2.143   16.334  -0.591  1.00 68.87  ? 24 A   C N7    1 
ATOM   763  C  C5    . A   C 3 10 ? 3.413   15.780  -0.615  1.00 68.27  ? 24 A   C C5    1 
ATOM   764  C  C6    . A   C 3 10 ? 4.416   15.760  -1.584  1.00 68.23  ? 24 A   C C6    1 
ATOM   765  N  N6    . A   C 3 10 ? 4.303   16.313  -2.793  1.00 69.17  ? 24 A   C N6    1 
ATOM   766  N  N1    . A   C 3 10 ? 5.570   15.141  -1.268  1.00 68.00  ? 24 A   C N1    1 
ATOM   767  C  C2    . A   C 3 10 ? 5.691   14.580  -0.055  1.00 67.33  ? 24 A   C C2    1 
ATOM   768  N  N3    . A   C 3 10 ? 4.822   14.531  0.934   1.00 68.08  ? 24 A   C N3    1 
ATOM   769  C  C4    . A   C 3 10 ? 3.691   15.155  0.584   1.00 68.17  ? 24 A   C C4    1 
ATOM   770  P  P     . C   C 3 11 ? 3.768   18.620  5.280   1.00 67.97  ? 25 C   C P     1 
ATOM   771  O  OP1   . C   C 3 11 ? 3.732   19.036  6.711   1.00 65.72  ? 25 C   C OP1   1 
ATOM   772  O  OP2   . C   C 3 11 ? 3.064   19.414  4.237   1.00 66.04  ? 25 C   C OP2   1 
ATOM   773  O  "O5'" . C   C 3 11 ? 5.262   18.367  4.804   1.00 64.89  ? 25 C   C "O5'" 1 
ATOM   774  C  "C5'" . C   C 3 11 ? 6.117   17.570  5.607   1.00 59.31  ? 25 C   C "C5'" 1 
ATOM   775  C  "C4'" . C   C 3 11 ? 7.249   17.017  4.787   1.00 56.68  ? 25 C   C "C4'" 1 
ATOM   776  O  "O4'" . C   C 3 11 ? 6.685   16.354  3.636   1.00 54.68  ? 25 C   C "O4'" 1 
ATOM   777  C  "C3'" . C   C 3 11 ? 8.187   18.044  4.184   1.00 54.47  ? 25 C   C "C3'" 1 
ATOM   778  O  "O3'" . C   C 3 11 ? 9.232   18.369  5.059   1.00 57.20  ? 25 C   C "O3'" 1 
ATOM   779  C  "C2'" . C   C 3 11 ? 8.774   17.299  3.012   1.00 51.87  ? 25 C   C "C2'" 1 
ATOM   780  O  "O2'" . C   C 3 11 ? 9.827   16.432  3.385   1.00 49.05  ? 25 C   C "O2'" 1 
ATOM   781  C  "C1'" . C   C 3 11 ? 7.555   16.514  2.545   1.00 51.93  ? 25 C   C "C1'" 1 
ATOM   782  N  N1    . C   C 3 11 ? 6.844   17.251  1.525   1.00 53.31  ? 25 C   C N1    1 
ATOM   783  C  C2    . C   C 3 11 ? 7.550   17.613  0.379   1.00 55.38  ? 25 C   C C2    1 
ATOM   784  O  O2    . C   C 3 11 ? 8.766   17.388  0.337   1.00 54.44  ? 25 C   C O2    1 
ATOM   785  N  N3    . C   C 3 11 ? 6.906   18.220  -0.637  1.00 57.68  ? 25 C   C N3    1 
ATOM   786  C  C4    . C   C 3 11 ? 5.607   18.509  -0.517  1.00 57.45  ? 25 C   C C4    1 
ATOM   787  N  N4    . C   C 3 11 ? 5.009   19.111  -1.564  1.00 61.57  ? 25 C   C N4    1 
ATOM   788  C  C5    . C   C 3 11 ? 4.865   18.192  0.681   1.00 56.09  ? 25 C   C C5    1 
ATOM   789  C  C6    . C   C 3 11 ? 5.523   17.565  1.665   1.00 52.99  ? 25 C   C C6    1 
ATOM   790  P  P     . A   C 3 12 ? 10.014  19.732  4.834   1.00 61.79  ? 26 A   C P     1 
ATOM   791  O  OP1   . A   C 3 12 ? 11.001  19.838  5.931   1.00 61.53  ? 26 A   C OP1   1 
ATOM   792  O  OP2   . A   C 3 12 ? 9.005   20.794  4.638   1.00 66.04  ? 26 A   C OP2   1 
ATOM   793  O  "O5'" . A   C 3 12 ? 10.752  19.539  3.448   1.00 55.21  ? 26 A   C "O5'" 1 
ATOM   794  C  "C5'" . A   C 3 12 ? 11.963  18.849  3.411   1.00 55.06  ? 26 A   C "C5'" 1 
ATOM   795  C  "C4'" . A   C 3 12 ? 12.573  19.026  2.079   1.00 55.70  ? 26 A   C "C4'" 1 
ATOM   796  O  "O4'" . A   C 3 12 ? 11.554  18.677  1.134   1.00 58.33  ? 26 A   C "O4'" 1 
ATOM   797  C  "C3'" . A   C 3 12 ? 12.863  20.461  1.721   1.00 58.08  ? 26 A   C "C3'" 1 
ATOM   798  O  "O3'" . A   C 3 12 ? 14.104  20.878  2.192   1.00 66.59  ? 26 A   C "O3'" 1 
ATOM   799  C  "C2'" . A   C 3 12 ? 12.855  20.423  0.212   1.00 56.12  ? 26 A   C "C2'" 1 
ATOM   800  O  "O2'" . A   C 3 12 ? 14.034  19.859  -0.327  1.00 47.90  ? 26 A   C "O2'" 1 
ATOM   801  C  "C1'" . A   C 3 12 ? 11.689  19.477  -0.021  1.00 58.89  ? 26 A   C "C1'" 1 
ATOM   802  N  N9    . A   C 3 12 ? 10.451  20.210  -0.184  1.00 63.81  ? 26 A   C N9    1 
ATOM   803  C  C8    . A   C 3 12 ? 9.436   20.374  0.716   1.00 65.96  ? 26 A   C C8    1 
ATOM   804  N  N7    . A   C 3 12 ? 8.437   21.087  0.253   1.00 69.25  ? 26 A   C N7    1 
ATOM   805  C  C5    . A   C 3 12 ? 8.831   21.418  -1.041  1.00 68.16  ? 26 A   C C5    1 
ATOM   806  C  C6    . A   C 3 12 ? 8.218   22.177  -2.076  1.00 70.03  ? 26 A   C C6    1 
ATOM   807  N  N6    . A   C 3 12 ? 7.019   22.770  -1.968  1.00 72.61  ? 26 A   C N6    1 
ATOM   808  N  N1    . A   C 3 12 ? 8.895   22.307  -3.239  1.00 70.82  ? 26 A   C N1    1 
ATOM   809  C  C2    . A   C 3 12 ? 10.096  21.731  -3.345  1.00 70.61  ? 26 A   C C2    1 
ATOM   810  N  N3    . A   C 3 12 ? 10.771  21.012  -2.453  1.00 68.16  ? 26 A   C N3    1 
ATOM   811  C  C4    . A   C 3 12 ? 10.074  20.888  -1.315  1.00 66.40  ? 26 A   C C4    1 
ATOM   812  P  P     . C   C 3 13 ? 14.305  22.412  2.523   1.00 66.45  ? 27 C   C P     1 
ATOM   813  O  OP1   . C   C 3 13 ? 15.653  22.505  3.116   1.00 68.57  ? 27 C   C OP1   1 
ATOM   814  O  OP2   . C   C 3 13 ? 13.119  22.802  3.312   1.00 65.09  ? 27 C   C OP2   1 
ATOM   815  O  "O5'" . C   C 3 13 ? 14.303  23.120  1.094   1.00 62.09  ? 27 C   C "O5'" 1 
ATOM   816  C  "C5'" . C   C 3 13 ? 15.415  22.952  0.225   1.00 65.00  ? 27 C   C "C5'" 1 
ATOM   817  C  "C4'" . C   C 3 13 ? 15.094  23.437  -1.166  1.00 69.34  ? 27 C   C "C4'" 1 
ATOM   818  O  "O4'" . C   C 3 13 ? 13.877  22.785  -1.599  1.00 71.30  ? 27 C   C "O4'" 1 
ATOM   819  C  "C3'" . C   C 3 13 ? 14.757  24.912  -1.306  1.00 75.54  ? 27 C   C "C3'" 1 
ATOM   820  O  "O3'" . C   C 3 13 ? 15.880  25.771  -1.407  1.00 82.64  ? 27 C   C "O3'" 1 
ATOM   821  C  "C2'" . C   C 3 13 ? 13.944  24.937  -2.587  1.00 73.97  ? 27 C   C "C2'" 1 
ATOM   822  O  "O2'" . C   C 3 13 ? 14.717  24.892  -3.761  1.00 74.55  ? 27 C   C "O2'" 1 
ATOM   823  C  "C1'" . C   C 3 13 ? 13.138  23.658  -2.435  1.00 73.48  ? 27 C   C "C1'" 1 
ATOM   824  N  N1    . C   C 3 13 ? 11.899  24.025  -1.764  1.00 76.09  ? 27 C   C N1    1 
ATOM   825  C  C2    . C   C 3 13 ? 10.863  24.572  -2.540  1.00 77.63  ? 27 C   C C2    1 
ATOM   826  O  O2    . C   C 3 13 ? 11.026  24.660  -3.769  1.00 76.82  ? 27 C   C O2    1 
ATOM   827  N  N3    . C   C 3 13 ? 9.721   24.991  -1.937  1.00 77.56  ? 27 C   C N3    1 
ATOM   828  C  C4    . C   C 3 13 ? 9.592   24.882  -0.613  1.00 77.05  ? 27 C   C C4    1 
ATOM   829  N  N4    . C   C 3 13 ? 8.456   25.350  -0.055  1.00 76.79  ? 27 C   C N4    1 
ATOM   830  C  C5    . C   C 3 13 ? 10.627  24.297  0.204   1.00 77.51  ? 27 C   C C5    1 
ATOM   831  C  C6    . C   C 3 13 ? 11.752  23.883  -0.413  1.00 75.98  ? 27 C   C C6    1 
ATOM   832  P  P     . A   C 3 14 ? 15.690  27.341  -1.115  1.00 85.69  ? 28 A   C P     1 
ATOM   833  O  OP1   . A   C 3 14 ? 17.002  27.989  -1.376  1.00 84.59  ? 28 A   C OP1   1 
ATOM   834  O  OP2   . A   C 3 14 ? 15.055  27.471  0.227   1.00 82.46  ? 28 A   C OP2   1 
ATOM   835  O  "O5'" . A   C 3 14 ? 14.640  27.816  -2.221  1.00 84.94  ? 28 A   C "O5'" 1 
ATOM   836  C  "C5'" . A   C 3 14 ? 15.039  27.948  -3.577  1.00 89.07  ? 28 A   C "C5'" 1 
ATOM   837  C  "C4'" . A   C 3 14 ? 14.180  28.962  -4.279  1.00 90.37  ? 28 A   C "C4'" 1 
ATOM   838  O  "O4'" . A   C 3 14 ? 12.917  28.355  -4.633  1.00 87.10  ? 28 A   C "O4'" 1 
ATOM   839  C  "C3'" . A   C 3 14 ? 13.795  30.185  -3.466  1.00 93.79  ? 28 A   C "C3'" 1 
ATOM   840  O  "O3'" . A   C 3 14 ? 14.793  31.189  -3.440  1.00 98.00  ? 28 A   C "O3'" 1 
ATOM   841  C  "C2'" . A   C 3 14 ? 12.533  30.648  -4.172  1.00 93.47  ? 28 A   C "C2'" 1 
ATOM   842  O  "O2'" . A   C 3 14 ? 12.779  31.382  -5.354  1.00 94.71  ? 28 A   C "O2'" 1 
ATOM   843  C  "C1'" . A   C 3 14 ? 11.880  29.307  -4.491  1.00 90.36  ? 28 A   C "C1'" 1 
ATOM   844  N  N9    . A   C 3 14 ? 11.086  28.907  -3.341  1.00 89.78  ? 28 A   C N9    1 
ATOM   845  C  C8    . A   C 3 14 ? 11.530  28.251  -2.225  1.00 89.58  ? 28 A   C C8    1 
ATOM   846  N  N7    . A   C 3 14 ? 10.599  28.058  -1.323  1.00 91.14  ? 28 A   C N7    1 
ATOM   847  C  C5    . A   C 3 14 ? 9.460   28.613  -1.890  1.00 90.48  ? 28 A   C C5    1 
ATOM   848  C  C6    . A   C 3 14 ? 8.135   28.730  -1.433  1.00 91.16  ? 28 A   C C6    1 
ATOM   849  N  N6    . A   C 3 14 ? 7.711   28.269  -0.255  1.00 92.17  ? 28 A   C N6    1 
ATOM   850  N  N1    . A   C 3 14 ? 7.248   29.349  -2.243  1.00 91.54  ? 28 A   C N1    1 
ATOM   851  C  C2    . A   C 3 14 ? 7.673   29.814  -3.426  1.00 91.64  ? 28 A   C C2    1 
ATOM   852  N  N3    . A   C 3 14 ? 8.891   29.761  -3.965  1.00 91.29  ? 28 A   C N3    1 
ATOM   853  C  C4    . A   C 3 14 ? 9.750   29.138  -3.135  1.00 90.35  ? 28 A   C C4    1 
ATOM   854  P  P     . C   C 3 15 ? 14.738  32.318  -2.301  1.00 99.58  ? 29 C   C P     1 
ATOM   855  O  OP1   . C   C 3 15 ? 15.947  33.174  -2.448  1.00 99.65  ? 29 C   C OP1   1 
ATOM   856  O  OP2   . C   C 3 15 ? 14.475  31.635  -1.005  1.00 99.71  ? 29 C   C OP2   1 
ATOM   857  O  "O5'" . C   C 3 15 ? 13.446  33.171  -2.692  1.00 96.08  ? 29 C   C "O5'" 1 
ATOM   858  C  "C5'" . C   C 3 15 ? 13.399  33.893  -3.921  1.00 93.88  ? 29 C   C "C5'" 1 
ATOM   859  C  "C4'" . C   C 3 15 ? 12.004  34.410  -4.185  1.00 95.20  ? 29 C   C "C4'" 1 
ATOM   860  O  "O4'" . C   C 3 15 ? 11.101  33.277  -4.332  1.00 92.22  ? 29 C   C "O4'" 1 
ATOM   861  C  "C3'" . C   C 3 15 ? 11.358  35.231  -3.078  1.00 97.75  ? 29 C   C "C3'" 1 
ATOM   862  O  "O3'" . C   C 3 15 ? 11.761  36.584  -2.987  1.00 99.86  ? 29 C   C "O3'" 1 
ATOM   863  C  "C2'" . C   C 3 15 ? 9.879   35.071  -3.386  1.00 96.56  ? 29 C   C "C2'" 1 
ATOM   864  O  "O2'" . C   C 3 15 ? 9.440   35.872  -4.461  1.00 97.68  ? 29 C   C "O2'" 1 
ATOM   865  C  "C1'" . C   C 3 15 ? 9.833   33.601  -3.778  1.00 94.00  ? 29 C   C "C1'" 1 
ATOM   866  N  N1    . C   C 3 15 ? 9.670   32.860  -2.528  1.00 93.59  ? 29 C   C N1    1 
ATOM   867  C  C2    . C   C 3 15 ? 8.382   32.542  -2.107  1.00 93.52  ? 29 C   C C2    1 
ATOM   868  O  O2    . C   C 3 15 ? 7.421   32.848  -2.833  1.00 93.16  ? 29 C   C O2    1 
ATOM   869  N  N3    . C   C 3 15 ? 8.213   31.912  -0.923  1.00 93.33  ? 29 C   C N3    1 
ATOM   870  C  C4    . C   C 3 15 ? 9.278   31.595  -0.184  1.00 94.35  ? 29 C   C C4    1 
ATOM   871  N  N4    . C   C 3 15 ? 9.071   30.984  0.980   1.00 94.82  ? 29 C   C N4    1 
ATOM   872  C  C5    . C   C 3 15 ? 10.605  31.894  -0.604  1.00 94.46  ? 29 C   C C5    1 
ATOM   873  C  C6    . C   C 3 15 ? 10.754  32.516  -1.773  1.00 93.62  ? 29 C   C C6    1 
ATOM   874  P  P     . G   C 3 16 ? 11.524  37.368  -1.607  1.00 97.82  ? 30 G   C P     1 
ATOM   875  O  OP1   . G   C 3 16 ? 11.868  38.794  -1.786  1.00 101.30 ? 30 G   C OP1   1 
ATOM   876  O  OP2   . G   C 3 16 ? 12.127  36.595  -0.492  1.00 97.08  ? 30 G   C OP2   1 
ATOM   877  O  "O5'" . G   C 3 16 ? 9.958   37.308  -1.431  1.00 96.06  ? 30 G   C "O5'" 1 
ATOM   878  C  "C5'" . G   C 3 16 ? 9.124   38.016  -2.318  1.00 97.24  ? 30 G   C "C5'" 1 
ATOM   879  C  "C4'" . G   C 3 16 ? 7.717   37.922  -1.833  1.00 99.00  ? 30 G   C "C4'" 1 
ATOM   880  O  "O4'" . G   C 3 16 ? 7.330   36.524  -1.832  1.00 100.95 ? 30 G   C "O4'" 1 
ATOM   881  C  "C3'" . G   C 3 16 ? 7.543   38.340  -0.385  1.00 99.05  ? 30 G   C "C3'" 1 
ATOM   882  O  "O3'" . G   C 3 16 ? 7.404   39.737  -0.256  1.00 96.12  ? 30 G   C "O3'" 1 
ATOM   883  C  "C2'" . G   C 3 16 ? 6.283   37.591  0.018   1.00 99.57  ? 30 G   C "C2'" 1 
ATOM   884  O  "O2'" . G   C 3 16 ? 5.100   38.231  -0.430  1.00 102.03 ? 30 G   C "O2'" 1 
ATOM   885  C  "C1'" . G   C 3 16 ? 6.498   36.264  -0.714  1.00 99.94  ? 30 G   C "C1'" 1 
ATOM   886  N  N9    . G   C 3 16 ? 7.186   35.291  0.129   1.00 101.30 ? 30 G   C N9    1 
ATOM   887  C  C8    . G   C 3 16 ? 8.500   34.900  0.042   1.00 102.19 ? 30 G   C C8    1 
ATOM   888  N  N7    . G   C 3 16 ? 8.821   34.011  0.936   1.00 103.01 ? 30 G   C N7    1 
ATOM   889  C  C5    . G   C 3 16 ? 7.651   33.806  1.653   1.00 102.42 ? 30 G   C C5    1 
ATOM   890  C  C6    . G   C 3 16 ? 7.388   32.961  2.735   1.00 102.22 ? 30 G   C C6    1 
ATOM   891  O  O6    . G   C 3 16 ? 8.159   32.178  3.290   1.00 102.26 ? 30 G   C O6    1 
ATOM   892  N  N1    . G   C 3 16 ? 6.072   33.081  3.176   1.00 101.06 ? 30 G   C N1    1 
ATOM   893  C  C2    . G   C 3 16 ? 5.133   33.909  2.624   1.00 100.43 ? 30 G   C C2    1 
ATOM   894  N  N2    . G   C 3 16 ? 3.927   33.894  3.178   1.00 100.86 ? 30 G   C N2    1 
ATOM   895  N  N3    . G   C 3 16 ? 5.366   34.693  1.600   1.00 100.74 ? 30 G   C N3    1 
ATOM   896  C  C4    . G   C 3 16 ? 6.636   34.594  1.168   1.00 101.50 ? 30 G   C C4    1 
ATOM   897  P  P     . A   C 3 17 ? 7.782   40.433  1.132   1.00 94.36  ? 31 A   C P     1 
ATOM   898  O  OP1   . A   C 3 17 ? 7.508   41.880  0.964   1.00 98.01  ? 31 A   C OP1   1 
ATOM   899  O  OP2   . A   C 3 17 ? 9.144   39.974  1.533   1.00 95.01  ? 31 A   C OP2   1 
ATOM   900  O  "O5'" . A   C 3 17 ? 6.708   39.845  2.146   1.00 91.09  ? 31 A   C "O5'" 1 
ATOM   901  C  "C5'" . A   C 3 17 ? 5.336   40.218  2.042   1.00 92.69  ? 31 A   C "C5'" 1 
ATOM   902  C  "C4'" . A   C 3 17 ? 4.558   39.666  3.213   1.00 92.62  ? 31 A   C "C4'" 1 
ATOM   903  O  "O4'" . A   C 3 17 ? 4.394   38.233  3.064   1.00 93.99  ? 31 A   C "O4'" 1 
ATOM   904  C  "C3'" . A   C 3 17 ? 5.216   39.838  4.569   1.00 94.27  ? 31 A   C "C3'" 1 
ATOM   905  O  "O3'" . A   C 3 17 ? 5.100   41.161  5.087   1.00 99.14  ? 31 A   C "O3'" 1 
ATOM   906  C  "C2'" . A   C 3 17 ? 4.579   38.721  5.385   1.00 95.04  ? 31 A   C "C2'" 1 
ATOM   907  O  "O2'" . A   C 3 17 ? 3.292   39.039  5.871   1.00 94.52  ? 31 A   C "O2'" 1 
ATOM   908  C  "C1'" . A   C 3 17 ? 4.487   37.608  4.337   1.00 94.68  ? 31 A   C "C1'" 1 
ATOM   909  N  N9    . A   C 3 17 ? 5.697   36.793  4.323   1.00 94.14  ? 31 A   C N9    1 
ATOM   910  C  C8    . A   C 3 17 ? 6.733   36.867  3.422   1.00 93.76  ? 31 A   C C8    1 
ATOM   911  N  N7    . A   C 3 17 ? 7.701   36.024  3.663   1.00 93.74  ? 31 A   C N7    1 
ATOM   912  C  C5    . A   C 3 17 ? 7.274   35.348  4.796   1.00 93.62  ? 31 A   C C5    1 
ATOM   913  C  C6    . A   C 3 17 ? 7.852   34.329  5.547   1.00 93.50  ? 31 A   C C6    1 
ATOM   914  N  N6    . A   C 3 17 ? 9.042   33.795  5.254   1.00 93.83  ? 31 A   C N6    1 
ATOM   915  N  N1    . A   C 3 17 ? 7.166   33.866  6.618   1.00 92.60  ? 31 A   C N1    1 
ATOM   916  C  C2    . A   C 3 17 ? 5.977   34.409  6.897   1.00 92.49  ? 31 A   C C2    1 
ATOM   917  N  N3    . A   C 3 17 ? 5.328   35.377  6.264   1.00 92.52  ? 31 A   C N3    1 
ATOM   918  C  C4    . A   C 3 17 ? 6.040   35.809  5.210   1.00 93.27  ? 31 A   C C4    1 
ATOM   919  O  "O5'" . U   D 4 1  ? 6.618   26.462  11.658  1.00 102.53 ? 31 U   D "O5'" 1 
ATOM   920  C  "C5'" . U   D 4 1  ? 5.504   26.421  12.558  1.00 99.04  ? 31 U   D "C5'" 1 
ATOM   921  C  "C4'" . U   D 4 1  ? 4.564   27.576  12.328  1.00 97.48  ? 31 U   D "C4'" 1 
ATOM   922  O  "O4'" . U   D 4 1  ? 5.314   28.819  12.426  1.00 98.00  ? 31 U   D "O4'" 1 
ATOM   923  C  "C3'" . U   D 4 1  ? 3.952   27.640  10.941  1.00 96.38  ? 31 U   D "C3'" 1 
ATOM   924  O  "O3'" . U   D 4 1  ? 2.792   26.853  10.793  1.00 91.57  ? 31 U   D "O3'" 1 
ATOM   925  C  "C2'" . U   D 4 1  ? 3.598   29.109  10.817  1.00 98.44  ? 31 U   D "C2'" 1 
ATOM   926  O  "O2'" . U   D 4 1  ? 2.407   29.414  11.517  1.00 98.17  ? 31 U   D "O2'" 1 
ATOM   927  C  "C1'" . U   D 4 1  ? 4.804   29.761  11.494  1.00 99.23  ? 31 U   D "C1'" 1 
ATOM   928  N  N1    . U   D 4 1  ? 5.859   30.100  10.533  1.00 98.11  ? 31 U   D N1    1 
ATOM   929  C  C2    . U   D 4 1  ? 5.574   31.038  9.550   1.00 98.77  ? 31 U   D C2    1 
ATOM   930  O  O2    . U   D 4 1  ? 4.493   31.595  9.461   1.00 100.53 ? 31 U   D O2    1 
ATOM   931  N  N3    . U   D 4 1  ? 6.595   31.303  8.677   1.00 97.52  ? 31 U   D N3    1 
ATOM   932  C  C4    . U   D 4 1  ? 7.846   30.737  8.677   1.00 96.85  ? 31 U   D C4    1 
ATOM   933  O  O4    . U   D 4 1  ? 8.665   31.076  7.817   1.00 95.34  ? 31 U   D O4    1 
ATOM   934  C  C5    . U   D 4 1  ? 8.063   29.781  9.720   1.00 97.31  ? 31 U   D C5    1 
ATOM   935  C  C6    . U   D 4 1  ? 7.086   29.506  10.587  1.00 97.59  ? 31 U   D C6    1 
ATOM   936  P  P     . C   D 4 2  ? 2.212   26.598  9.318   1.00 90.84  ? 32 C   D P     1 
ATOM   937  O  OP1   . C   D 4 2  ? 0.954   25.820  9.413   1.00 93.81  ? 32 C   D OP1   1 
ATOM   938  O  OP2   . C   D 4 2  ? 3.339   26.083  8.499   1.00 87.76  ? 32 C   D OP2   1 
ATOM   939  O  "O5'" . C   D 4 2  ? 1.830   28.044  8.775   1.00 91.74  ? 32 C   D "O5'" 1 
ATOM   940  C  "C5'" . C   D 4 2  ? 0.598   28.660  9.131   1.00 89.99  ? 32 C   D "C5'" 1 
ATOM   941  C  "C4'" . C   D 4 2  ? 0.302   29.778  8.172   1.00 91.84  ? 32 C   D "C4'" 1 
ATOM   942  O  "O4'" . C   D 4 2  ? 1.405   30.718  8.210   1.00 93.48  ? 32 C   D "O4'" 1 
ATOM   943  C  "C3'" . C   D 4 2  ? 0.252   29.349  6.718   1.00 91.20  ? 32 C   D "C3'" 1 
ATOM   944  O  "O3'" . C   D 4 2  ? -1.050  28.916  6.379   1.00 91.76  ? 32 C   D "O3'" 1 
ATOM   945  C  "C2'" . C   D 4 2  ? 0.592   30.632  5.977   1.00 90.54  ? 32 C   D "C2'" 1 
ATOM   946  O  "O2'" . C   D 4 2  ? -0.498  31.506  5.800   1.00 89.56  ? 32 C   D "O2'" 1 
ATOM   947  C  "C1'" . C   D 4 2  ? 1.613   31.264  6.917   1.00 92.11  ? 32 C   D "C1'" 1 
ATOM   948  N  N1    . C   D 4 2  ? 3.001   31.010  6.517   1.00 92.57  ? 32 C   D N1    1 
ATOM   949  C  C2    . C   D 4 2  ? 3.614   31.905  5.649   1.00 93.90  ? 32 C   D C2    1 
ATOM   950  O  O2    . C   D 4 2  ? 2.971   32.863  5.221   1.00 96.06  ? 32 C   D O2    1 
ATOM   951  N  N3    . C   D 4 2  ? 4.886   31.697  5.285   1.00 93.33  ? 32 C   D N3    1 
ATOM   952  C  C4    . C   D 4 2  ? 5.545   30.644  5.756   1.00 92.43  ? 32 C   D C4    1 
ATOM   953  N  N4    . C   D 4 2  ? 6.801   30.480  5.368   1.00 93.25  ? 32 C   D N4    1 
ATOM   954  C  C5    . C   D 4 2  ? 4.942   29.711  6.642   1.00 92.53  ? 32 C   D C5    1 
ATOM   955  C  C6    . C   D 4 2  ? 3.678   29.932  6.994   1.00 93.15  ? 32 C   D C6    1 
ATOM   956  P  P     . G   D 4 3  ? -1.280  28.133  4.999   1.00 95.91  ? 33 G   D P     1 
ATOM   957  O  OP1   . G   D 4 3  ? -2.689  27.667  4.943   1.00 96.33  ? 33 G   D OP1   1 
ATOM   958  O  OP2   . G   D 4 3  ? -0.166  27.148  4.924   1.00 95.66  ? 33 G   D OP2   1 
ATOM   959  O  "O5'" . G   D 4 3  ? -1.102  29.239  3.864   1.00 93.41  ? 33 G   D "O5'" 1 
ATOM   960  C  "C5'" . G   D 4 3  ? -2.129  30.189  3.608   1.00 89.11  ? 33 G   D "C5'" 1 
ATOM   961  C  "C4'" . G   D 4 3  ? -1.628  31.222  2.649   1.00 86.52  ? 33 G   D "C4'" 1 
ATOM   962  O  "O4'" . G   D 4 3  ? -0.421  31.800  3.193   1.00 85.35  ? 33 G   D "O4'" 1 
ATOM   963  C  "C3'" . G   D 4 3  ? -1.138  30.595  1.365   1.00 89.07  ? 33 G   D "C3'" 1 
ATOM   964  O  "O3'" . G   D 4 3  ? -2.198  30.461  0.464   1.00 94.23  ? 33 G   D "O3'" 1 
ATOM   965  C  "C2'" . G   D 4 3  ? -0.137  31.599  0.835   1.00 89.62  ? 33 G   D "C2'" 1 
ATOM   966  O  "O2'" . G   D 4 3  ? -0.648  32.630  0.019   1.00 91.58  ? 33 G   D "O2'" 1 
ATOM   967  C  "C1'" . G   D 4 3  ? 0.462   32.123  2.133   1.00 87.48  ? 33 G   D "C1'" 1 
ATOM   968  N  N9    . G   D 4 3  ? 1.747   31.506  2.374   1.00 85.28  ? 33 G   D N9    1 
ATOM   969  C  C8    . G   D 4 3  ? 2.107   30.621  3.360   1.00 83.51  ? 33 G   D C8    1 
ATOM   970  N  N7    . G   D 4 3  ? 3.357   30.265  3.288   1.00 83.77  ? 33 G   D N7    1 
ATOM   971  C  C5    . G   D 4 3  ? 3.842   30.951  2.181   1.00 84.05  ? 33 G   D C5    1 
ATOM   972  C  C6    . G   D 4 3  ? 5.131   30.963  1.586   1.00 83.31  ? 33 G   D C6    1 
ATOM   973  O  O6    . G   D 4 3  ? 6.142   30.339  1.925   1.00 82.78  ? 33 G   D O6    1 
ATOM   974  N  N1    . G   D 4 3  ? 5.176   31.804  0.476   1.00 82.00  ? 33 G   D N1    1 
ATOM   975  C  C2    . G   D 4 3  ? 4.115   32.521  -0.012  1.00 82.00  ? 33 G   D C2    1 
ATOM   976  N  N2    . G   D 4 3  ? 4.347   33.249  -1.110  1.00 83.24  ? 33 G   D N2    1 
ATOM   977  N  N3    . G   D 4 3  ? 2.917   32.520  0.528   1.00 82.03  ? 33 G   D N3    1 
ATOM   978  C  C4    . G   D 4 3  ? 2.857   31.718  1.613   1.00 83.83  ? 33 G   D C4    1 
ATOM   979  P  P     . U   D 4 4  ? -2.158  29.276  -0.587  1.00 98.72  ? 34 U   D P     1 
ATOM   980  O  OP1   . U   D 4 4  ? -3.515  29.109  -1.147  1.00 100.05 ? 34 U   D OP1   1 
ATOM   981  O  OP2   . U   D 4 4  ? -1.533  28.175  0.178   1.00 101.23 ? 34 U   D OP2   1 
ATOM   982  O  "O5'" . U   D 4 4  ? -1.184  29.800  -1.729  1.00 93.12  ? 34 U   D "O5'" 1 
ATOM   983  C  "C5'" . U   D 4 4  ? -1.630  30.812  -2.602  1.00 91.77  ? 34 U   D "C5'" 1 
ATOM   984  C  "C4'" . U   D 4 4  ? -0.484  31.345  -3.403  1.00 93.95  ? 34 U   D "C4'" 1 
ATOM   985  O  "O4'" . U   D 4 4  ? 0.525   31.851  -2.498  1.00 93.13  ? 34 U   D "O4'" 1 
ATOM   986  C  "C3'" . U   D 4 4  ? 0.245   30.308  -4.228  1.00 95.58  ? 34 U   D "C3'" 1 
ATOM   987  O  "O3'" . U   D 4 4  ? -0.385  30.131  -5.478  1.00 103.48 ? 34 U   D "O3'" 1 
ATOM   988  C  "C2'" . U   D 4 4  ? 1.607   30.946  -4.406  1.00 93.08  ? 34 U   D "C2'" 1 
ATOM   989  O  "O2'" . U   D 4 4  ? 1.629   31.912  -5.430  1.00 92.38  ? 34 U   D "O2'" 1 
ATOM   990  C  "C1'" . U   D 4 4  ? 1.803   31.600  -3.041  1.00 91.97  ? 34 U   D "C1'" 1 
ATOM   991  N  N1    . U   D 4 4  ? 2.487   30.660  -2.155  1.00 90.14  ? 34 U   D N1    1 
ATOM   992  C  C2    . U   D 4 4  ? 3.784   30.325  -2.487  1.00 89.87  ? 34 U   D C2    1 
ATOM   993  O  O2    . U   D 4 4  ? 4.372   30.810  -3.451  1.00 88.42  ? 34 U   D O2    1 
ATOM   994  N  N3    . U   D 4 4  ? 4.370   29.408  -1.651  1.00 91.04  ? 34 U   D N3    1 
ATOM   995  C  C4    . U   D 4 4  ? 3.800   28.810  -0.540  1.00 91.02  ? 34 U   D C4    1 
ATOM   996  O  O4    . U   D 4 4  ? 4.446   27.964  0.091   1.00 91.19  ? 34 U   D O4    1 
ATOM   997  C  C5    . U   D 4 4  ? 2.455   29.230  -0.260  1.00 89.94  ? 34 U   D C5    1 
ATOM   998  C  C6    . U   D 4 4  ? 1.860   30.119  -1.060  1.00 89.10  ? 34 U   D C6    1 
ATOM   999  P  P     . G   D 4 5  ? -0.439  28.667  -6.128  1.00 109.59 ? 35 G   D P     1 
ATOM   1000 O  OP1   . G   D 4 5  ? -1.613  28.554  -7.034  1.00 110.71 ? 35 G   D OP1   1 
ATOM   1001 O  OP2   . G   D 4 5  ? -0.298  27.735  -4.982  1.00 110.98 ? 35 G   D OP2   1 
ATOM   1002 O  "O5'" . G   D 4 5  ? 0.869   28.573  -7.026  1.00 103.85 ? 35 G   D "O5'" 1 
ATOM   1003 C  "C5'" . G   D 4 5  ? 1.093   29.484  -8.093  1.00 101.41 ? 35 G   D "C5'" 1 
ATOM   1004 C  "C4'" . G   D 4 5  ? 2.529   29.401  -8.502  1.00 101.32 ? 35 G   D "C4'" 1 
ATOM   1005 O  "O4'" . G   D 4 5  ? 3.340   29.639  -7.323  1.00 99.91  ? 35 G   D "O4'" 1 
ATOM   1006 C  "C3'" . G   D 4 5  ? 2.951   28.019  -8.976  1.00 102.25 ? 35 G   D "C3'" 1 
ATOM   1007 O  "O3'" . G   D 4 5  ? 2.688   27.900  -10.379 1.00 108.64 ? 35 G   D "O3'" 1 
ATOM   1008 C  "C2'" . G   D 4 5  ? 4.447   28.018  -8.673  1.00 99.58  ? 35 G   D "C2'" 1 
ATOM   1009 O  "O2'" . G   D 4 5  ? 5.217   28.687  -9.653  1.00 100.71 ? 35 G   D "O2'" 1 
ATOM   1010 C  "C1'" . G   D 4 5  ? 4.496   28.821  -7.368  1.00 96.84  ? 35 G   D "C1'" 1 
ATOM   1011 N  N9    . G   D 4 5  ? 4.582   28.061  -6.117  1.00 92.61  ? 35 G   D N9    1 
ATOM   1012 C  C8    . G   D 4 5  ? 3.544   27.686  -5.294  1.00 91.79  ? 35 G   D C8    1 
ATOM   1013 N  N7    . G   D 4 5  ? 3.944   27.084  -4.203  1.00 89.40  ? 35 G   D N7    1 
ATOM   1014 C  C5    . G   D 4 5  ? 5.329   27.045  -4.316  1.00 87.64  ? 35 G   D C5    1 
ATOM   1015 C  C6    . G   D 4 5  ? 6.312   26.538  -3.420  1.00 85.31  ? 35 G   D C6    1 
ATOM   1016 O  O6    . G   D 4 5  ? 6.149   26.026  -2.311  1.00 82.07  ? 35 G   D O6    1 
ATOM   1017 N  N1    . G   D 4 5  ? 7.600   26.695  -3.929  1.00 84.20  ? 35 G   D N1    1 
ATOM   1018 C  C2    . G   D 4 5  ? 7.909   27.280  -5.138  1.00 85.00  ? 35 G   D C2    1 
ATOM   1019 N  N2    . G   D 4 5  ? 9.216   27.360  -5.450  1.00 83.27  ? 35 G   D N2    1 
ATOM   1020 N  N3    . G   D 4 5  ? 7.000   27.766  -5.978  1.00 86.73  ? 35 G   D N3    1 
ATOM   1021 C  C4    . G   D 4 5  ? 5.741   27.619  -5.504  1.00 89.17  ? 35 G   D C4    1 
ATOM   1022 P  P     . G   D 4 6  ? 2.561   26.444  -11.061 1.00 114.03 ? 36 G   D P     1 
ATOM   1023 O  OP1   . G   D 4 6  ? 1.918   26.595  -12.391 1.00 115.08 ? 36 G   D OP1   1 
ATOM   1024 O  OP2   . G   D 4 6  ? 1.944   25.550  -10.053 1.00 114.20 ? 36 G   D OP2   1 
ATOM   1025 O  "O5'" . G   D 4 6  ? 4.065   25.998  -11.338 1.00 109.74 ? 36 G   D "O5'" 1 
ATOM   1026 C  "C5'" . G   D 4 6  ? 4.982   26.916  -11.914 1.00 104.82 ? 36 G   D "C5'" 1 
ATOM   1027 C  "C4'" . G   D 4 6  ? 6.391   26.403  -11.787 1.00 101.69 ? 36 G   D "C4'" 1 
ATOM   1028 O  "O4'" . G   D 4 6  ? 6.681   26.082  -10.408 1.00 96.69  ? 36 G   D "O4'" 1 
ATOM   1029 C  "C3'" . G   D 4 6  ? 6.571   25.106  -12.550 1.00 101.65 ? 36 G   D "C3'" 1 
ATOM   1030 O  "O3'" . G   D 4 6  ? 7.775   25.127  -13.279 1.00 105.28 ? 36 G   D "O3'" 1 
ATOM   1031 C  "C2'" . G   D 4 6  ? 6.434   23.979  -11.538 1.00 97.53  ? 36 G   D "C2'" 1 
ATOM   1032 O  "O2'" . G   D 4 6  ? 7.355   22.933  -11.769 1.00 98.00  ? 36 G   D "O2'" 1 
ATOM   1033 C  "C1'" . G   D 4 6  ? 6.841   24.689  -10.255 1.00 93.13  ? 36 G   D "C1'" 1 
ATOM   1034 N  N9    . G   D 4 6  ? 6.196   24.280  -9.023  1.00 89.02  ? 36 G   D N9    1 
ATOM   1035 C  C8    . G   D 4 6  ? 4.871   24.009  -8.815  1.00 88.07  ? 36 G   D C8    1 
ATOM   1036 N  N7    . G   D 4 6  ? 4.603   23.705  -7.573  1.00 87.24  ? 36 G   D N7    1 
ATOM   1037 C  C5    . G   D 4 6  ? 5.833   23.773  -6.928  1.00 86.93  ? 36 G   D C5    1 
ATOM   1038 C  C6    . G   D 4 6  ? 6.173   23.556  -5.567  1.00 86.73  ? 36 G   D C6    1 
ATOM   1039 O  O6    . G   D 4 6  ? 5.429   23.257  -4.624  1.00 89.05  ? 36 G   D O6    1 
ATOM   1040 N  N1    . G   D 4 6  ? 7.535   23.724  -5.350  1.00 84.55  ? 36 G   D N1    1 
ATOM   1041 C  C2    . G   D 4 6  ? 8.448   24.059  -6.314  1.00 84.23  ? 36 G   D C2    1 
ATOM   1042 N  N2    . G   D 4 6  ? 9.717   24.169  -5.911  1.00 83.03  ? 36 G   D N2    1 
ATOM   1043 N  N3    . G   D 4 6  ? 8.142   24.270  -7.581  1.00 84.56  ? 36 G   D N3    1 
ATOM   1044 C  C4    . G   D 4 6  ? 6.825   24.111  -7.814  1.00 86.71  ? 36 G   D C4    1 
ATOM   1045 P  P     . U   D 4 7  ? 7.880   24.324  -14.637 1.00 108.58 ? 37 U   D P     1 
ATOM   1046 O  OP1   . U   D 4 7  ? 9.020   24.908  -15.376 1.00 108.09 ? 37 U   D OP1   1 
ATOM   1047 O  OP2   . U   D 4 7  ? 6.519   24.337  -15.230 1.00 108.76 ? 37 U   D OP2   1 
ATOM   1048 O  "O5'" . U   D 4 7  ? 8.278   22.842  -14.223 1.00 110.40 ? 37 U   D "O5'" 1 
ATOM   1049 C  "C5'" . U   D 4 7  ? 8.660   21.932  -15.245 1.00 118.23 ? 37 U   D "C5'" 1 
ATOM   1050 C  "C4'" . U   D 4 7  ? 9.577   20.852  -14.716 1.00 119.71 ? 37 U   D "C4'" 1 
ATOM   1051 O  "O4'" . U   D 4 7  ? 10.588  21.449  -13.864 1.00 123.11 ? 37 U   D "O4'" 1 
ATOM   1052 C  "C3'" . U   D 4 7  ? 8.857   19.828  -13.854 1.00 118.90 ? 37 U   D "C3'" 1 
ATOM   1053 O  "O3'" . U   D 4 7  ? 9.108   18.479  -14.254 1.00 114.04 ? 37 U   D "O3'" 1 
ATOM   1054 C  "C2'" . U   D 4 7  ? 9.109   20.238  -12.409 1.00 120.96 ? 37 U   D "C2'" 1 
ATOM   1055 O  "O2'" . U   D 4 7  ? 9.406   19.127  -11.597 1.00 122.36 ? 37 U   D "O2'" 1 
ATOM   1056 C  "C1'" . U   D 4 7  ? 10.397  21.053  -12.529 1.00 123.89 ? 37 U   D "C1'" 1 
ATOM   1057 N  N1    . U   D 4 7  ? 10.483  22.228  -11.661 1.00 126.75 ? 37 U   D N1    1 
ATOM   1058 C  C2    . U   D 4 7  ? 11.173  22.073  -10.482 1.00 127.49 ? 37 U   D C2    1 
ATOM   1059 O  O2    . U   D 4 7  ? 11.738  21.037  -10.186 1.00 128.55 ? 37 U   D O2    1 
ATOM   1060 N  N3    . U   D 4 7  ? 11.183  23.173  -9.664  1.00 128.14 ? 37 U   D N3    1 
ATOM   1061 C  C4    . U   D 4 7  ? 10.598  24.395  -9.915  1.00 129.00 ? 37 U   D C4    1 
ATOM   1062 O  O4    . U   D 4 7  ? 10.642  25.276  -9.049  1.00 130.12 ? 37 U   D O4    1 
ATOM   1063 C  C5    . U   D 4 7  ? 9.928   24.485  -11.184 1.00 129.07 ? 37 U   D C5    1 
ATOM   1064 C  C6    . U   D 4 7  ? 9.900   23.421  -11.994 1.00 127.78 ? 37 U   D C6    1 
ATOM   1065 P  P     . A   D 4 8  ? 7.938   17.398  -14.261 1.00 111.51 ? 38 A   D P     1 
ATOM   1066 O  OP1   . A   D 4 8  ? 8.287   16.032  -13.781 1.00 113.05 ? 38 A   D OP1   1 
ATOM   1067 O  OP2   . A   D 4 8  ? 7.479   17.416  -15.639 1.00 111.66 ? 38 A   D OP2   1 
ATOM   1068 O  "O5'" . A   D 4 8  ? 6.788   18.016  -13.343 1.00 108.58 ? 38 A   D "O5'" 1 
ATOM   1069 C  "C5'" . A   D 4 8  ? 6.801   17.789  -11.947 1.00 104.94 ? 38 A   D "C5'" 1 
ATOM   1070 C  "C4'" . A   D 4 8  ? 5.413   17.872  -11.371 1.00 102.89 ? 38 A   D "C4'" 1 
ATOM   1071 O  "O4'" . A   D 4 8  ? 5.377   17.025  -10.194 1.00 100.93 ? 38 A   D "O4'" 1 
ATOM   1072 C  "C3'" . A   D 4 8  ? 5.071   19.288  -10.904 1.00 102.02 ? 38 A   D "C3'" 1 
ATOM   1073 O  "O3'" . A   D 4 8  ? 3.715   19.690  -11.135 1.00 104.26 ? 38 A   D "O3'" 1 
ATOM   1074 C  "C2'" . A   D 4 8  ? 5.385   19.298  -9.412  1.00 100.48 ? 38 A   D "C2'" 1 
ATOM   1075 O  "O2'" . A   D 4 8  ? 4.386   19.992  -8.697  1.00 102.71 ? 38 A   D "O2'" 1 
ATOM   1076 C  "C1'" . A   D 4 8  ? 5.225   17.822  -9.050  1.00 99.62  ? 38 A   D "C1'" 1 
ATOM   1077 N  N9    . A   D 4 8  ? 5.958   17.249  -7.925  1.00 98.69  ? 38 A   D N9    1 
ATOM   1078 C  C8    . A   D 4 8  ? 5.417   16.911  -6.708  1.00 98.39  ? 38 A   D C8    1 
ATOM   1079 N  N7    . A   D 4 8  ? 6.285   16.451  -5.846  1.00 96.41  ? 38 A   D N7    1 
ATOM   1080 C  C5    . A   D 4 8  ? 7.479   16.478  -6.539  1.00 97.72  ? 38 A   D C5    1 
ATOM   1081 C  C6    . A   D 4 8  ? 8.779   16.122  -6.175  1.00 97.82  ? 38 A   D C6    1 
ATOM   1082 N  N6    . A   D 4 8  ? 9.110   15.667  -4.971  1.00 96.92  ? 38 A   D N6    1 
ATOM   1083 N  N1    . A   D 4 8  ? 9.747   16.258  -7.103  1.00 100.44 ? 38 A   D N1    1 
ATOM   1084 C  C2    . A   D 4 8  ? 9.411   16.728  -8.321  1.00 102.04 ? 38 A   D C2    1 
ATOM   1085 N  N3    . A   D 4 8  ? 8.225   17.107  -8.782  1.00 101.84 ? 38 A   D N3    1 
ATOM   1086 C  C4    . A   D 4 8  ? 7.291   16.956  -7.830  1.00 99.38  ? 38 A   D C4    1 
ATOM   1087 P  P     . C   D 4 9  ? 3.270   20.237  -12.556 1.00 105.20 ? 39 C   D P     1 
ATOM   1088 O  OP1   . C   D 4 9  ? 4.311   21.123  -13.070 1.00 107.21 ? 39 C   D OP1   1 
ATOM   1089 O  OP2   . C   D 4 9  ? 1.867   20.794  -12.340 1.00 103.92 ? 39 C   D OP2   1 
ATOM   1090 O  "O5'" . C   D 4 9  ? 3.232   18.900  -13.487 1.00 107.63 ? 39 C   D "O5'" 1 
ATOM   1091 C  "C5'" . C   D 4 9  ? 1.925   18.494  -13.958 1.00 112.64 ? 39 C   D "C5'" 1 
ATOM   1092 C  "C4'" . C   D 4 9  ? 2.126   17.794  -15.286 1.00 114.67 ? 39 C   D "C4'" 1 
ATOM   1093 O  "O4'" . C   D 4 9  ? 2.415   18.778  -16.313 1.00 117.87 ? 39 C   D "O4'" 1 
ATOM   1094 C  "C3'" . C   D 4 9  ? 3.355   16.879  -15.298 1.00 114.13 ? 39 C   D "C3'" 1 
ATOM   1095 O  "O3'" . C   D 4 9  ? 3.190   15.610  -15.842 1.00 109.73 ? 39 C   D "O3'" 1 
ATOM   1096 C  "C2'" . C   D 4 9  ? 4.552   17.689  -15.800 1.00 116.91 ? 39 C   D "C2'" 1 
ATOM   1097 O  "O2'" . C   D 4 9  ? 5.425   16.902  -16.561 1.00 115.95 ? 39 C   D "O2'" 1 
ATOM   1098 C  "C1'" . C   D 4 9  ? 3.785   18.636  -16.724 1.00 121.13 ? 39 C   D "C1'" 1 
ATOM   1099 N  N1    . C   D 4 9  ? 4.396   19.923  -17.071 1.00 125.86 ? 39 C   D N1    1 
ATOM   1100 C  C2    . C   D 4 9  ? 4.817   20.145  -18.409 1.00 127.66 ? 39 C   D C2    1 
ATOM   1101 O  O2    . C   D 4 9  ? 4.600   19.270  -19.273 1.00 129.01 ? 39 C   D O2    1 
ATOM   1102 N  N3    . C   D 4 9  ? 5.456   21.296  -18.714 1.00 128.35 ? 39 C   D N3    1 
ATOM   1103 C  C4    . C   D 4 9  ? 5.663   22.213  -17.770 1.00 128.28 ? 39 C   D C4    1 
ATOM   1104 N  N4    . C   D 4 9  ? 6.303   23.334  -18.127 1.00 128.59 ? 39 C   D N4    1 
ATOM   1105 C  C5    . C   D 4 9  ? 5.230   22.021  -16.417 1.00 127.59 ? 39 C   D C5    1 
ATOM   1106 C  C6    . C   D 4 9  ? 4.584   20.887  -16.126 1.00 126.57 ? 39 C   D C6    1 
ATOM   1107 P  P     . A   D 4 10 ? 2.400   14.488  -15.039 1.00 107.66 ? 40 A   D P     1 
ATOM   1108 O  OP1   . A   D 4 10 ? 2.130   13.476  -16.071 1.00 105.48 ? 40 A   D OP1   1 
ATOM   1109 O  OP2   . A   D 4 10 ? 1.255   15.162  -14.356 1.00 107.53 ? 40 A   D OP2   1 
ATOM   1110 O  "O5'" . A   D 4 10 ? 3.375   13.856  -13.948 1.00 102.07 ? 40 A   D "O5'" 1 
ATOM   1111 C  "C5'" . A   D 4 10 ? 4.702   13.484  -14.311 1.00 94.06  ? 40 A   D "C5'" 1 
ATOM   1112 C  "C4'" . A   D 4 10 ? 5.559   13.207  -13.084 1.00 86.97  ? 40 A   D "C4'" 1 
ATOM   1113 O  "O4'" . A   D 4 10 ? 5.479   14.327  -12.160 1.00 84.68  ? 40 A   D "O4'" 1 
ATOM   1114 C  "C3'" . A   D 4 10 ? 5.182   12.006  -12.232 1.00 83.60  ? 40 A   D "C3'" 1 
ATOM   1115 O  "O3'" . A   D 4 10 ? 5.817   10.851  -12.711 1.00 79.74  ? 40 A   D "O3'" 1 
ATOM   1116 C  "C2'" . A   D 4 10 ? 5.780   12.347  -10.881 1.00 84.60  ? 40 A   D "C2'" 1 
ATOM   1117 O  "O2'" . A   D 4 10 ? 7.157   12.015  -10.850 1.00 87.88  ? 40 A   D "O2'" 1 
ATOM   1118 C  "C1'" . A   D 4 10 ? 5.539   13.857  -10.819 1.00 81.83  ? 40 A   D "C1'" 1 
ATOM   1119 N  N9    . A   D 4 10 ? 4.258   14.152  -10.197 1.00 79.29  ? 40 A   D N9    1 
ATOM   1120 C  C8    . A   D 4 10 ? 3.083   14.421  -10.844 1.00 78.15  ? 40 A   D C8    1 
ATOM   1121 N  N7    . A   D 4 10 ? 2.060   14.570  -10.043 1.00 78.00  ? 40 A   D N7    1 
ATOM   1122 C  C5    . A   D 4 10 ? 2.600   14.401  -8.774  1.00 78.65  ? 40 A   D C5    1 
ATOM   1123 C  C6    . A   D 4 10 ? 2.022   14.412  -7.479  1.00 79.39  ? 40 A   D C6    1 
ATOM   1124 N  N6    . A   D 4 10 ? 0.715   14.571  -7.236  1.00 80.08  ? 40 A   D N6    1 
ATOM   1125 N  N1    . A   D 4 10 ? 2.845   14.236  -6.430  1.00 79.60  ? 40 A   D N1    1 
ATOM   1126 C  C2    . A   D 4 10 ? 4.148   14.044  -6.670  1.00 80.26  ? 40 A   D C2    1 
ATOM   1127 N  N3    . A   D 4 10 ? 4.803   13.991  -7.834  1.00 79.45  ? 40 A   D N3    1 
ATOM   1128 C  C4    . A   D 4 10 ? 3.959   14.175  -8.856  1.00 78.54  ? 40 A   D C4    1 
ATOM   1129 P  P     . U   D 4 11 ? 4.970   9.523   -12.876 1.00 75.85  ? 41 U   D P     1 
ATOM   1130 O  OP1   . U   D 4 11 ? 5.863   8.632   -13.664 1.00 81.54  ? 41 U   D OP1   1 
ATOM   1131 O  OP2   . U   D 4 11 ? 3.642   9.909   -13.411 1.00 79.21  ? 41 U   D OP2   1 
ATOM   1132 O  "O5'" . U   D 4 11 ? 4.766   8.992   -11.386 1.00 73.93  ? 41 U   D "O5'" 1 
ATOM   1133 C  "C5'" . U   D 4 11 ? 5.850   8.399   -10.665 1.00 73.64  ? 41 U   D "C5'" 1 
ATOM   1134 C  "C4'" . U   D 4 11 ? 5.530   8.266   -9.184  1.00 72.10  ? 41 U   D "C4'" 1 
ATOM   1135 O  "O4'" . U   D 4 11 ? 4.661   9.358   -8.799  1.00 74.32  ? 41 U   D "O4'" 1 
ATOM   1136 C  "C3'" . U   D 4 11 ? 4.710   6.985   -8.908  1.00 71.59  ? 41 U   D "C3'" 1 
ATOM   1137 O  "O3'" . U   D 4 11 ? 5.168   6.315   -7.741  1.00 66.56  ? 41 U   D "O3'" 1 
ATOM   1138 C  "C2'" . U   D 4 11 ? 3.251   7.391   -8.775  1.00 73.13  ? 41 U   D "C2'" 1 
ATOM   1139 O  "O2'" . U   D 4 11 ? 2.656   6.758   -7.659  1.00 80.18  ? 41 U   D "O2'" 1 
ATOM   1140 C  "C1'" . U   D 4 11 ? 3.426   8.837   -8.370  1.00 75.37  ? 41 U   D "C1'" 1 
ATOM   1141 N  N1    . U   D 4 11 ? 2.336   9.752   -8.670  1.00 79.18  ? 41 U   D N1    1 
ATOM   1142 C  C2    . U   D 4 11 ? 1.339   9.826   -7.713  1.00 82.38  ? 41 U   D C2    1 
ATOM   1143 O  O2    . U   D 4 11 ? 1.340   9.144   -6.699  1.00 81.31  ? 41 U   D O2    1 
ATOM   1144 N  N3    . U   D 4 11 ? 0.337   10.718  -7.989  1.00 84.32  ? 41 U   D N3    1 
ATOM   1145 C  C4    . U   D 4 11 ? 0.237   11.525  -9.108  1.00 85.93  ? 41 U   D C4    1 
ATOM   1146 O  O4    . U   D 4 11 ? -0.727  12.301  -9.210  1.00 87.56  ? 41 U   D O4    1 
ATOM   1147 C  C5    . U   D 4 11 ? 1.317   11.367  -10.063 1.00 85.27  ? 41 U   D C5    1 
ATOM   1148 C  C6    . U   D 4 11 ? 2.305   10.504  -9.810  1.00 81.52  ? 41 U   D C6    1 
ATOM   1149 P  P     . U   D 4 12 ? 4.548   4.911   -7.338  1.00 62.94  ? 42 U   D P     1 
ATOM   1150 O  OP1   . U   D 4 12 ? 5.792   4.066   -7.211  1.00 44.42  ? 42 U   D OP1   1 
ATOM   1151 O  OP2   . U   D 4 12 ? 3.420   4.537   -8.224  1.00 69.34  ? 42 U   D OP2   1 
ATOM   1152 O  "O5'" . U   D 4 12 ? 3.911   5.088   -5.900  1.00 60.45  ? 42 U   D "O5'" 1 
ATOM   1153 C  "C5'" . U   D 4 12 ? 3.844   3.994   -5.003  1.00 61.26  ? 42 U   D "C5'" 1 
ATOM   1154 C  "C4'" . U   D 4 12 ? 2.738   4.229   -4.039  1.00 65.56  ? 42 U   D "C4'" 1 
ATOM   1155 O  "O4'" . U   D 4 12 ? 3.082   5.320   -3.188  1.00 62.64  ? 42 U   D "O4'" 1 
ATOM   1156 C  "C3'" . U   D 4 12 ? 1.509   4.648   -4.805  1.00 67.16  ? 42 U   D "C3'" 1 
ATOM   1157 O  "O3'" . U   D 4 12 ? 0.406   4.176   -4.052  1.00 71.53  ? 42 U   D "O3'" 1 
ATOM   1158 C  "C2'" . U   D 4 12 ? 1.538   6.160   -4.794  1.00 65.39  ? 42 U   D "C2'" 1 
ATOM   1159 O  "O2'" . U   D 4 12 ? 0.249   6.676   -4.678  1.00 79.57  ? 42 U   D "O2'" 1 
ATOM   1160 C  "C1'" . U   D 4 12 ? 2.269   6.417   -3.474  1.00 65.22  ? 42 U   D "C1'" 1 
ATOM   1161 N  N1    . U   D 4 12 ? 3.082   7.615   -3.411  1.00 60.66  ? 42 U   D N1    1 
ATOM   1162 C  C2    . U   D 4 12 ? 2.879   8.501   -2.351  1.00 62.30  ? 42 U   D C2    1 
ATOM   1163 O  O2    . U   D 4 12 ? 2.041   8.347   -1.486  1.00 65.10  ? 42 U   D O2    1 
ATOM   1164 N  N3    . U   D 4 12 ? 3.685   9.592   -2.353  1.00 64.05  ? 42 U   D N3    1 
ATOM   1165 C  C4    . U   D 4 12 ? 4.655   9.895   -3.274  1.00 63.69  ? 42 U   D C4    1 
ATOM   1166 O  O4    . U   D 4 12 ? 5.253   10.966  -3.178  1.00 64.32  ? 42 U   D O4    1 
ATOM   1167 C  C5    . U   D 4 12 ? 4.809   8.933   -4.329  1.00 60.02  ? 42 U   D C5    1 
ATOM   1168 C  C6    . U   D 4 12 ? 4.037   7.852   -4.352  1.00 58.04  ? 42 U   D C6    1 
ATOM   1169 P  P     . A   D 4 13 ? -1.014  3.934   -4.735  1.00 76.03  ? 43 A   D P     1 
ATOM   1170 O  OP1   . A   D 4 13 ? -0.903  2.531   -5.218  1.00 77.67  ? 43 A   D OP1   1 
ATOM   1171 O  OP2   . A   D 4 13 ? -1.416  5.007   -5.717  1.00 74.14  ? 43 A   D OP2   1 
ATOM   1172 O  "O5'" . A   D 4 13 ? -2.010  3.985   -3.490  1.00 74.48  ? 43 A   D "O5'" 1 
ATOM   1173 C  "C5'" . A   D 4 13 ? -1.542  3.715   -2.178  1.00 74.91  ? 43 A   D "C5'" 1 
ATOM   1174 C  "C4'" . A   D 4 13 ? -2.286  4.567   -1.202  1.00 76.06  ? 43 A   D "C4'" 1 
ATOM   1175 O  "O4'" . A   D 4 13 ? -1.913  5.941   -1.415  1.00 72.56  ? 43 A   D "O4'" 1 
ATOM   1176 C  "C3'" . A   D 4 13 ? -3.781  4.570   -1.387  1.00 80.76  ? 43 A   D "C3'" 1 
ATOM   1177 O  "O3'" . A   D 4 13 ? -4.400  3.508   -0.724  1.00 87.62  ? 43 A   D "O3'" 1 
ATOM   1178 C  "C2'" . A   D 4 13 ? -4.186  5.898   -0.789  1.00 78.97  ? 43 A   D "C2'" 1 
ATOM   1179 O  "O2'" . A   D 4 13 ? -4.171  5.852   0.620   1.00 79.34  ? 43 A   D "O2'" 1 
ATOM   1180 C  "C1'" . A   D 4 13 ? -3.044  6.777   -1.276  1.00 75.25  ? 43 A   D "C1'" 1 
ATOM   1181 N  N9    . A   D 4 13 ? -3.299  7.334   -2.589  1.00 75.08  ? 43 A   D N9    1 
ATOM   1182 C  C8    . A   D 4 13 ? -2.659  6.999   -3.753  1.00 74.99  ? 43 A   D C8    1 
ATOM   1183 N  N7    . A   D 4 13 ? -3.009  7.722   -4.784  1.00 74.87  ? 43 A   D N7    1 
ATOM   1184 C  C5    . A   D 4 13 ? -3.963  8.585   -4.269  1.00 75.57  ? 43 A   D C5    1 
ATOM   1185 C  C6    . A   D 4 13 ? -4.715  9.607   -4.853  1.00 75.75  ? 43 A   D C6    1 
ATOM   1186 N  N6    . A   D 4 13 ? -4.607  9.980   -6.134  1.00 75.54  ? 43 A   D N6    1 
ATOM   1187 N  N1    . A   D 4 13 ? -5.595  10.253  -4.066  1.00 77.05  ? 43 A   D N1    1 
ATOM   1188 C  C2    . A   D 4 13 ? -5.694  9.890   -2.779  1.00 76.92  ? 43 A   D C2    1 
ATOM   1189 N  N3    . A   D 4 13 ? -5.033  8.949   -2.113  1.00 76.38  ? 43 A   D N3    1 
ATOM   1190 C  C4    . A   D 4 13 ? -4.172  8.330   -2.927  1.00 75.64  ? 43 A   D C4    1 
ATOM   1191 P  P     . C   D 4 14 ? -5.755  2.960   -1.328  1.00 90.31  ? 44 C   D P     1 
ATOM   1192 O  OP1   . C   D 4 14 ? -6.454  2.184   -0.281  1.00 88.23  ? 44 C   D OP1   1 
ATOM   1193 O  OP2   . C   D 4 14 ? -5.426  2.335   -2.636  1.00 88.07  ? 44 C   D OP2   1 
ATOM   1194 O  "O5'" . C   D 4 14 ? -6.568  4.286   -1.641  1.00 90.34  ? 44 C   D "O5'" 1 
ATOM   1195 C  "C5'" . C   D 4 14 ? -7.614  4.705   -0.785  1.00 92.08  ? 44 C   D "C5'" 1 
ATOM   1196 C  "C4'" . C   D 4 14 ? -8.559  5.572   -1.551  1.00 92.59  ? 44 C   D "C4'" 1 
ATOM   1197 O  "O4'" . C   D 4 14 ? -7.797  6.671   -2.087  1.00 90.16  ? 44 C   D "O4'" 1 
ATOM   1198 C  "C3'" . C   D 4 14 ? -9.143  4.910   -2.787  1.00 96.79  ? 44 C   D "C3'" 1 
ATOM   1199 O  "O3'" . C   D 4 14 ? -10.318 4.183   -2.489  1.00 101.43 ? 44 C   D "O3'" 1 
ATOM   1200 C  "C2'" . C   D 4 14 ? -9.479  6.100   -3.664  1.00 94.53  ? 44 C   D "C2'" 1 
ATOM   1201 O  "O2'" . C   D 4 14 ? -10.696 6.732   -3.347  1.00 101.55 ? 44 C   D "O2'" 1 
ATOM   1202 C  "C1'" . C   D 4 14 ? -8.314  7.024   -3.347  1.00 89.53  ? 44 C   D "C1'" 1 
ATOM   1203 N  N1    . C   D 4 14 ? -7.273  6.820   -4.316  1.00 84.76  ? 44 C   D N1    1 
ATOM   1204 C  C2    . C   D 4 14 ? -7.395  7.470   -5.527  1.00 86.08  ? 44 C   D C2    1 
ATOM   1205 O  O2    . C   D 4 14 ? -8.437  8.115   -5.749  1.00 87.65  ? 44 C   D O2    1 
ATOM   1206 N  N3    . C   D 4 14 ? -6.407  7.369   -6.431  1.00 85.25  ? 44 C   D N3    1 
ATOM   1207 C  C4    . C   D 4 14 ? -5.337  6.624   -6.154  1.00 83.05  ? 44 C   D C4    1 
ATOM   1208 N  N4    . C   D 4 14 ? -4.354  6.591   -7.048  1.00 82.64  ? 44 C   D N4    1 
ATOM   1209 C  C5    . C   D 4 14 ? -5.221  5.890   -4.931  1.00 82.42  ? 44 C   D C5    1 
ATOM   1210 C  C6    . C   D 4 14 ? -6.197  6.030   -4.044  1.00 81.20  ? 44 C   D C6    1 
ATOM   1211 P  P     . C   D 4 15 ? -11.031 3.349   -3.652  1.00 104.41 ? 45 C   D P     1 
ATOM   1212 O  OP1   . C   D 4 15 ? -12.356 2.919   -3.156  1.00 105.60 ? 45 C   D OP1   1 
ATOM   1213 O  OP2   . C   D 4 15 ? -10.060 2.346   -4.103  1.00 104.01 ? 45 C   D OP2   1 
ATOM   1214 O  "O5'" . C   D 4 15 ? -11.237 4.392   -4.833  1.00 101.34 ? 45 C   D "O5'" 1 
ATOM   1215 C  "C5'" . C   D 4 15 ? -12.431 5.139   -4.907  1.00 104.69 ? 45 C   D "C5'" 1 
ATOM   1216 C  "C4'" . C   D 4 15 ? -12.730 5.510   -6.331  1.00 107.93 ? 45 C   D "C4'" 1 
ATOM   1217 O  "O4'" . C   D 4 15 ? -11.709 6.420   -6.808  1.00 108.39 ? 45 C   D "O4'" 1 
ATOM   1218 C  "C3'" . C   D 4 15 ? -12.717 4.366   -7.335  1.00 110.35 ? 45 C   D "C3'" 1 
ATOM   1219 O  "O3'" . C   D 4 15 ? -13.949 3.649   -7.370  1.00 114.64 ? 45 C   D "O3'" 1 
ATOM   1220 C  "C2'" . C   D 4 15 ? -12.439 5.095   -8.642  1.00 109.79 ? 45 C   D "C2'" 1 
ATOM   1221 O  "O2'" . C   D 4 15 ? -13.559 5.680   -9.263  1.00 106.44 ? 45 C   D "O2'" 1 
ATOM   1222 C  "C1'" . C   D 4 15 ? -11.473 6.179   -8.179  1.00 110.61 ? 45 C   D "C1'" 1 
ATOM   1223 N  N1    . C   D 4 15 ? -10.135 5.670   -8.321  1.00 113.39 ? 45 C   D N1    1 
ATOM   1224 C  C2    . C   D 4 15 ? -9.497  5.835   -9.548  1.00 114.94 ? 45 C   D C2    1 
ATOM   1225 O  O2    . C   D 4 15 ? -10.083 6.479   -10.434 1.00 116.24 ? 45 C   D O2    1 
ATOM   1226 N  N3    . C   D 4 15 ? -8.281  5.307   -9.742  1.00 116.53 ? 45 C   D N3    1 
ATOM   1227 C  C4    . C   D 4 15 ? -7.691  4.631   -8.754  1.00 117.37 ? 45 C   D C4    1 
ATOM   1228 N  N4    . C   D 4 15 ? -6.492  4.092   -8.994  1.00 119.13 ? 45 C   D N4    1 
ATOM   1229 C  C5    . C   D 4 15 ? -8.308  4.472   -7.468  1.00 116.56 ? 45 C   D C5    1 
ATOM   1230 C  C6    . C   D 4 15 ? -9.514  5.005   -7.300  1.00 114.04 ? 45 C   D C6    1 
ATOM   1231 P  P     . U   D 4 16 ? -14.040 2.263   -8.185  1.00 117.44 ? 46 U   D P     1 
ATOM   1232 O  OP1   . U   D 4 16 ? -15.459 1.869   -8.289  1.00 118.16 ? 46 U   D OP1   1 
ATOM   1233 O  OP2   . U   D 4 16 ? -13.064 1.323   -7.585  1.00 116.59 ? 46 U   D OP2   1 
ATOM   1234 O  "O5'" . U   D 4 16 ? -13.559 2.630   -9.660  1.00 114.21 ? 46 U   D "O5'" 1 
ATOM   1235 C  "C5'" . U   D 4 16 ? -14.467 3.215   -10.587 1.00 114.54 ? 46 U   D "C5'" 1 
ATOM   1236 C  "C4'" . U   D 4 16 ? -13.989 3.025   -12.011 1.00 118.60 ? 46 U   D "C4'" 1 
ATOM   1237 O  "O4'" . U   D 4 16 ? -12.767 3.795   -12.219 1.00 122.61 ? 46 U   D "O4'" 1 
ATOM   1238 C  "C3'" . U   D 4 16 ? -13.618 1.609   -12.441 1.00 119.49 ? 46 U   D "C3'" 1 
ATOM   1239 O  "O3'" . U   D 4 16 ? -14.720 0.775   -12.796 1.00 117.52 ? 46 U   D "O3'" 1 
ATOM   1240 C  "C2'" . U   D 4 16 ? -12.682 1.874   -13.616 1.00 121.56 ? 46 U   D "C2'" 1 
ATOM   1241 O  "O2'" . U   D 4 16 ? -13.366 2.180   -14.817 1.00 119.57 ? 46 U   D "O2'" 1 
ATOM   1242 C  "C1'" . U   D 4 16 ? -11.905 3.099   -13.115 1.00 124.76 ? 46 U   D "C1'" 1 
ATOM   1243 N  N1    . U   D 4 16 ? -10.694 2.676   -12.388 1.00 127.17 ? 46 U   D N1    1 
ATOM   1244 C  C2    . U   D 4 16 ? -9.502  2.534   -13.109 1.00 128.12 ? 46 U   D C2    1 
ATOM   1245 O  O2    . U   D 4 16 ? -9.390  2.827   -14.299 1.00 128.96 ? 46 U   D O2    1 
ATOM   1246 N  N3    . U   D 4 16 ? -8.446  2.035   -12.380 1.00 127.91 ? 46 U   D N3    1 
ATOM   1247 C  C4    . U   D 4 16 ? -8.447  1.690   -11.040 1.00 127.92 ? 46 U   D C4    1 
ATOM   1248 O  O4    . U   D 4 16 ? -7.464  1.117   -10.566 1.00 129.15 ? 46 U   D O4    1 
ATOM   1249 C  C5    . U   D 4 16 ? -9.690  1.919   -10.362 1.00 127.13 ? 46 U   D C5    1 
ATOM   1250 C  C6    . U   D 4 16 ? -10.740 2.395   -11.039 1.00 127.39 ? 46 U   D C6    1 
ATOM   1251 P  P     . G   D 4 17 ? -14.512 -0.824  -12.858 1.00 115.52 ? 47 G   D P     1 
ATOM   1252 O  OP1   . G   D 4 17 ? -15.830 -1.434  -13.130 1.00 117.95 ? 47 G   D OP1   1 
ATOM   1253 O  OP2   . G   D 4 17 ? -13.767 -1.224  -11.639 1.00 116.37 ? 47 G   D OP2   1 
ATOM   1254 O  "O5'" . G   D 4 17 ? -13.558 -1.062  -14.126 1.00 113.95 ? 47 G   D "O5'" 1 
ATOM   1255 C  "C5'" . G   D 4 17 ? -14.019 -0.780  -15.458 1.00 115.58 ? 47 G   D "C5'" 1 
ATOM   1256 C  "C4'" . G   D 4 17 ? -12.986 -1.164  -16.518 1.00 116.22 ? 47 G   D "C4'" 1 
ATOM   1257 O  "O4'" . G   D 4 17 ? -11.887 -0.210  -16.527 1.00 117.28 ? 47 G   D "O4'" 1 
ATOM   1258 C  "C3'" . G   D 4 17 ? -12.318 -2.527  -16.438 1.00 117.11 ? 47 G   D "C3'" 1 
ATOM   1259 O  "O3'" . G   D 4 17 ? -13.121 -3.596  -16.913 1.00 117.16 ? 47 G   D "O3'" 1 
ATOM   1260 C  "C2'" . G   D 4 17 ? -11.030 -2.301  -17.226 1.00 117.57 ? 47 G   D "C2'" 1 
ATOM   1261 O  "O2'" . G   D 4 17 ? -11.179 -2.338  -18.632 1.00 120.56 ? 47 G   D "O2'" 1 
ATOM   1262 C  "C1'" . G   D 4 17 ? -10.661 -0.891  -16.767 1.00 117.06 ? 47 G   D "C1'" 1 
ATOM   1263 N  N9    . G   D 4 17 ? -9.972  -0.996  -15.483 1.00 117.06 ? 47 G   D N9    1 
ATOM   1264 C  C8    . G   D 4 17 ? -10.528 -0.801  -14.238 1.00 116.78 ? 47 G   D C8    1 
ATOM   1265 N  N7    . G   D 4 17 ? -9.693  -1.020  -13.258 1.00 115.15 ? 47 G   D N7    1 
ATOM   1266 C  C5    . G   D 4 17 ? -8.507  -1.368  -13.891 1.00 115.75 ? 47 G   D C5    1 
ATOM   1267 C  C6    . G   D 4 17 ? -7.251  -1.728  -13.342 1.00 115.56 ? 47 G   D C6    1 
ATOM   1268 O  O6    . G   D 4 17 ? -6.932  -1.819  -12.150 1.00 114.40 ? 47 G   D O6    1 
ATOM   1269 N  N1    . G   D 4 17 ? -6.318  -2.015  -14.337 1.00 117.03 ? 47 G   D N1    1 
ATOM   1270 C  C2    . G   D 4 17 ? -6.561  -1.968  -15.693 1.00 117.46 ? 47 G   D C2    1 
ATOM   1271 N  N2    . G   D 4 17 ? -5.522  -2.291  -16.496 1.00 117.45 ? 47 G   D N2    1 
ATOM   1272 N  N3    . G   D 4 17 ? -7.734  -1.632  -16.222 1.00 117.49 ? 47 G   D N3    1 
ATOM   1273 C  C4    . G   D 4 17 ? -8.654  -1.350  -15.267 1.00 116.73 ? 47 G   D C4    1 
ATOM   1274 P  P     . C   D 4 18 ? -13.168 -4.972  -16.077 1.00 117.69 ? 48 C   D P     1 
ATOM   1275 O  OP1   . C   D 4 18 ? -14.298 -5.793  -16.559 1.00 119.05 ? 48 C   D OP1   1 
ATOM   1276 O  OP2   . C   D 4 18 ? -13.096 -4.609  -14.634 1.00 118.48 ? 48 C   D OP2   1 
ATOM   1277 O  "O5'" . C   D 4 18 ? -11.820 -5.708  -16.505 1.00 116.58 ? 48 C   D "O5'" 1 
ATOM   1278 C  "C5'" . C   D 4 18 ? -11.458 -5.804  -17.884 1.00 116.08 ? 48 C   D "C5'" 1 
ATOM   1279 C  "C4'" . C   D 4 18 ? -9.976  -6.051  -18.036 1.00 114.61 ? 48 C   D "C4'" 1 
ATOM   1280 O  "O4'" . C   D 4 18 ? -9.243  -4.913  -17.511 1.00 113.89 ? 48 C   D "O4'" 1 
ATOM   1281 C  "C3'" . C   D 4 18 ? -9.410  -7.245  -17.286 1.00 112.89 ? 48 C   D "C3'" 1 
ATOM   1282 O  "O3'" . C   D 4 18 ? -9.587  -8.471  -17.984 1.00 108.63 ? 48 C   D "O3'" 1 
ATOM   1283 C  "C2'" . C   D 4 18 ? -7.942  -6.861  -17.147 1.00 114.23 ? 48 C   D "C2'" 1 
ATOM   1284 O  "O2'" . C   D 4 18 ? -7.196  -7.061  -18.332 1.00 113.49 ? 48 C   D "O2'" 1 
ATOM   1285 C  "C1'" . C   D 4 18 ? -8.054  -5.363  -16.872 1.00 114.40 ? 48 C   D "C1'" 1 
ATOM   1286 N  N1    . C   D 4 18 ? -8.166  -5.075  -15.424 1.00 114.32 ? 48 C   D N1    1 
ATOM   1287 C  C2    . C   D 4 18 ? -7.005  -5.115  -14.617 1.00 114.08 ? 48 C   D C2    1 
ATOM   1288 O  O2    . C   D 4 18 ? -5.914  -5.445  -15.128 1.00 113.48 ? 48 C   D O2    1 
ATOM   1289 N  N3    . C   D 4 18 ? -7.112  -4.800  -13.297 1.00 113.77 ? 48 C   D N3    1 
ATOM   1290 C  C4    . C   D 4 18 ? -8.305  -4.471  -12.780 1.00 113.48 ? 48 C   D C4    1 
ATOM   1291 N  N4    . C   D 4 18 ? -8.360  -4.132  -11.484 1.00 114.13 ? 48 C   D N4    1 
ATOM   1292 C  C5    . C   D 4 18 ? -9.493  -4.460  -13.567 1.00 114.06 ? 48 C   D C5    1 
ATOM   1293 C  C6    . C   D 4 18 ? -9.378  -4.763  -14.871 1.00 114.35 ? 48 C   D C6    1 
ATOM   1294 P  P     . C   D 4 19 ? -9.746  -9.836  -17.151 1.00 107.56 ? 49 C   D P     1 
ATOM   1295 O  OP1   . C   D 4 19 ? -9.949  -10.946 -18.118 1.00 107.26 ? 49 C   D OP1   1 
ATOM   1296 O  OP2   . C   D 4 19 ? -10.749 -9.596  -16.080 1.00 107.41 ? 49 C   D OP2   1 
ATOM   1297 O  "O5'" . C   D 4 19 ? -8.324  -10.023 -16.456 1.00 109.80 ? 49 C   D "O5'" 1 
ATOM   1298 C  "C5'" . C   D 4 19 ? -7.171  -10.302 -17.241 1.00 109.48 ? 49 C   D "C5'" 1 
ATOM   1299 C  "C4'" . C   D 4 19 ? -6.000  -10.642 -16.357 1.00 108.14 ? 49 C   D "C4'" 1 
ATOM   1300 O  "O4'" . C   D 4 19 ? -5.507  -9.437  -15.722 1.00 106.73 ? 49 C   D "O4'" 1 
ATOM   1301 C  "C3'" . C   D 4 19 ? -6.330  -11.565 -15.197 1.00 109.20 ? 49 C   D "C3'" 1 
ATOM   1302 O  "O3'" . C   D 4 19 ? -6.519  -12.948 -15.482 1.00 110.59 ? 49 C   D "O3'" 1 
ATOM   1303 C  "C2'" . C   D 4 19 ? -5.212  -11.256 -14.219 1.00 110.29 ? 49 C   D "C2'" 1 
ATOM   1304 O  "O2'" . C   D 4 19 ? -4.006  -11.929 -14.519 1.00 112.30 ? 49 C   D "O2'" 1 
ATOM   1305 C  "C1'" . C   D 4 19 ? -5.063  -9.747  -14.412 1.00 108.79 ? 49 C   D "C1'" 1 
ATOM   1306 N  N1    . C   D 4 19 ? -5.921  -9.049  -13.463 1.00 107.06 ? 49 C   D N1    1 
ATOM   1307 C  C2    . C   D 4 19 ? -5.571  -9.044  -12.105 1.00 106.91 ? 49 C   D C2    1 
ATOM   1308 O  O2    . C   D 4 19 ? -4.528  -9.603  -11.754 1.00 106.79 ? 49 C   D O2    1 
ATOM   1309 N  N3    . C   D 4 19 ? -6.371  -8.437  -11.219 1.00 107.07 ? 49 C   D N3    1 
ATOM   1310 C  C4    . C   D 4 19 ? -7.488  -7.843  -11.635 1.00 108.66 ? 49 C   D C4    1 
ATOM   1311 N  N4    . C   D 4 19 ? -8.258  -7.260  -10.719 1.00 109.71 ? 49 C   D N4    1 
ATOM   1312 C  C5    . C   D 4 19 ? -7.867  -7.820  -13.013 1.00 108.57 ? 49 C   D C5    1 
ATOM   1313 C  C6    . C   D 4 19 ? -7.060  -8.427  -13.882 1.00 107.00 ? 49 C   D C6    1 
HETATM 1314 P  P     . PDI E 5 .  ? -0.820  1.729   1.791   1.00 70.14  ? 14 PDI B P     1 
HETATM 1315 O  O1P   . PDI E 5 .  ? -0.371  2.044   3.171   1.00 74.94  ? 14 PDI B O1P   1 
HETATM 1316 O  O2P   . PDI E 5 .  ? -2.259  1.437   1.517   1.00 72.91  ? 14 PDI B O2P   1 
HETATM 1317 O  OA    . PDI E 5 .  ? 0.101   0.521   1.320   1.00 73.28  ? 14 PDI B OA    1 
HETATM 1318 C  CA    . PDI E 5 .  ? 0.000   0.000   0.000   1.00 78.72  ? 14 PDI B CA    1 
HETATM 1319 C  CB    . PDI E 5 .  ? -1.286  -0.776  -0.148  1.00 82.98  ? 14 PDI B CB    1 
HETATM 1320 C  CG    . PDI E 5 .  ? -1.599  -1.341  -1.529  1.00 88.88  ? 14 PDI B CG    1 
HETATM 1321 O  OG    . PDI E 5 .  ? -1.092  -2.662  -1.660  1.00 89.53  ? 14 PDI B OG    1 
HETATM 1322 CO CO    . NCO F 6 .  ? 0.451   10.185  -15.800 1.00 131.58 ? 4  NCO C CO    1 
HETATM 1323 N  N1    . NCO F 6 .  ? 2.344   10.817  -16.170 1.00 131.39 ? 4  NCO C N1    1 
HETATM 1324 N  N2    . NCO F 6 .  ? -0.091  12.126  -15.783 1.00 131.10 ? 4  NCO C N2    1 
HETATM 1325 N  N3    . NCO F 6 .  ? 0.063   9.847   -17.719 1.00 131.74 ? 4  NCO C N3    1 
HETATM 1326 N  N4    . NCO F 6 .  ? 0.685   10.438  -13.884 1.00 131.40 ? 4  NCO C N4    1 
HETATM 1327 N  N5    . NCO F 6 .  ? -1.364  9.592   -15.360 1.00 131.13 ? 4  NCO C N5    1 
HETATM 1328 N  N6    . NCO F 6 .  ? 1.089   8.265   -15.746 1.00 131.28 ? 4  NCO C N6    1 
HETATM 1329 O  O     . HOH G 7 .  ? 10.388  5.917   4.780   1.00 52.94  ? 1  HOH B O     1 
HETATM 1330 O  O     . HOH H 7 .  ? 18.201  25.464  -3.517  1.00 82.17  ? 2  HOH C O     1 
HETATM 1331 O  O     . HOH I 7 .  ? 5.186   22.086  -20.926 1.00 91.80  ? 3  HOH D O     1 
# 
